data_4H4L
#
_entry.id   4H4L
#
_cell.length_a   129.530
_cell.length_b   129.530
_cell.length_c   76.670
_cell.angle_alpha   90.00
_cell.angle_beta   90.00
_cell.angle_gamma   120.00
#
_symmetry.space_group_name_H-M   'P 3'
#
loop_
_entity.id
_entity.type
_entity.pdbx_description
1 polymer 'Hut operon positive regulatory protein'
2 non-polymer HISTIDINE
3 non-polymer 'ZINC ION'
4 water water
#
_entity_poly.entity_id   1
_entity_poly.type   'polypeptide(L)'
_entity_poly.pdbx_seq_one_letter_code
;MTLHKERRIGRLSVLLLLNEAEESTQVEELERDGWKVCLGKVGSMDAHKVIAAIETASKKSGVIQSEGYRESHALYHATM
EALHGVTRGEMLLGSLLRTVGLRFAVLRGNPYESEAEGDWIAVSLYGTIGAPIKGLEHETFGVGINHI
;
_entity_poly.pdbx_strand_id   A,B,C,D,E,F,G,H,I,J,K,L
#
# COMPACT_ATOMS: atom_id res chain seq x y z
N THR A 2 -23.99 21.96 24.27
CA THR A 2 -24.22 20.51 24.58
C THR A 2 -25.00 19.83 23.46
N LEU A 3 -26.02 19.05 23.84
CA LEU A 3 -26.74 18.18 22.93
C LEU A 3 -28.23 18.54 22.81
N HIS A 4 -28.81 18.33 21.64
CA HIS A 4 -30.27 18.33 21.52
C HIS A 4 -30.73 17.01 22.06
N LYS A 5 -31.64 17.08 23.03
CA LYS A 5 -32.02 15.95 23.89
C LYS A 5 -32.73 14.79 23.20
N GLU A 6 -33.51 15.08 22.16
CA GLU A 6 -34.24 14.03 21.42
C GLU A 6 -33.70 13.76 20.01
N ARG A 7 -32.40 14.03 19.84
CA ARG A 7 -31.62 13.43 18.77
C ARG A 7 -30.21 13.06 19.28
N ARG A 8 -30.19 12.38 20.42
CA ARG A 8 -28.95 11.92 21.04
C ARG A 8 -28.47 10.67 20.29
N ILE A 9 -27.40 10.84 19.54
CA ILE A 9 -26.96 9.85 18.55
C ILE A 9 -26.74 8.41 19.05
N GLY A 10 -26.12 8.27 20.22
CA GLY A 10 -25.98 6.98 20.86
C GLY A 10 -27.32 6.31 21.06
N ARG A 11 -28.21 6.95 21.84
CA ARG A 11 -29.42 6.27 22.26
C ARG A 11 -30.23 5.84 21.05
N LEU A 12 -30.26 6.70 20.04
CA LEU A 12 -30.98 6.46 18.80
C LEU A 12 -30.53 5.19 18.10
N SER A 13 -29.25 5.16 17.71
CA SER A 13 -28.58 3.99 17.13
C SER A 13 -28.80 2.74 17.99
N VAL A 14 -28.76 2.93 19.30
CA VAL A 14 -28.95 1.82 20.25
C VAL A 14 -30.41 1.32 20.31
N LEU A 15 -31.36 2.23 20.53
CA LEU A 15 -32.78 1.90 20.43
C LEU A 15 -33.02 1.27 19.07
N LEU A 16 -32.34 1.80 18.05
CA LEU A 16 -32.51 1.31 16.71
C LEU A 16 -32.07 -0.13 16.60
N LEU A 17 -30.89 -0.40 17.15
CA LEU A 17 -30.25 -1.69 17.10
C LEU A 17 -30.98 -2.73 17.93
N LEU A 18 -31.45 -2.35 19.12
CA LEU A 18 -32.09 -3.34 19.97
C LEU A 18 -33.52 -3.67 19.57
N ASN A 19 -34.00 -3.05 18.48
CA ASN A 19 -35.40 -3.18 18.02
C ASN A 19 -35.64 -3.95 16.70
N GLU A 20 -35.14 -5.19 16.64
CA GLU A 20 -35.53 -6.20 15.63
C GLU A 20 -35.32 -5.77 14.18
N THR A 25 -38.08 0.14 8.30
CA THR A 25 -39.18 1.07 8.63
C THR A 25 -38.69 2.25 9.46
N GLN A 26 -38.46 1.99 10.75
CA GLN A 26 -37.91 2.96 11.71
C GLN A 26 -36.59 3.60 11.27
N VAL A 27 -35.87 2.92 10.39
CA VAL A 27 -34.73 3.45 9.65
C VAL A 27 -35.17 4.73 8.93
N GLU A 28 -36.27 4.59 8.17
CA GLU A 28 -36.87 5.67 7.39
C GLU A 28 -37.20 6.90 8.25
N GLU A 29 -37.85 6.68 9.39
CA GLU A 29 -38.05 7.70 10.42
C GLU A 29 -36.76 8.52 10.71
N LEU A 30 -35.65 7.80 10.93
CA LEU A 30 -34.36 8.40 11.26
C LEU A 30 -33.77 9.14 10.06
N GLU A 31 -33.88 8.46 8.93
CA GLU A 31 -33.50 8.98 7.63
C GLU A 31 -34.27 10.25 7.28
N ARG A 32 -35.55 10.34 7.66
CA ARG A 32 -36.36 11.53 7.31
C ARG A 32 -35.93 12.81 8.05
N ASP A 33 -35.36 12.66 9.25
CA ASP A 33 -34.59 13.74 9.89
C ASP A 33 -33.21 13.75 9.22
N GLY A 34 -32.23 14.39 9.82
CA GLY A 34 -30.92 14.50 9.18
C GLY A 34 -29.98 13.29 9.20
N TRP A 35 -30.47 12.09 9.56
CA TRP A 35 -29.57 10.94 9.76
C TRP A 35 -29.25 10.10 8.55
N LYS A 36 -27.96 9.98 8.26
CA LYS A 36 -27.47 8.86 7.47
C LYS A 36 -27.39 7.64 8.40
N VAL A 37 -27.95 6.51 8.00
CA VAL A 37 -28.10 5.40 8.92
C VAL A 37 -28.04 4.06 8.25
N CYS A 38 -27.44 3.11 8.94
CA CYS A 38 -26.98 1.89 8.35
C CYS A 38 -27.00 0.75 9.37
N LEU A 39 -27.45 -0.42 8.94
CA LEU A 39 -27.58 -1.58 9.84
C LEU A 39 -26.94 -2.79 9.20
N GLY A 40 -26.72 -3.83 9.99
CA GLY A 40 -26.12 -5.05 9.48
C GLY A 40 -25.77 -6.09 10.52
N LYS A 41 -25.23 -7.22 10.07
CA LYS A 41 -24.92 -8.37 10.90
C LYS A 41 -23.61 -9.08 10.52
N VAL A 42 -22.84 -9.41 11.53
CA VAL A 42 -21.56 -10.09 11.36
C VAL A 42 -21.34 -10.99 12.57
N GLY A 43 -20.98 -12.23 12.31
CA GLY A 43 -20.50 -13.14 13.36
C GLY A 43 -19.06 -13.57 13.03
N SER A 44 -18.14 -13.35 13.97
CA SER A 44 -16.74 -13.75 13.72
C SER A 44 -15.92 -14.21 14.95
N MET A 45 -14.90 -15.02 14.72
CA MET A 45 -13.85 -15.22 15.71
C MET A 45 -12.62 -14.32 15.40
N ASP A 46 -12.81 -13.39 14.48
CA ASP A 46 -11.81 -12.37 14.14
C ASP A 46 -12.39 -10.97 14.26
N ALA A 47 -11.80 -10.16 15.11
CA ALA A 47 -12.15 -8.76 15.17
C ALA A 47 -12.08 -8.02 13.80
N HIS A 48 -11.13 -8.40 12.96
CA HIS A 48 -10.91 -7.73 11.69
C HIS A 48 -12.06 -7.89 10.75
N LYS A 49 -12.71 -9.06 10.79
CA LYS A 49 -13.93 -9.27 10.01
C LYS A 49 -15.02 -8.35 10.49
N VAL A 50 -15.08 -8.11 11.80
CA VAL A 50 -16.12 -7.22 12.34
C VAL A 50 -15.90 -5.77 11.85
N ILE A 51 -14.66 -5.32 11.91
CA ILE A 51 -14.30 -3.99 11.43
C ILE A 51 -14.61 -3.85 9.92
N ALA A 52 -14.29 -4.89 9.16
CA ALA A 52 -14.36 -4.93 7.68
C ALA A 52 -15.80 -4.89 7.17
N ALA A 53 -16.62 -5.83 7.64
CA ALA A 53 -18.08 -5.81 7.43
C ALA A 53 -18.64 -4.40 7.63
N ILE A 54 -18.32 -3.79 8.76
CA ILE A 54 -18.86 -2.47 9.09
C ILE A 54 -18.31 -1.38 8.17
N GLU A 55 -17.05 -1.48 7.74
CA GLU A 55 -16.49 -0.47 6.85
C GLU A 55 -17.22 -0.56 5.54
N THR A 56 -17.32 -1.81 5.03
CA THR A 56 -18.01 -2.07 3.78
C THR A 56 -19.50 -1.65 3.82
N ALA A 57 -20.25 -2.04 4.86
CA ALA A 57 -21.66 -1.65 4.93
C ALA A 57 -21.88 -0.13 4.99
N SER A 58 -21.00 0.59 5.69
CA SER A 58 -21.11 2.05 5.76
C SER A 58 -20.70 2.72 4.45
N LYS A 59 -19.86 2.03 3.68
CA LYS A 59 -19.45 2.53 2.38
C LYS A 59 -20.46 2.23 1.27
N LYS A 60 -20.99 1.00 1.25
CA LYS A 60 -22.00 0.59 0.25
C LYS A 60 -23.23 1.48 0.34
N SER A 61 -23.74 1.66 1.56
CA SER A 61 -24.72 2.74 1.82
C SER A 61 -24.02 4.11 1.87
N GLY A 62 -24.78 5.14 2.18
CA GLY A 62 -24.30 6.50 1.96
C GLY A 62 -23.46 6.99 3.10
N VAL A 63 -23.39 6.15 4.14
CA VAL A 63 -22.98 6.55 5.47
C VAL A 63 -21.61 7.21 5.60
N ILE A 64 -20.61 6.69 4.89
CA ILE A 64 -19.36 7.44 4.71
C ILE A 64 -18.83 7.42 3.26
N GLN A 65 -18.20 8.53 2.87
CA GLN A 65 -17.52 8.67 1.60
C GLN A 65 -16.57 7.50 1.38
N SER A 66 -16.66 6.87 0.23
CA SER A 66 -15.77 5.75 -0.10
C SER A 66 -14.38 6.18 -0.54
N GLU A 67 -14.26 7.44 -0.95
CA GLU A 67 -12.98 7.99 -1.43
C GLU A 67 -12.21 8.68 -0.32
N GLY A 68 -10.91 8.42 -0.24
CA GLY A 68 -10.03 9.11 0.74
C GLY A 68 -9.93 8.46 2.11
N TYR A 69 -9.24 9.12 3.02
CA TYR A 69 -8.92 8.56 4.32
C TYR A 69 -9.78 9.14 5.45
N ARG A 70 -9.87 10.45 5.49
CA ARG A 70 -10.56 11.17 6.54
C ARG A 70 -11.76 10.44 7.14
N GLU A 71 -12.73 10.03 6.33
CA GLU A 71 -13.96 9.47 6.88
C GLU A 71 -13.75 8.05 7.38
N SER A 72 -12.78 7.37 6.77
CA SER A 72 -12.44 6.02 7.19
C SER A 72 -11.76 6.01 8.53
N HIS A 73 -10.85 6.94 8.73
CA HIS A 73 -10.16 7.08 10.00
C HIS A 73 -11.11 7.31 11.17
N ALA A 74 -12.19 8.05 10.95
CA ALA A 74 -13.17 8.27 11.97
C ALA A 74 -13.92 6.98 12.21
N LEU A 75 -14.29 6.31 11.13
CA LEU A 75 -15.05 5.09 11.24
C LEU A 75 -14.18 3.95 11.81
N TYR A 76 -12.89 3.99 11.51
CA TYR A 76 -12.02 2.97 12.02
C TYR A 76 -12.02 3.14 13.53
N HIS A 77 -11.74 4.36 13.97
CA HIS A 77 -11.61 4.61 15.37
C HIS A 77 -12.86 4.50 16.16
N ALA A 78 -14.01 4.85 15.56
CA ALA A 78 -15.27 4.80 16.32
C ALA A 78 -15.60 3.35 16.60
N THR A 79 -15.20 2.51 15.67
CA THR A 79 -15.34 1.08 15.80
C THR A 79 -14.48 0.53 16.90
N MET A 80 -13.18 0.89 16.93
CA MET A 80 -12.26 0.43 18.00
C MET A 80 -12.94 0.69 19.30
N GLU A 81 -13.42 1.92 19.43
CA GLU A 81 -14.06 2.31 20.65
C GLU A 81 -15.27 1.44 20.99
N ALA A 82 -16.09 1.11 20.01
CA ALA A 82 -17.23 0.22 20.26
C ALA A 82 -16.80 -1.18 20.64
N LEU A 83 -15.75 -1.69 20.01
CA LEU A 83 -15.24 -3.03 20.34
C LEU A 83 -14.66 -3.10 21.78
N HIS A 84 -14.26 -1.95 22.35
CA HIS A 84 -13.82 -1.96 23.75
C HIS A 84 -14.93 -2.42 24.66
N GLY A 85 -16.17 -2.02 24.34
CA GLY A 85 -17.35 -2.46 25.06
C GLY A 85 -17.56 -3.94 24.91
N VAL A 86 -17.50 -4.41 23.67
CA VAL A 86 -17.69 -5.83 23.40
C VAL A 86 -16.65 -6.72 24.07
N THR A 87 -15.38 -6.29 24.06
CA THR A 87 -14.28 -7.21 24.39
C THR A 87 -13.74 -7.08 25.81
N ARG A 88 -13.85 -5.89 26.42
CA ARG A 88 -13.58 -5.69 27.86
C ARG A 88 -12.14 -5.99 28.34
N GLY A 89 -11.15 -5.32 27.75
CA GLY A 89 -9.77 -5.37 28.24
C GLY A 89 -8.77 -5.90 27.27
N GLU A 90 -9.10 -6.98 26.59
CA GLU A 90 -8.28 -7.47 25.50
C GLU A 90 -9.21 -7.53 24.33
N MET A 91 -8.81 -6.88 23.24
CA MET A 91 -9.64 -6.76 22.06
C MET A 91 -9.28 -7.92 21.16
N LEU A 92 -9.61 -9.12 21.64
CA LEU A 92 -9.30 -10.39 21.00
C LEU A 92 -10.49 -11.29 21.15
N LEU A 93 -10.77 -12.06 20.10
CA LEU A 93 -11.80 -13.08 20.14
C LEU A 93 -11.16 -14.45 20.06
N GLY A 94 -11.01 -14.98 18.85
CA GLY A 94 -10.46 -16.30 18.60
C GLY A 94 -9.13 -16.53 19.30
N SER A 95 -8.25 -15.55 19.31
CA SER A 95 -6.99 -15.81 19.98
C SER A 95 -7.14 -15.87 21.50
N LEU A 96 -8.34 -15.56 22.02
CA LEU A 96 -8.69 -15.87 23.40
C LEU A 96 -9.89 -16.82 23.52
N LEU A 97 -10.12 -17.61 22.45
CA LEU A 97 -11.09 -18.69 22.42
C LEU A 97 -12.47 -18.18 22.77
N ARG A 98 -12.80 -17.03 22.21
CA ARG A 98 -14.17 -16.57 22.22
C ARG A 98 -14.55 -16.04 20.85
N THR A 99 -15.86 -15.85 20.69
CA THR A 99 -16.42 -15.46 19.42
C THR A 99 -17.66 -14.62 19.61
N VAL A 100 -17.98 -13.82 18.58
CA VAL A 100 -19.12 -12.91 18.60
C VAL A 100 -20.13 -13.19 17.47
N GLY A 101 -21.40 -13.00 17.80
CA GLY A 101 -22.43 -12.87 16.79
C GLY A 101 -22.98 -11.47 17.05
N LEU A 102 -22.60 -10.51 16.20
CA LEU A 102 -23.06 -9.16 16.44
C LEU A 102 -24.17 -8.75 15.48
N ARG A 103 -24.81 -7.63 15.83
CA ARG A 103 -25.56 -6.83 14.88
C ARG A 103 -25.02 -5.44 15.16
N PHE A 104 -24.93 -4.59 14.13
CA PHE A 104 -24.42 -3.23 14.25
C PHE A 104 -25.33 -2.15 13.62
N ALA A 105 -25.37 -1.01 14.30
CA ALA A 105 -26.01 0.17 13.78
C ALA A 105 -24.92 1.18 13.58
N VAL A 106 -25.00 1.99 12.52
CA VAL A 106 -24.10 3.15 12.33
C VAL A 106 -24.86 4.44 12.03
N LEU A 107 -24.76 5.41 12.93
CA LEU A 107 -25.41 6.70 12.75
C LEU A 107 -24.44 7.83 12.46
N ARG A 108 -24.83 8.72 11.54
CA ARG A 108 -24.07 9.94 11.25
C ARG A 108 -24.95 11.21 11.10
N GLY A 109 -24.50 12.28 11.74
CA GLY A 109 -25.23 13.53 11.76
C GLY A 109 -24.77 14.35 12.95
N ASN A 110 -25.28 15.56 13.07
CA ASN A 110 -24.91 16.44 14.16
C ASN A 110 -25.95 16.44 15.28
N PRO A 111 -25.55 16.01 16.51
CA PRO A 111 -26.45 16.00 17.67
C PRO A 111 -26.21 17.11 18.73
N TYR A 112 -25.37 18.11 18.40
CA TYR A 112 -25.06 19.24 19.28
C TYR A 112 -25.87 20.48 18.95
N GLU A 113 -25.75 21.52 19.81
CA GLU A 113 -26.46 22.80 19.68
C GLU A 113 -26.33 23.48 18.33
N SER A 114 -25.12 23.92 17.97
CA SER A 114 -24.89 24.60 16.69
C SER A 114 -24.39 23.63 15.62
N GLU A 115 -24.50 24.04 14.36
CA GLU A 115 -24.11 23.22 13.21
C GLU A 115 -22.68 23.53 12.79
N ALA A 116 -22.01 24.33 13.62
CA ALA A 116 -20.56 24.49 13.50
C ALA A 116 -19.86 23.20 13.96
N GLU A 117 -20.59 22.39 14.74
CA GLU A 117 -20.06 21.14 15.28
C GLU A 117 -19.89 20.04 14.22
N GLY A 118 -20.58 20.17 13.11
CA GLY A 118 -20.51 19.19 12.03
C GLY A 118 -21.09 17.81 12.34
N ASP A 119 -20.77 16.87 11.45
CA ASP A 119 -21.15 15.48 11.58
C ASP A 119 -20.29 14.77 12.65
N TRP A 120 -20.94 13.86 13.39
CA TRP A 120 -20.30 12.92 14.32
C TRP A 120 -20.78 11.56 13.95
N ILE A 121 -20.09 10.51 14.38
CA ILE A 121 -20.52 9.15 14.01
C ILE A 121 -20.65 8.23 15.23
N ALA A 122 -21.47 7.20 15.14
CA ALA A 122 -21.67 6.35 16.28
C ALA A 122 -21.76 4.96 15.76
N VAL A 123 -20.91 4.08 16.29
CA VAL A 123 -20.90 2.69 15.89
C VAL A 123 -21.39 1.91 17.11
N SER A 124 -22.54 1.26 16.99
CA SER A 124 -23.13 0.62 18.17
C SER A 124 -23.19 -0.86 17.91
N LEU A 125 -22.71 -1.67 18.84
CA LEU A 125 -22.62 -3.10 18.62
C LEU A 125 -23.53 -3.83 19.59
N TYR A 126 -24.28 -4.83 19.13
CA TYR A 126 -25.02 -5.73 20.05
C TYR A 126 -25.08 -7.18 19.60
N GLY A 127 -25.02 -8.10 20.56
CA GLY A 127 -25.10 -9.50 20.25
C GLY A 127 -24.51 -10.35 21.34
N THR A 128 -24.03 -11.52 21.00
CA THR A 128 -23.41 -12.33 22.01
C THR A 128 -21.91 -12.53 21.80
N ILE A 129 -21.28 -13.03 22.86
CA ILE A 129 -19.91 -13.40 22.95
C ILE A 129 -19.93 -14.70 23.77
N GLY A 130 -19.05 -15.63 23.43
CA GLY A 130 -19.07 -16.95 24.06
C GLY A 130 -18.05 -17.86 23.42
N ALA A 131 -18.04 -19.12 23.87
CA ALA A 131 -17.05 -20.09 23.47
C ALA A 131 -17.27 -20.49 22.03
N PRO A 132 -16.21 -20.97 21.34
CA PRO A 132 -16.27 -21.30 19.91
C PRO A 132 -17.41 -22.26 19.57
N ILE A 133 -17.81 -23.08 20.54
CA ILE A 133 -19.07 -23.80 20.46
C ILE A 133 -20.23 -22.85 20.79
N LYS A 134 -20.94 -22.35 19.79
CA LYS A 134 -21.98 -21.33 20.03
C LYS A 134 -23.18 -21.92 20.77
N GLY A 135 -23.85 -21.11 21.59
CA GLY A 135 -24.87 -21.59 22.54
C GLY A 135 -24.46 -21.33 23.98
N LEU A 136 -23.21 -21.66 24.29
CA LEU A 136 -22.56 -21.27 25.56
C LEU A 136 -22.06 -19.84 25.49
N GLU A 137 -22.98 -18.91 25.80
CA GLU A 137 -22.75 -17.50 25.52
C GLU A 137 -23.45 -16.58 26.50
N HIS A 138 -23.09 -15.31 26.43
CA HIS A 138 -23.81 -14.26 27.11
C HIS A 138 -23.76 -13.05 26.23
N GLU A 139 -24.43 -11.98 26.63
CA GLU A 139 -24.65 -10.88 25.70
C GLU A 139 -23.44 -9.99 25.63
N THR A 140 -23.49 -9.05 24.68
CA THR A 140 -22.44 -8.04 24.55
C THR A 140 -22.81 -6.75 23.85
N PHE A 141 -22.05 -5.72 24.19
CA PHE A 141 -22.47 -4.41 23.85
C PHE A 141 -21.32 -3.42 23.84
N GLY A 142 -21.32 -2.53 22.87
CA GLY A 142 -20.27 -1.52 22.75
C GLY A 142 -20.71 -0.33 21.92
N VAL A 143 -20.34 0.87 22.35
CA VAL A 143 -20.68 2.09 21.61
C VAL A 143 -19.51 3.05 21.40
N GLY A 144 -19.16 3.29 20.15
CA GLY A 144 -18.03 4.17 19.84
C GLY A 144 -18.56 5.43 19.23
N ILE A 145 -18.11 6.57 19.75
CA ILE A 145 -18.54 7.87 19.25
C ILE A 145 -17.35 8.73 18.83
N ASN A 146 -17.29 9.07 17.54
CA ASN A 146 -16.25 9.96 17.06
C ASN A 146 -16.82 11.08 16.16
N HIS A 147 -16.04 12.14 16.01
CA HIS A 147 -16.35 13.18 15.05
C HIS A 147 -16.00 12.74 13.64
N ILE A 148 -16.70 13.26 12.61
CA ILE A 148 -16.40 12.77 11.26
C ILE A 148 -16.12 13.85 10.21
N THR B 2 23.30 11.64 35.83
CA THR B 2 22.08 11.71 34.97
C THR B 2 22.35 11.49 33.49
N LEU B 3 21.34 11.79 32.70
CA LEU B 3 21.42 11.73 31.25
C LEU B 3 22.27 12.92 30.78
N HIS B 4 23.46 12.65 30.21
CA HIS B 4 24.33 13.70 29.69
C HIS B 4 23.83 14.20 28.34
N LYS B 5 23.63 15.52 28.24
CA LYS B 5 22.88 16.15 27.11
C LYS B 5 23.35 15.87 25.68
N GLU B 6 24.65 15.57 25.52
CA GLU B 6 25.23 15.22 24.22
C GLU B 6 24.90 13.79 23.80
N ARG B 7 24.67 12.94 24.80
CA ARG B 7 24.42 11.53 24.56
C ARG B 7 22.98 11.05 24.91
N ARG B 8 21.96 11.81 24.53
CA ARG B 8 20.56 11.38 24.75
C ARG B 8 20.14 10.26 23.75
N ILE B 9 20.24 9.03 24.23
CA ILE B 9 20.14 7.82 23.39
C ILE B 9 18.82 7.72 22.60
N GLY B 10 17.72 8.11 23.23
CA GLY B 10 16.46 8.13 22.52
C GLY B 10 16.58 9.06 21.32
N ARG B 11 16.95 10.30 21.64
CA ARG B 11 16.99 11.38 20.68
C ARG B 11 17.87 11.03 19.48
N LEU B 12 19.08 10.53 19.75
CA LEU B 12 20.02 10.20 18.69
C LEU B 12 19.41 9.18 17.73
N SER B 13 18.91 8.10 18.30
CA SER B 13 18.37 6.98 17.54
C SER B 13 17.21 7.41 16.66
N VAL B 14 16.38 8.33 17.17
CA VAL B 14 15.22 8.83 16.41
C VAL B 14 15.64 9.74 15.25
N LEU B 15 16.47 10.74 15.55
CA LEU B 15 17.12 11.59 14.56
C LEU B 15 17.69 10.75 13.42
N LEU B 16 18.35 9.65 13.78
CA LEU B 16 18.89 8.73 12.79
C LEU B 16 17.80 8.21 11.82
N LEU B 17 16.68 7.73 12.37
CA LEU B 17 15.63 7.12 11.58
C LEU B 17 14.94 8.09 10.62
N LEU B 18 14.79 9.32 11.11
CA LEU B 18 13.98 10.30 10.44
C LEU B 18 14.71 11.02 9.30
N ASN B 19 16.03 10.87 9.27
CA ASN B 19 16.82 11.58 8.30
C ASN B 19 17.24 10.68 7.17
N GLU B 20 16.78 11.02 5.97
CA GLU B 20 17.11 10.28 4.76
C GLU B 20 18.61 10.05 4.67
N ALA B 21 19.39 11.15 4.75
CA ALA B 21 20.86 11.20 4.54
C ALA B 21 21.62 9.94 4.92
N GLN B 26 25.72 8.28 7.34
CA GLN B 26 25.12 8.86 8.54
C GLN B 26 25.51 8.10 9.83
N VAL B 27 25.42 6.76 9.76
CA VAL B 27 25.74 5.87 10.89
C VAL B 27 27.15 6.06 11.40
N GLU B 28 28.09 6.10 10.46
CA GLU B 28 29.51 6.12 10.73
C GLU B 28 29.92 7.11 11.85
N GLU B 29 29.30 8.29 11.88
CA GLU B 29 29.53 9.26 12.95
C GLU B 29 29.21 8.70 14.35
N LEU B 30 28.03 8.09 14.49
CA LEU B 30 27.60 7.51 15.77
C LEU B 30 28.48 6.36 16.27
N GLU B 31 29.02 5.55 15.36
CA GLU B 31 29.93 4.46 15.76
C GLU B 31 31.19 4.98 16.42
N ARG B 32 31.63 6.16 16.00
CA ARG B 32 32.90 6.74 16.42
C ARG B 32 32.83 7.18 17.87
N ASP B 33 31.62 7.52 18.32
CA ASP B 33 31.47 8.10 19.66
C ASP B 33 31.42 7.03 20.73
N GLY B 34 31.19 5.79 20.29
CA GLY B 34 31.02 4.63 21.20
C GLY B 34 29.61 4.09 21.15
N TRP B 35 29.09 3.94 19.94
CA TRP B 35 27.73 3.46 19.76
C TRP B 35 27.68 2.29 18.84
N LYS B 36 27.02 1.23 19.30
CA LYS B 36 26.63 0.11 18.45
C LYS B 36 25.31 0.51 17.78
N VAL B 37 25.23 0.25 16.48
CA VAL B 37 24.15 0.75 15.65
C VAL B 37 23.66 -0.24 14.60
N CYS B 38 22.39 -0.09 14.22
CA CYS B 38 21.71 -1.03 13.37
C CYS B 38 20.42 -0.41 12.82
N LEU B 39 20.13 -0.67 11.55
CA LEU B 39 18.97 -0.03 10.90
C LEU B 39 18.30 -1.11 10.14
N GLY B 40 17.03 -0.89 9.79
CA GLY B 40 16.36 -1.77 8.86
C GLY B 40 14.95 -1.34 8.52
N LYS B 41 14.32 -2.15 7.65
CA LYS B 41 12.92 -1.97 7.25
C LYS B 41 12.11 -3.25 7.49
N VAL B 42 10.84 -3.06 7.84
CA VAL B 42 9.88 -4.16 7.94
C VAL B 42 8.48 -3.64 7.59
N GLY B 43 7.79 -4.38 6.74
CA GLY B 43 6.39 -4.06 6.45
C GLY B 43 5.65 -5.34 6.67
N SER B 44 4.49 -5.25 7.31
CA SER B 44 3.83 -6.43 7.85
C SER B 44 2.46 -6.13 8.48
N MET B 45 1.63 -7.15 8.55
CA MET B 45 0.42 -7.12 9.35
C MET B 45 0.57 -7.98 10.64
N ASP B 46 1.78 -8.49 10.86
CA ASP B 46 2.05 -9.30 12.04
C ASP B 46 3.11 -8.65 12.89
N ALA B 47 2.70 -8.12 14.02
CA ALA B 47 3.60 -7.62 15.02
C ALA B 47 4.80 -8.56 15.27
N HIS B 48 4.59 -9.86 15.10
CA HIS B 48 5.66 -10.81 15.33
C HIS B 48 6.76 -10.71 14.36
N LYS B 49 6.43 -10.44 13.09
CA LYS B 49 7.42 -10.20 12.03
C LYS B 49 8.27 -8.97 12.33
N VAL B 50 7.62 -7.88 12.77
CA VAL B 50 8.29 -6.67 13.27
C VAL B 50 9.31 -6.97 14.41
N ILE B 51 8.88 -7.73 15.43
CA ILE B 51 9.80 -8.13 16.49
C ILE B 51 10.94 -8.97 15.92
N ALA B 52 10.62 -9.91 15.03
CA ALA B 52 11.61 -10.87 14.57
C ALA B 52 12.69 -10.21 13.72
N ALA B 53 12.24 -9.34 12.80
CA ALA B 53 13.13 -8.60 11.93
C ALA B 53 14.16 -7.89 12.76
N ILE B 54 13.72 -7.23 13.82
CA ILE B 54 14.59 -6.46 14.70
C ILE B 54 15.57 -7.33 15.52
N GLU B 55 15.06 -8.40 16.12
CA GLU B 55 15.93 -9.35 16.84
C GLU B 55 16.98 -9.86 15.87
N THR B 56 16.56 -10.12 14.63
CA THR B 56 17.46 -10.57 13.58
C THR B 56 18.53 -9.52 13.23
N ALA B 57 18.10 -8.31 12.90
CA ALA B 57 19.03 -7.27 12.43
C ALA B 57 20.06 -6.95 13.51
N SER B 58 19.62 -6.98 14.75
CA SER B 58 20.46 -6.59 15.88
C SER B 58 21.51 -7.64 16.23
N LYS B 59 21.28 -8.88 15.81
CA LYS B 59 22.23 -9.96 16.08
C LYS B 59 23.25 -10.16 14.95
N LYS B 60 22.79 -10.26 13.70
CA LYS B 60 23.69 -10.30 12.55
C LYS B 60 24.67 -9.12 12.57
N SER B 61 24.17 -7.92 12.81
CA SER B 61 25.03 -6.78 13.07
C SER B 61 25.12 -6.70 14.59
N GLY B 62 26.30 -6.99 15.12
CA GLY B 62 26.44 -7.41 16.52
C GLY B 62 26.13 -6.42 17.62
N VAL B 63 25.00 -5.74 17.53
CA VAL B 63 24.55 -4.83 18.59
C VAL B 63 24.29 -5.61 19.88
N ILE B 64 23.83 -6.86 19.75
CA ILE B 64 23.75 -7.77 20.88
C ILE B 64 24.33 -9.12 20.46
N GLN B 65 24.68 -9.97 21.43
CA GLN B 65 25.29 -11.28 21.19
C GLN B 65 24.38 -12.21 20.41
N SER B 66 24.98 -13.09 19.61
CA SER B 66 24.21 -14.08 18.86
C SER B 66 23.81 -15.25 19.74
N GLU B 67 24.41 -15.33 20.93
CA GLU B 67 24.14 -16.40 21.89
C GLU B 67 24.00 -15.83 23.29
N GLY B 68 23.45 -16.62 24.20
CA GLY B 68 23.10 -16.14 25.54
C GLY B 68 21.68 -15.58 25.53
N TYR B 69 21.18 -15.17 26.68
CA TYR B 69 19.80 -14.74 26.79
C TYR B 69 19.65 -13.32 27.30
N ARG B 70 20.44 -13.00 28.31
CA ARG B 70 20.47 -11.68 28.91
C ARG B 70 20.19 -10.53 27.92
N GLU B 71 20.85 -10.54 26.77
CA GLU B 71 20.83 -9.39 25.85
C GLU B 71 19.59 -9.44 24.95
N SER B 72 19.22 -10.66 24.54
CA SER B 72 17.94 -10.91 23.87
C SER B 72 16.74 -10.45 24.72
N HIS B 73 16.82 -10.66 26.02
CA HIS B 73 15.75 -10.23 26.93
C HIS B 73 15.57 -8.75 26.99
N ALA B 74 16.67 -8.01 27.05
CA ALA B 74 16.55 -6.57 27.16
C ALA B 74 16.02 -6.01 25.85
N LEU B 75 16.48 -6.57 24.75
CA LEU B 75 16.03 -6.21 23.42
C LEU B 75 14.55 -6.55 23.21
N TYR B 76 14.14 -7.74 23.65
CA TYR B 76 12.71 -8.10 23.54
C TYR B 76 11.89 -7.04 24.25
N HIS B 77 12.21 -6.78 25.50
CA HIS B 77 11.41 -5.81 26.26
C HIS B 77 11.44 -4.39 25.75
N ALA B 78 12.54 -4.05 25.08
CA ALA B 78 12.71 -2.73 24.46
C ALA B 78 11.80 -2.59 23.24
N THR B 79 11.79 -3.64 22.39
CA THR B 79 10.93 -3.72 21.23
C THR B 79 9.46 -3.65 21.65
N MET B 80 9.14 -4.42 22.68
CA MET B 80 7.79 -4.46 23.19
C MET B 80 7.37 -3.04 23.56
N GLU B 81 8.23 -2.38 24.32
CA GLU B 81 8.04 -1.00 24.71
C GLU B 81 7.75 -0.06 23.53
N ALA B 82 8.58 -0.10 22.48
CA ALA B 82 8.45 0.78 21.31
C ALA B 82 7.15 0.53 20.57
N LEU B 83 6.79 -0.76 20.46
CA LEU B 83 5.57 -1.20 19.79
C LEU B 83 4.37 -0.64 20.47
N HIS B 84 4.55 -0.20 21.70
CA HIS B 84 3.50 0.59 22.35
C HIS B 84 3.22 1.88 21.65
N GLY B 85 4.26 2.62 21.28
CA GLY B 85 4.11 3.87 20.48
C GLY B 85 3.33 3.72 19.18
N VAL B 86 3.71 2.72 18.38
CA VAL B 86 3.09 2.36 17.13
C VAL B 86 1.62 1.97 17.31
N THR B 87 1.34 1.07 18.26
CA THR B 87 0.02 0.46 18.37
C THR B 87 -1.01 1.17 19.27
N ARG B 88 -0.54 1.99 20.21
CA ARG B 88 -1.41 2.84 20.96
C ARG B 88 -2.62 2.18 21.61
N GLY B 89 -2.47 1.01 22.20
CA GLY B 89 -3.51 0.50 23.10
C GLY B 89 -3.80 -0.97 22.95
N GLU B 90 -3.61 -1.47 21.75
CA GLU B 90 -3.78 -2.88 21.49
C GLU B 90 -2.67 -3.18 20.55
N MET B 91 -1.81 -4.09 20.95
CA MET B 91 -0.63 -4.40 20.22
C MET B 91 -0.99 -5.43 19.17
N LEU B 92 -1.88 -5.03 18.27
CA LEU B 92 -2.33 -5.84 17.18
C LEU B 92 -2.30 -5.07 15.87
N LEU B 93 -1.93 -5.75 14.79
CA LEU B 93 -2.06 -5.16 13.47
C LEU B 93 -3.19 -5.75 12.61
N GLY B 94 -2.89 -6.89 12.00
CA GLY B 94 -3.77 -7.53 11.05
C GLY B 94 -5.07 -7.95 11.70
N SER B 95 -5.00 -8.46 12.93
CA SER B 95 -6.19 -8.95 13.62
C SER B 95 -7.14 -7.80 14.01
N LEU B 96 -6.64 -6.56 13.96
CA LEU B 96 -7.52 -5.37 14.00
C LEU B 96 -7.55 -4.64 12.68
N LEU B 97 -7.21 -5.34 11.60
CA LEU B 97 -7.38 -4.83 10.24
C LEU B 97 -6.56 -3.58 9.96
N ARG B 98 -5.30 -3.62 10.36
CA ARG B 98 -4.37 -2.54 10.06
C ARG B 98 -2.99 -3.11 9.83
N THR B 99 -2.12 -2.30 9.22
CA THR B 99 -0.82 -2.78 8.77
C THR B 99 0.22 -1.66 8.93
N VAL B 100 1.50 -2.04 8.97
CA VAL B 100 2.57 -1.05 9.19
C VAL B 100 3.69 -1.12 8.13
N GLY B 101 4.27 0.04 7.83
CA GLY B 101 5.45 0.14 6.97
C GLY B 101 6.44 0.91 7.79
N LEU B 102 7.49 0.23 8.21
CA LEU B 102 8.29 0.69 9.33
C LEU B 102 9.79 0.64 9.07
N ARG B 103 10.47 1.75 9.29
CA ARG B 103 11.90 1.75 9.48
C ARG B 103 12.18 1.63 10.97
N PHE B 104 13.32 1.03 11.32
CA PHE B 104 13.71 0.89 12.72
C PHE B 104 15.21 1.05 12.95
N ALA B 105 15.54 1.55 14.13
CA ALA B 105 16.90 1.60 14.60
C ALA B 105 17.03 1.09 16.04
N VAL B 106 18.14 0.38 16.25
CA VAL B 106 18.60 -0.08 17.54
C VAL B 106 19.95 0.62 17.88
N LEU B 107 20.01 1.25 19.05
CA LEU B 107 21.17 2.07 19.40
C LEU B 107 21.69 1.72 20.80
N ARG B 108 22.94 1.24 20.89
CA ARG B 108 23.53 0.75 22.15
C ARG B 108 24.76 1.54 22.63
N GLY B 109 24.71 2.00 23.89
CA GLY B 109 25.80 2.71 24.58
C GLY B 109 25.35 3.26 25.95
N ASN B 110 26.17 4.15 26.54
CA ASN B 110 25.88 4.74 27.87
C ASN B 110 25.50 6.24 27.83
N PRO B 111 24.21 6.54 28.07
CA PRO B 111 23.67 7.89 28.00
C PRO B 111 23.82 8.65 29.32
N TYR B 112 24.29 7.95 30.34
CA TYR B 112 24.38 8.50 31.67
C TYR B 112 25.78 9.09 31.90
N GLU B 113 25.89 10.17 32.69
CA GLU B 113 27.20 10.78 33.02
C GLU B 113 28.12 9.75 33.68
N SER B 114 27.63 9.12 34.75
CA SER B 114 28.35 8.07 35.46
C SER B 114 28.56 6.81 34.61
N GLU B 115 29.83 6.45 34.38
CA GLU B 115 30.17 5.33 33.50
C GLU B 115 30.10 3.99 34.23
N ALA B 116 29.43 4.01 35.38
CA ALA B 116 29.13 2.78 36.13
C ALA B 116 27.64 2.41 35.99
N GLU B 117 26.96 3.09 35.06
CA GLU B 117 25.56 2.78 34.69
C GLU B 117 25.45 1.69 33.60
N GLY B 118 26.59 1.32 33.01
CA GLY B 118 26.65 0.28 31.98
C GLY B 118 26.03 0.74 30.68
N ASP B 119 25.80 -0.22 29.76
CA ASP B 119 25.06 0.01 28.53
C ASP B 119 23.54 0.07 28.72
N TRP B 120 22.89 0.71 27.76
CA TRP B 120 21.46 0.78 27.67
C TRP B 120 21.12 0.56 26.23
N ILE B 121 19.91 0.07 25.96
CA ILE B 121 19.48 -0.11 24.58
C ILE B 121 18.25 0.73 24.29
N ALA B 122 18.22 1.33 23.11
CA ALA B 122 17.05 2.04 22.59
C ALA B 122 16.67 1.42 21.27
N VAL B 123 15.37 1.26 21.08
CA VAL B 123 14.81 0.75 19.86
C VAL B 123 13.77 1.73 19.41
N SER B 124 13.95 2.25 18.19
CA SER B 124 13.05 3.24 17.60
C SER B 124 12.39 2.74 16.31
N LEU B 125 11.13 3.10 16.13
CA LEU B 125 10.35 2.63 15.00
C LEU B 125 9.60 3.78 14.39
N TYR B 126 9.80 4.03 13.09
CA TYR B 126 9.04 5.07 12.36
C TYR B 126 8.49 4.58 11.02
N GLY B 127 7.29 5.03 10.68
CA GLY B 127 6.69 4.66 9.41
C GLY B 127 5.23 5.02 9.38
N THR B 128 4.44 4.19 8.70
CA THR B 128 3.02 4.45 8.62
C THR B 128 2.24 3.31 9.20
N ILE B 129 0.98 3.60 9.52
CA ILE B 129 0.06 2.59 9.97
C ILE B 129 -1.27 2.95 9.37
N GLY B 130 -1.99 1.96 8.86
CA GLY B 130 -3.27 2.23 8.27
C GLY B 130 -3.93 0.96 7.85
N ALA B 131 -5.00 1.16 7.06
CA ALA B 131 -5.79 0.09 6.42
C ALA B 131 -4.95 -0.63 5.37
N PRO B 132 -5.36 -1.87 5.00
CA PRO B 132 -4.59 -2.53 3.92
C PRO B 132 -4.65 -1.83 2.54
N ILE B 133 -5.72 -1.09 2.25
CA ILE B 133 -5.83 -0.36 0.98
C ILE B 133 -4.63 0.58 0.78
N LYS B 134 -4.57 1.14 -0.44
CA LYS B 134 -3.47 1.96 -0.98
C LYS B 134 -2.61 2.92 -0.13
N GLY B 135 -3.24 3.96 0.39
CA GLY B 135 -2.57 5.08 1.05
C GLY B 135 -3.54 5.64 2.06
N LEU B 136 -4.26 4.71 2.67
CA LEU B 136 -5.19 5.00 3.73
C LEU B 136 -4.45 4.79 5.06
N GLU B 137 -3.71 5.80 5.51
CA GLU B 137 -2.77 5.66 6.63
C GLU B 137 -2.33 7.01 7.20
N HIS B 138 -1.87 6.99 8.46
CA HIS B 138 -1.10 8.09 9.01
C HIS B 138 0.21 7.56 9.47
N GLU B 139 1.09 8.50 9.84
CA GLU B 139 2.41 8.22 10.40
C GLU B 139 2.31 7.50 11.75
N THR B 140 3.40 6.90 12.20
CA THR B 140 3.41 6.19 13.48
C THR B 140 4.82 6.03 14.02
N PHE B 141 4.95 5.93 15.33
CA PHE B 141 6.24 6.17 15.96
C PHE B 141 6.34 5.44 17.27
N GLY B 142 7.55 4.95 17.59
CA GLY B 142 7.71 4.24 18.84
C GLY B 142 9.14 4.15 19.30
N VAL B 143 9.41 4.49 20.56
CA VAL B 143 10.79 4.32 21.11
C VAL B 143 10.71 3.52 22.40
N GLY B 144 11.65 2.61 22.60
CA GLY B 144 11.68 1.85 23.85
C GLY B 144 13.09 1.68 24.36
N ILE B 145 13.29 2.02 25.63
CA ILE B 145 14.60 2.04 26.29
C ILE B 145 14.63 1.05 27.48
N ASN B 146 15.77 0.35 27.59
CA ASN B 146 15.95 -0.72 28.56
C ASN B 146 17.44 -0.82 28.87
N HIS B 147 17.76 -1.05 30.14
CA HIS B 147 19.12 -1.41 30.54
C HIS B 147 19.53 -2.72 29.95
N ILE B 148 20.77 -2.76 29.38
CA ILE B 148 21.25 -4.01 28.77
C ILE B 148 22.63 -4.49 29.31
N THR C 2 -14.21 -14.04 55.91
CA THR C 2 -12.75 -14.22 56.22
C THR C 2 -12.23 -15.48 55.57
N LEU C 3 -11.02 -15.40 55.03
CA LEU C 3 -10.33 -16.60 54.53
C LEU C 3 -9.95 -17.46 55.75
N HIS C 4 -10.31 -18.74 55.69
CA HIS C 4 -9.94 -19.74 56.68
C HIS C 4 -8.51 -20.07 56.40
N LYS C 5 -7.59 -19.48 57.18
CA LYS C 5 -6.13 -19.58 56.96
C LYS C 5 -5.55 -20.97 56.68
N GLU C 6 -6.26 -22.01 57.08
CA GLU C 6 -5.84 -23.40 56.83
C GLU C 6 -6.20 -23.84 55.41
N ARG C 7 -7.24 -23.24 54.85
CA ARG C 7 -7.71 -23.60 53.51
C ARG C 7 -7.74 -22.42 52.55
N ARG C 8 -6.56 -21.96 52.16
CA ARG C 8 -6.42 -20.88 51.16
C ARG C 8 -6.28 -21.48 49.74
N ILE C 9 -7.33 -21.35 48.93
CA ILE C 9 -7.43 -22.10 47.66
C ILE C 9 -6.31 -21.76 46.66
N GLY C 10 -5.93 -20.48 46.63
CA GLY C 10 -4.78 -20.00 45.86
C GLY C 10 -3.52 -20.64 46.35
N ARG C 11 -3.07 -20.28 47.54
CA ARG C 11 -1.84 -20.84 48.11
C ARG C 11 -1.69 -22.32 47.83
N LEU C 12 -2.79 -23.05 48.02
CA LEU C 12 -2.76 -24.51 47.89
C LEU C 12 -2.47 -24.89 46.44
N SER C 13 -3.29 -24.35 45.53
CA SER C 13 -3.15 -24.58 44.10
C SER C 13 -1.76 -24.26 43.57
N VAL C 14 -1.15 -23.21 44.13
CA VAL C 14 0.22 -22.83 43.74
C VAL C 14 1.28 -23.82 44.27
N LEU C 15 1.27 -24.07 45.57
CA LEU C 15 2.17 -25.07 46.17
C LEU C 15 2.12 -26.40 45.41
N LEU C 16 0.92 -26.78 44.98
CA LEU C 16 0.74 -28.01 44.20
C LEU C 16 1.60 -27.95 42.96
N LEU C 17 1.52 -26.85 42.22
CA LEU C 17 2.29 -26.68 40.98
C LEU C 17 3.79 -26.69 41.23
N LEU C 18 4.21 -26.22 42.38
CA LEU C 18 5.64 -26.13 42.62
C LEU C 18 6.27 -27.43 43.13
N ASN C 19 5.46 -28.43 43.50
CA ASN C 19 5.95 -29.69 44.10
C ASN C 19 5.95 -30.84 43.10
N GLU C 20 6.79 -31.85 43.33
CA GLU C 20 6.89 -33.01 42.41
C GLU C 20 7.38 -34.30 43.11
N GLU C 29 -4.93 -36.48 48.66
CA GLU C 29 -4.34 -35.47 49.55
C GLU C 29 -5.37 -34.34 49.78
N LEU C 30 -5.31 -33.34 48.92
CA LEU C 30 -6.28 -32.27 48.85
C LEU C 30 -7.66 -32.82 48.63
N GLU C 31 -7.77 -33.94 47.92
CA GLU C 31 -9.08 -34.53 47.62
C GLU C 31 -9.78 -35.01 48.89
N ARG C 32 -9.00 -35.47 49.85
CA ARG C 32 -9.59 -35.93 51.11
C ARG C 32 -10.16 -34.81 51.98
N ASP C 33 -9.61 -33.60 51.86
CA ASP C 33 -10.33 -32.40 52.33
C ASP C 33 -11.36 -32.05 51.26
N GLY C 34 -12.00 -30.91 51.41
CA GLY C 34 -13.06 -30.51 50.50
C GLY C 34 -12.77 -30.32 49.01
N TRP C 35 -11.51 -30.50 48.57
CA TRP C 35 -11.10 -29.99 47.27
C TRP C 35 -11.41 -30.85 46.08
N LYS C 36 -11.94 -30.24 45.02
CA LYS C 36 -11.82 -30.87 43.72
C LYS C 36 -10.54 -30.36 43.02
N VAL C 37 -9.80 -31.24 42.36
CA VAL C 37 -8.45 -30.93 41.94
C VAL C 37 -8.15 -31.43 40.54
N CYS C 38 -7.61 -30.59 39.65
CA CYS C 38 -6.91 -31.19 38.52
C CYS C 38 -5.63 -30.50 38.08
N LEU C 39 -4.81 -31.27 37.43
CA LEU C 39 -3.50 -30.86 37.04
C LEU C 39 -3.41 -31.17 35.57
N GLY C 40 -2.46 -30.56 34.89
CA GLY C 40 -2.39 -30.71 33.46
C GLY C 40 -1.15 -30.09 32.94
N LYS C 41 -0.74 -30.45 31.72
CA LYS C 41 0.35 -29.76 31.03
C LYS C 41 -0.11 -29.24 29.66
N VAL C 42 0.45 -28.12 29.24
CA VAL C 42 0.14 -27.53 27.92
C VAL C 42 1.25 -26.54 27.56
N GLY C 43 1.88 -26.76 26.41
CA GLY C 43 2.83 -25.82 25.82
C GLY C 43 2.30 -25.27 24.50
N SER C 44 2.31 -23.94 24.32
CA SER C 44 1.75 -23.34 23.12
C SER C 44 2.40 -22.02 22.65
N MET C 45 2.13 -21.67 21.40
CA MET C 45 2.33 -20.33 20.89
C MET C 45 0.95 -19.68 20.77
N ASP C 46 -0.09 -20.41 21.17
CA ASP C 46 -1.45 -19.86 21.18
C ASP C 46 -2.11 -19.89 22.55
N ALA C 47 -2.43 -18.72 23.08
CA ALA C 47 -3.24 -18.63 24.29
C ALA C 47 -4.56 -19.42 24.27
N HIS C 48 -5.25 -19.47 23.13
CA HIS C 48 -6.56 -20.11 23.06
C HIS C 48 -6.42 -21.56 23.35
N LYS C 49 -5.27 -22.11 23.04
CA LYS C 49 -5.02 -23.52 23.29
C LYS C 49 -4.81 -23.79 24.76
N VAL C 50 -4.07 -22.90 25.41
CA VAL C 50 -3.87 -22.92 26.88
C VAL C 50 -5.23 -22.89 27.59
N ILE C 51 -6.14 -22.07 27.07
CA ILE C 51 -7.48 -21.89 27.63
C ILE C 51 -8.26 -23.18 27.45
N ALA C 52 -8.29 -23.66 26.20
CA ALA C 52 -8.84 -24.97 25.81
C ALA C 52 -8.23 -26.16 26.61
N ALA C 53 -6.90 -26.28 26.69
CA ALA C 53 -6.41 -27.40 27.50
C ALA C 53 -6.97 -27.42 28.95
N ILE C 54 -7.08 -26.24 29.55
CA ILE C 54 -7.54 -26.11 30.93
C ILE C 54 -9.01 -26.47 31.03
N GLU C 55 -9.78 -26.08 30.03
CA GLU C 55 -11.18 -26.29 30.04
C GLU C 55 -11.46 -27.80 29.96
N THR C 56 -10.87 -28.41 28.93
CA THR C 56 -10.96 -29.85 28.68
C THR C 56 -10.56 -30.66 29.90
N ALA C 57 -9.40 -30.38 30.47
CA ALA C 57 -8.90 -31.19 31.56
C ALA C 57 -9.81 -31.08 32.77
N SER C 58 -10.42 -29.91 32.97
CA SER C 58 -11.28 -29.70 34.11
C SER C 58 -12.62 -30.35 33.88
N LYS C 59 -12.96 -30.57 32.63
CA LYS C 59 -14.24 -31.24 32.31
C LYS C 59 -14.14 -32.77 32.33
N LYS C 60 -13.04 -33.33 31.81
CA LYS C 60 -12.76 -34.76 31.90
C LYS C 60 -12.84 -35.26 33.35
N SER C 61 -12.10 -34.59 34.25
CA SER C 61 -12.26 -34.81 35.70
C SER C 61 -13.51 -34.06 36.16
N GLY C 62 -13.82 -34.07 37.44
CA GLY C 62 -15.13 -33.53 37.82
C GLY C 62 -15.10 -32.13 38.37
N VAL C 63 -14.09 -31.34 37.96
CA VAL C 63 -13.84 -30.02 38.55
C VAL C 63 -14.90 -29.00 38.19
N ILE C 64 -15.34 -28.98 36.93
CA ILE C 64 -16.54 -28.20 36.59
C ILE C 64 -17.44 -29.05 35.71
N GLN C 65 -18.74 -29.01 35.94
CA GLN C 65 -19.68 -29.85 35.19
C GLN C 65 -19.62 -29.58 33.68
N SER C 66 -19.60 -30.66 32.89
CA SER C 66 -19.55 -30.54 31.41
C SER C 66 -20.72 -29.80 30.75
N GLU C 67 -21.79 -29.50 31.48
CA GLU C 67 -23.03 -29.06 30.82
C GLU C 67 -23.56 -27.75 31.35
N GLY C 68 -24.12 -26.95 30.46
CA GLY C 68 -24.53 -25.60 30.80
C GLY C 68 -23.37 -24.61 30.73
N TYR C 69 -23.61 -23.38 31.16
CA TYR C 69 -22.67 -22.27 30.93
C TYR C 69 -22.07 -21.74 32.24
N ARG C 70 -22.93 -21.63 33.26
CA ARG C 70 -22.50 -21.18 34.57
C ARG C 70 -21.05 -21.61 34.96
N GLU C 71 -20.73 -22.90 34.88
CA GLU C 71 -19.50 -23.34 35.49
C GLU C 71 -18.37 -23.11 34.54
N SER C 72 -18.72 -22.98 33.26
CA SER C 72 -17.75 -22.83 32.21
C SER C 72 -17.32 -21.41 32.23
N HIS C 73 -18.30 -20.53 32.43
CA HIS C 73 -18.08 -19.07 32.44
C HIS C 73 -17.11 -18.66 33.54
N ALA C 74 -17.28 -19.29 34.70
CA ALA C 74 -16.43 -19.09 35.86
C ALA C 74 -15.00 -19.53 35.56
N LEU C 75 -14.83 -20.72 34.97
CA LEU C 75 -13.52 -21.23 34.59
C LEU C 75 -12.92 -20.36 33.48
N TYR C 76 -13.76 -19.84 32.60
CA TYR C 76 -13.23 -18.97 31.56
C TYR C 76 -12.53 -17.79 32.16
N HIS C 77 -13.28 -17.03 32.97
CA HIS C 77 -12.74 -15.79 33.50
C HIS C 77 -11.58 -15.95 34.43
N ALA C 78 -11.56 -17.04 35.19
CA ALA C 78 -10.51 -17.23 36.18
C ALA C 78 -9.24 -17.55 35.44
N THR C 79 -9.36 -18.31 34.35
CA THR C 79 -8.24 -18.62 33.48
C THR C 79 -7.67 -17.33 32.91
N MET C 80 -8.55 -16.47 32.38
CA MET C 80 -8.13 -15.17 31.86
C MET C 80 -7.32 -14.41 32.89
N GLU C 81 -7.90 -14.19 34.07
CA GLU C 81 -7.15 -13.55 35.17
C GLU C 81 -5.78 -14.16 35.41
N ALA C 82 -5.69 -15.49 35.35
CA ALA C 82 -4.39 -16.19 35.48
C ALA C 82 -3.43 -15.84 34.34
N LEU C 83 -3.96 -15.73 33.13
CA LEU C 83 -3.19 -15.38 31.94
C LEU C 83 -2.64 -13.96 32.06
N HIS C 84 -3.26 -13.16 32.93
CA HIS C 84 -2.72 -11.82 33.17
C HIS C 84 -1.37 -11.83 33.82
N GLY C 85 -1.19 -12.66 34.86
CA GLY C 85 0.11 -13.03 35.45
C GLY C 85 1.11 -13.52 34.41
N VAL C 86 0.73 -14.51 33.60
CA VAL C 86 1.61 -15.04 32.56
C VAL C 86 2.05 -14.00 31.52
N THR C 87 1.14 -13.13 31.06
CA THR C 87 1.39 -12.32 29.86
C THR C 87 1.84 -10.87 30.09
N ARG C 88 1.55 -10.32 31.28
CA ARG C 88 2.12 -9.07 31.76
C ARG C 88 1.95 -7.90 30.79
N GLY C 89 0.75 -7.77 30.22
CA GLY C 89 0.32 -6.52 29.63
C GLY C 89 -0.51 -6.74 28.42
N GLU C 90 -0.09 -7.70 27.63
CA GLU C 90 -0.75 -8.04 26.39
C GLU C 90 -0.91 -9.56 26.36
N MET C 91 -2.14 -10.00 26.17
CA MET C 91 -2.49 -11.39 26.40
C MET C 91 -2.27 -12.15 25.12
N LEU C 92 -1.04 -12.11 24.63
CA LEU C 92 -0.67 -12.63 23.32
C LEU C 92 0.64 -13.42 23.36
N LEU C 93 0.72 -14.49 22.59
CA LEU C 93 1.94 -15.30 22.66
C LEU C 93 2.76 -15.32 21.37
N GLY C 94 2.48 -16.27 20.47
CA GLY C 94 3.21 -16.38 19.21
C GLY C 94 2.96 -15.09 18.46
N SER C 95 1.78 -14.54 18.68
CA SER C 95 1.42 -13.27 18.13
C SER C 95 2.36 -12.08 18.47
N LEU C 96 3.21 -12.26 19.49
CA LEU C 96 4.30 -11.35 19.86
C LEU C 96 5.58 -12.17 19.99
N LEU C 97 5.63 -13.25 19.23
CA LEU C 97 6.85 -14.04 19.10
C LEU C 97 7.35 -14.51 20.46
N ARG C 98 6.45 -14.81 21.38
CA ARG C 98 6.87 -15.55 22.56
C ARG C 98 6.04 -16.81 22.73
N THR C 99 6.46 -17.66 23.64
CA THR C 99 5.88 -19.00 23.72
C THR C 99 5.87 -19.52 25.14
N VAL C 100 5.06 -20.53 25.42
CA VAL C 100 4.91 -21.04 26.81
C VAL C 100 4.98 -22.57 26.96
N GLY C 101 5.58 -23.01 28.06
CA GLY C 101 5.54 -24.41 28.52
C GLY C 101 5.02 -24.37 29.96
N LEU C 102 3.76 -24.78 30.12
CA LEU C 102 3.00 -24.56 31.35
C LEU C 102 2.54 -25.88 31.99
N ARG C 103 2.57 -25.90 33.33
CA ARG C 103 1.75 -26.80 34.10
C ARG C 103 0.63 -25.93 34.61
N PHE C 104 -0.56 -26.51 34.76
CA PHE C 104 -1.63 -25.82 35.43
C PHE C 104 -2.28 -26.67 36.51
N ALA C 105 -2.85 -26.01 37.52
CA ALA C 105 -3.80 -26.65 38.43
C ALA C 105 -5.07 -25.87 38.41
N VAL C 106 -6.19 -26.57 38.59
CA VAL C 106 -7.48 -25.97 38.90
C VAL C 106 -8.03 -26.59 40.19
N LEU C 107 -8.19 -25.78 41.22
CA LEU C 107 -8.85 -26.23 42.43
C LEU C 107 -10.27 -25.65 42.60
N ARG C 108 -11.13 -26.38 43.30
CA ARG C 108 -12.51 -25.96 43.58
C ARG C 108 -12.94 -26.41 44.97
N GLY C 109 -13.68 -25.53 45.65
CA GLY C 109 -14.02 -25.72 47.05
C GLY C 109 -14.14 -24.38 47.75
N ASN C 110 -14.51 -24.42 49.02
CA ASN C 110 -14.81 -23.24 49.80
C ASN C 110 -13.66 -22.92 50.75
N PRO C 111 -12.97 -21.78 50.51
CA PRO C 111 -11.90 -21.26 51.37
C PRO C 111 -12.37 -20.35 52.53
N TYR C 112 -13.65 -19.97 52.57
CA TYR C 112 -14.08 -19.14 53.69
C TYR C 112 -14.64 -19.96 54.87
N GLU C 113 -14.51 -19.41 56.08
CA GLU C 113 -15.20 -19.93 57.26
C GLU C 113 -16.71 -20.05 56.96
N SER C 114 -17.27 -18.97 56.43
CA SER C 114 -18.67 -18.86 56.06
C SER C 114 -18.90 -20.00 55.09
N GLU C 115 -19.68 -20.99 55.49
CA GLU C 115 -19.97 -22.13 54.61
C GLU C 115 -21.07 -21.69 53.62
N ALA C 116 -21.63 -20.50 53.85
CA ALA C 116 -22.53 -19.80 52.91
C ALA C 116 -21.87 -19.38 51.58
N GLU C 117 -20.55 -19.15 51.65
CA GLU C 117 -19.77 -18.61 50.53
C GLU C 117 -19.66 -19.53 49.31
N GLY C 118 -19.91 -20.82 49.51
CA GLY C 118 -19.98 -21.80 48.43
C GLY C 118 -18.64 -22.09 47.79
N ASP C 119 -18.72 -22.68 46.62
CA ASP C 119 -17.50 -23.08 45.93
C ASP C 119 -16.89 -21.91 45.20
N TRP C 120 -15.56 -21.91 45.22
CA TRP C 120 -14.78 -20.97 44.45
C TRP C 120 -13.86 -21.75 43.62
N ILE C 121 -13.32 -21.10 42.61
CA ILE C 121 -12.34 -21.71 41.71
C ILE C 121 -11.01 -20.94 41.70
N ALA C 122 -9.92 -21.67 41.58
CA ALA C 122 -8.61 -21.08 41.41
C ALA C 122 -7.95 -21.71 40.20
N VAL C 123 -7.42 -20.88 39.31
CA VAL C 123 -6.70 -21.39 38.18
C VAL C 123 -5.25 -20.92 38.31
N SER C 124 -4.32 -21.86 38.40
CA SER C 124 -2.89 -21.52 38.58
C SER C 124 -2.03 -21.98 37.42
N LEU C 125 -1.06 -21.17 37.03
CA LEU C 125 -0.31 -21.42 35.81
C LEU C 125 1.14 -21.28 36.11
N TYR C 126 1.95 -22.28 35.81
CA TYR C 126 3.37 -22.22 36.12
C TYR C 126 4.21 -22.82 35.03
N GLY C 127 5.29 -22.13 34.70
CA GLY C 127 6.17 -22.65 33.67
C GLY C 127 7.19 -21.65 33.22
N THR C 128 7.43 -21.64 31.93
CA THR C 128 8.38 -20.70 31.35
C THR C 128 7.72 -20.04 30.19
N ILE C 129 8.25 -18.86 29.86
CA ILE C 129 7.78 -18.08 28.72
C ILE C 129 9.05 -17.52 28.13
N GLY C 130 9.12 -17.53 26.80
CA GLY C 130 10.33 -17.12 26.15
C GLY C 130 10.26 -17.35 24.68
N ALA C 131 11.41 -17.27 24.03
CA ALA C 131 11.54 -17.49 22.62
C ALA C 131 11.28 -18.95 22.33
N PRO C 132 10.83 -19.28 21.10
CA PRO C 132 10.68 -20.68 20.64
C PRO C 132 11.76 -21.69 21.15
N ILE C 133 12.96 -21.16 21.42
CA ILE C 133 14.14 -21.95 21.84
C ILE C 133 14.32 -22.11 23.37
N LYS C 134 14.40 -23.36 23.85
CA LYS C 134 14.67 -23.63 25.27
C LYS C 134 15.89 -22.85 25.81
N GLY C 135 15.81 -22.46 27.08
CA GLY C 135 16.86 -21.68 27.73
C GLY C 135 16.84 -20.20 27.38
N LEU C 136 16.32 -19.86 26.21
CA LEU C 136 16.05 -18.45 25.90
C LEU C 136 14.65 -18.04 26.37
N GLU C 137 14.46 -18.10 27.69
CA GLU C 137 13.15 -18.07 28.35
C GLU C 137 13.33 -17.84 29.85
N HIS C 138 12.33 -17.26 30.49
CA HIS C 138 12.35 -17.21 31.94
C HIS C 138 11.04 -17.72 32.49
N GLU C 139 10.97 -17.76 33.82
CA GLU C 139 9.81 -18.32 34.51
C GLU C 139 8.60 -17.39 34.36
N THR C 140 7.42 -17.94 34.64
CA THR C 140 6.14 -17.25 34.48
C THR C 140 5.08 -17.96 35.31
N PHE C 141 4.18 -17.12 35.79
CA PHE C 141 3.24 -17.40 36.82
C PHE C 141 1.96 -16.62 36.66
N GLY C 142 0.85 -17.24 36.99
CA GLY C 142 -0.40 -16.48 37.19
C GLY C 142 -1.42 -17.29 37.97
N VAL C 143 -2.17 -16.61 38.84
CA VAL C 143 -3.33 -17.16 39.54
C VAL C 143 -4.62 -16.37 39.25
N GLY C 144 -5.71 -17.07 38.93
CA GLY C 144 -7.01 -16.43 38.82
C GLY C 144 -8.02 -17.10 39.73
N ILE C 145 -8.73 -16.29 40.50
CA ILE C 145 -9.71 -16.74 41.45
C ILE C 145 -11.14 -16.22 41.13
N ASN C 146 -12.11 -17.13 41.10
CA ASN C 146 -13.51 -16.75 40.86
C ASN C 146 -14.47 -17.56 41.72
N HIS C 147 -15.67 -17.03 41.86
CA HIS C 147 -16.75 -17.80 42.43
C HIS C 147 -17.31 -18.71 41.36
N ILE C 148 -17.95 -19.79 41.82
CA ILE C 148 -18.50 -20.79 40.94
C ILE C 148 -19.82 -21.27 41.54
N THR D 2 -23.33 6.79 -13.94
CA THR D 2 -22.27 5.74 -13.95
C THR D 2 -22.77 4.43 -14.55
N LEU D 3 -22.17 3.33 -14.07
CA LEU D 3 -22.50 1.98 -14.52
C LEU D 3 -23.62 1.38 -13.66
N HIS D 4 -24.46 0.53 -14.26
CA HIS D 4 -25.39 -0.27 -13.47
C HIS D 4 -24.60 -1.36 -12.85
N LYS D 5 -24.60 -1.36 -11.52
CA LYS D 5 -23.68 -2.15 -10.67
C LYS D 5 -23.53 -3.64 -10.99
N GLU D 6 -24.54 -4.25 -11.59
CA GLU D 6 -24.47 -5.69 -11.88
C GLU D 6 -24.76 -6.09 -13.35
N ARG D 7 -24.86 -5.10 -14.23
CA ARG D 7 -24.75 -5.36 -15.68
C ARG D 7 -23.59 -4.56 -16.31
N ARG D 8 -22.40 -4.78 -15.76
CA ARG D 8 -21.18 -4.15 -16.23
C ARG D 8 -20.66 -5.00 -17.39
N ILE D 9 -20.72 -4.44 -18.59
CA ILE D 9 -20.45 -5.16 -19.85
C ILE D 9 -19.13 -5.93 -19.92
N GLY D 10 -18.05 -5.27 -19.49
CA GLY D 10 -16.74 -5.91 -19.43
C GLY D 10 -16.81 -7.19 -18.61
N ARG D 11 -17.19 -7.07 -17.35
CA ARG D 11 -17.12 -8.22 -16.49
C ARG D 11 -17.98 -9.36 -17.00
N LEU D 12 -19.16 -9.04 -17.52
CA LEU D 12 -20.06 -10.03 -18.09
C LEU D 12 -19.39 -10.79 -19.23
N SER D 13 -18.95 -10.04 -20.25
CA SER D 13 -18.24 -10.57 -21.41
C SER D 13 -17.05 -11.44 -21.01
N VAL D 14 -16.35 -10.99 -19.96
CA VAL D 14 -15.24 -11.75 -19.39
C VAL D 14 -15.67 -13.01 -18.61
N LEU D 15 -16.55 -12.83 -17.62
CA LEU D 15 -17.13 -13.97 -16.88
C LEU D 15 -17.64 -15.02 -17.87
N LEU D 16 -18.14 -14.55 -19.00
CA LEU D 16 -18.66 -15.44 -20.02
C LEU D 16 -17.52 -16.21 -20.69
N LEU D 17 -16.58 -15.45 -21.26
CA LEU D 17 -15.40 -15.95 -21.95
C LEU D 17 -14.59 -16.98 -21.14
N LEU D 18 -14.57 -16.85 -19.84
CA LEU D 18 -13.75 -17.75 -19.03
C LEU D 18 -14.52 -18.92 -18.40
N ASN D 19 -15.82 -19.01 -18.74
CA ASN D 19 -16.70 -20.09 -18.26
C ASN D 19 -17.14 -20.84 -19.53
N GLU D 20 -16.38 -21.89 -19.86
CA GLU D 20 -16.75 -22.93 -20.84
C GLU D 20 -16.87 -22.56 -22.31
N GLN D 26 -26.63 -19.63 -20.55
CA GLN D 26 -25.30 -18.99 -20.47
C GLN D 26 -25.24 -17.75 -21.37
N VAL D 27 -25.08 -17.99 -22.68
CA VAL D 27 -25.29 -17.00 -23.74
C VAL D 27 -26.73 -16.53 -23.61
N GLU D 28 -27.64 -17.49 -23.52
CA GLU D 28 -29.08 -17.28 -23.48
C GLU D 28 -29.51 -16.27 -22.39
N GLU D 29 -29.01 -16.49 -21.18
CA GLU D 29 -29.24 -15.60 -20.05
C GLU D 29 -29.00 -14.13 -20.42
N LEU D 30 -27.89 -13.89 -21.12
CA LEU D 30 -27.43 -12.55 -21.49
C LEU D 30 -28.32 -11.95 -22.56
N GLU D 31 -28.62 -12.80 -23.54
CA GLU D 31 -29.53 -12.51 -24.64
C GLU D 31 -30.93 -12.17 -24.14
N ARG D 32 -31.41 -12.89 -23.12
CA ARG D 32 -32.77 -12.66 -22.57
C ARG D 32 -32.91 -11.29 -21.86
N ASP D 33 -31.80 -10.80 -21.28
CA ASP D 33 -31.68 -9.39 -20.92
C ASP D 33 -31.27 -8.63 -22.19
N GLY D 34 -30.89 -7.36 -22.05
CA GLY D 34 -30.65 -6.54 -23.24
C GLY D 34 -29.47 -6.77 -24.19
N TRP D 35 -28.78 -7.91 -24.09
CA TRP D 35 -27.49 -8.08 -24.82
C TRP D 35 -27.53 -8.79 -26.14
N LYS D 36 -26.98 -8.15 -27.17
CA LYS D 36 -26.60 -8.83 -28.39
C LYS D 36 -25.18 -9.41 -28.13
N VAL D 37 -24.94 -10.67 -28.46
CA VAL D 37 -23.74 -11.34 -27.95
C VAL D 37 -23.22 -12.50 -28.75
N CYS D 38 -21.92 -12.45 -29.08
CA CYS D 38 -21.28 -13.58 -29.75
C CYS D 38 -19.94 -14.05 -29.16
N LEU D 39 -19.58 -15.27 -29.54
CA LEU D 39 -18.39 -15.94 -29.03
C LEU D 39 -17.71 -16.60 -30.19
N GLY D 40 -16.39 -16.80 -30.06
CA GLY D 40 -15.65 -17.53 -31.07
C GLY D 40 -14.23 -17.92 -30.70
N LYS D 41 -13.57 -18.59 -31.64
CA LYS D 41 -12.17 -19.02 -31.54
C LYS D 41 -11.34 -18.70 -32.79
N VAL D 42 -10.11 -18.24 -32.53
CA VAL D 42 -9.15 -17.90 -33.57
C VAL D 42 -7.75 -18.07 -32.99
N GLY D 43 -6.95 -18.89 -33.64
CA GLY D 43 -5.52 -18.90 -33.35
C GLY D 43 -4.72 -18.39 -34.55
N SER D 44 -3.82 -17.42 -34.31
CA SER D 44 -2.99 -16.88 -35.42
C SER D 44 -1.60 -16.32 -35.05
N MET D 45 -0.71 -16.36 -36.04
CA MET D 45 0.54 -15.62 -35.96
C MET D 45 0.35 -14.27 -36.69
N ASP D 46 -0.90 -13.96 -37.04
CA ASP D 46 -1.24 -12.67 -37.65
C ASP D 46 -2.34 -11.99 -36.84
N ALA D 47 -2.09 -10.79 -36.39
CA ALA D 47 -3.15 -10.06 -35.72
C ALA D 47 -4.36 -9.77 -36.63
N HIS D 48 -4.12 -9.56 -37.93
CA HIS D 48 -5.20 -9.24 -38.86
C HIS D 48 -6.20 -10.36 -38.97
N LYS D 49 -5.72 -11.60 -38.83
CA LYS D 49 -6.61 -12.76 -38.77
C LYS D 49 -7.49 -12.71 -37.54
N VAL D 50 -6.91 -12.29 -36.41
CA VAL D 50 -7.69 -12.14 -35.18
C VAL D 50 -8.77 -11.04 -35.34
N ILE D 51 -8.40 -9.91 -35.93
CA ILE D 51 -9.32 -8.81 -36.19
C ILE D 51 -10.45 -9.25 -37.15
N ALA D 52 -10.06 -9.92 -38.23
CA ALA D 52 -10.94 -10.40 -39.29
C ALA D 52 -11.97 -11.42 -38.78
N ALA D 53 -11.49 -12.46 -38.12
CA ALA D 53 -12.35 -13.47 -37.49
C ALA D 53 -13.46 -12.82 -36.65
N ILE D 54 -13.07 -11.91 -35.75
CA ILE D 54 -14.01 -11.25 -34.85
C ILE D 54 -14.97 -10.34 -35.60
N GLU D 55 -14.50 -9.69 -36.66
CA GLU D 55 -15.37 -8.79 -37.44
C GLU D 55 -16.46 -9.64 -38.06
N THR D 56 -16.03 -10.73 -38.70
CA THR D 56 -16.94 -11.69 -39.31
C THR D 56 -17.93 -12.28 -38.28
N ALA D 57 -17.43 -12.77 -37.16
CA ALA D 57 -18.34 -13.38 -36.19
C ALA D 57 -19.39 -12.42 -35.64
N SER D 58 -19.07 -11.15 -35.52
CA SER D 58 -20.00 -10.17 -34.97
C SER D 58 -21.02 -9.76 -36.04
N LYS D 59 -20.61 -9.90 -37.31
CA LYS D 59 -21.46 -9.58 -38.47
C LYS D 59 -22.44 -10.71 -38.84
N LYS D 60 -21.91 -11.93 -38.99
CA LYS D 60 -22.74 -13.12 -39.29
C LYS D 60 -23.82 -13.29 -38.23
N SER D 61 -23.42 -13.22 -36.97
CA SER D 61 -24.38 -13.10 -35.88
C SER D 61 -24.94 -11.65 -35.77
N GLY D 62 -25.74 -11.41 -34.74
CA GLY D 62 -26.52 -10.18 -34.75
C GLY D 62 -25.79 -8.95 -34.28
N VAL D 63 -24.54 -9.14 -33.90
CA VAL D 63 -23.86 -8.25 -32.97
C VAL D 63 -23.63 -6.84 -33.48
N ILE D 64 -23.22 -6.71 -34.73
CA ILE D 64 -23.14 -5.39 -35.39
C ILE D 64 -23.68 -5.39 -36.83
N GLN D 65 -24.29 -4.27 -37.23
CA GLN D 65 -24.73 -4.00 -38.59
C GLN D 65 -23.70 -4.46 -39.59
N SER D 66 -24.09 -5.37 -40.48
CA SER D 66 -23.21 -5.81 -41.55
C SER D 66 -23.13 -4.83 -42.73
N GLU D 67 -23.69 -3.63 -42.56
CA GLU D 67 -23.65 -2.63 -43.64
C GLU D 67 -23.20 -1.25 -43.15
N GLY D 68 -22.38 -0.55 -43.95
CA GLY D 68 -21.89 0.79 -43.59
C GLY D 68 -20.62 0.80 -42.74
N TYR D 69 -20.17 1.98 -42.33
CA TYR D 69 -18.89 2.13 -41.66
C TYR D 69 -18.97 2.25 -40.14
N ARG D 70 -19.90 3.06 -39.69
CA ARG D 70 -20.06 3.37 -38.29
C ARG D 70 -19.76 2.23 -37.32
N GLU D 71 -20.43 1.09 -37.47
CA GLU D 71 -20.35 0.06 -36.43
C GLU D 71 -19.07 -0.72 -36.57
N SER D 72 -18.54 -0.77 -37.79
CA SER D 72 -17.27 -1.40 -38.03
C SER D 72 -16.15 -0.58 -37.42
N HIS D 73 -16.24 0.74 -37.54
CA HIS D 73 -15.29 1.63 -36.86
C HIS D 73 -15.21 1.41 -35.36
N ALA D 74 -16.33 1.11 -34.71
CA ALA D 74 -16.29 0.86 -33.29
C ALA D 74 -15.69 -0.48 -33.00
N LEU D 75 -16.13 -1.50 -33.73
CA LEU D 75 -15.63 -2.85 -33.52
C LEU D 75 -14.12 -2.94 -33.82
N TYR D 76 -13.69 -2.09 -34.75
CA TYR D 76 -12.31 -2.13 -35.10
C TYR D 76 -11.49 -1.64 -33.92
N HIS D 77 -11.78 -0.42 -33.49
CA HIS D 77 -11.04 0.19 -32.40
C HIS D 77 -11.17 -0.52 -31.10
N ALA D 78 -12.34 -1.11 -30.83
CA ALA D 78 -12.53 -1.84 -29.58
C ALA D 78 -11.63 -3.05 -29.55
N THR D 79 -11.38 -3.61 -30.74
CA THR D 79 -10.49 -4.74 -30.88
C THR D 79 -9.06 -4.30 -30.68
N MET D 80 -8.63 -3.24 -31.39
CA MET D 80 -7.29 -2.67 -31.19
C MET D 80 -7.04 -2.58 -29.71
N GLU D 81 -8.03 -2.05 -29.00
CA GLU D 81 -7.86 -1.83 -27.59
C GLU D 81 -7.65 -3.14 -26.82
N ALA D 82 -8.48 -4.13 -27.07
CA ALA D 82 -8.32 -5.44 -26.45
C ALA D 82 -7.00 -6.08 -26.81
N LEU D 83 -6.56 -5.89 -28.06
CA LEU D 83 -5.28 -6.45 -28.52
C LEU D 83 -4.07 -5.81 -27.80
N HIS D 84 -4.28 -4.61 -27.26
CA HIS D 84 -3.24 -4.00 -26.43
C HIS D 84 -2.98 -4.84 -25.21
N GLY D 85 -4.04 -5.40 -24.63
CA GLY D 85 -3.90 -6.29 -23.47
C GLY D 85 -3.14 -7.54 -23.83
N VAL D 86 -3.50 -8.12 -24.96
CA VAL D 86 -2.90 -9.35 -25.41
C VAL D 86 -1.41 -9.16 -25.72
N THR D 87 -1.08 -8.03 -26.36
CA THR D 87 0.23 -7.89 -26.95
C THR D 87 1.26 -7.10 -26.13
N ARG D 88 0.82 -6.16 -25.29
CA ARG D 88 1.66 -5.49 -24.29
C ARG D 88 2.89 -4.69 -24.80
N GLY D 89 2.66 -3.68 -25.63
CA GLY D 89 3.74 -2.82 -26.07
C GLY D 89 3.87 -2.76 -27.57
N GLU D 90 4.14 -3.89 -28.18
CA GLU D 90 4.14 -4.01 -29.62
C GLU D 90 3.00 -4.94 -29.97
N MET D 91 2.10 -4.45 -30.79
CA MET D 91 1.00 -5.23 -31.24
C MET D 91 1.47 -6.03 -32.43
N LEU D 92 2.30 -7.03 -32.16
CA LEU D 92 2.86 -7.92 -33.16
C LEU D 92 2.89 -9.32 -32.61
N LEU D 93 2.66 -10.27 -33.51
CA LEU D 93 2.74 -11.67 -33.19
C LEU D 93 3.87 -12.29 -33.97
N GLY D 94 3.58 -12.82 -35.17
CA GLY D 94 4.54 -13.49 -36.01
C GLY D 94 5.78 -12.65 -36.26
N SER D 95 5.64 -11.36 -36.46
CA SER D 95 6.84 -10.63 -36.78
C SER D 95 7.67 -10.34 -35.51
N LEU D 96 7.17 -10.80 -34.34
CA LEU D 96 7.98 -10.87 -33.14
C LEU D 96 8.14 -12.29 -32.62
N LEU D 97 8.04 -13.27 -33.52
CA LEU D 97 8.20 -14.68 -33.22
C LEU D 97 7.33 -15.13 -32.05
N ARG D 98 6.09 -14.67 -32.02
CA ARG D 98 5.11 -15.21 -31.10
C ARG D 98 3.74 -15.40 -31.77
N THR D 99 2.87 -16.15 -31.10
CA THR D 99 1.61 -16.51 -31.70
C THR D 99 0.58 -16.68 -30.61
N VAL D 100 -0.70 -16.52 -30.98
CA VAL D 100 -1.87 -16.61 -30.08
C VAL D 100 -2.82 -17.77 -30.44
N GLY D 101 -3.44 -18.34 -29.41
CA GLY D 101 -4.62 -19.15 -29.57
C GLY D 101 -5.65 -18.45 -28.69
N LEU D 102 -6.64 -17.81 -29.33
CA LEU D 102 -7.63 -17.04 -28.60
C LEU D 102 -9.07 -17.57 -28.63
N ARG D 103 -9.78 -17.32 -27.52
CA ARG D 103 -11.22 -17.32 -27.50
C ARG D 103 -11.60 -15.86 -27.35
N PHE D 104 -12.78 -15.49 -27.86
CA PHE D 104 -13.31 -14.13 -27.83
C PHE D 104 -14.83 -14.04 -27.61
N ALA D 105 -15.21 -13.03 -26.86
CA ALA D 105 -16.57 -12.77 -26.50
C ALA D 105 -16.80 -11.36 -26.93
N VAL D 106 -17.97 -11.10 -27.54
CA VAL D 106 -18.37 -9.74 -27.91
C VAL D 106 -19.76 -9.35 -27.36
N LEU D 107 -19.78 -8.39 -26.45
CA LEU D 107 -21.01 -7.85 -25.89
C LEU D 107 -21.44 -6.49 -26.46
N ARG D 108 -22.75 -6.31 -26.65
CA ARG D 108 -23.30 -5.01 -27.06
C ARG D 108 -24.60 -4.65 -26.33
N GLY D 109 -24.67 -3.41 -25.85
CA GLY D 109 -25.80 -2.93 -25.05
C GLY D 109 -25.36 -1.82 -24.11
N ASN D 110 -26.34 -1.15 -23.49
CA ASN D 110 -26.08 0.03 -22.67
C ASN D 110 -25.94 -0.27 -21.18
N PRO D 111 -24.74 -0.02 -20.60
CA PRO D 111 -24.50 -0.26 -19.18
C PRO D 111 -24.41 1.00 -18.28
N TYR D 112 -24.86 2.14 -18.79
CA TYR D 112 -24.90 3.38 -18.01
C TYR D 112 -26.32 3.63 -17.49
N GLU D 113 -26.46 4.66 -16.63
CA GLU D 113 -27.73 5.00 -15.96
C GLU D 113 -28.92 5.22 -16.88
N SER D 114 -28.82 6.23 -17.75
CA SER D 114 -29.89 6.59 -18.68
C SER D 114 -29.62 6.02 -20.07
N GLU D 115 -30.65 6.05 -20.91
CA GLU D 115 -30.62 5.42 -22.22
C GLU D 115 -30.24 6.41 -23.31
N ALA D 116 -29.88 7.62 -22.91
CA ALA D 116 -29.27 8.56 -23.86
C ALA D 116 -27.83 8.11 -24.19
N GLU D 117 -27.27 7.23 -23.35
CA GLU D 117 -25.89 6.76 -23.52
C GLU D 117 -25.68 5.81 -24.70
N GLY D 118 -26.76 5.21 -25.19
CA GLY D 118 -26.71 4.31 -26.33
C GLY D 118 -26.01 2.98 -26.09
N ASP D 119 -25.80 2.25 -27.18
CA ASP D 119 -25.04 1.01 -27.14
C ASP D 119 -23.52 1.29 -26.99
N TRP D 120 -22.84 0.43 -26.24
CA TRP D 120 -21.38 0.38 -26.12
C TRP D 120 -20.98 -1.02 -26.40
N ILE D 121 -19.76 -1.24 -26.88
CA ILE D 121 -19.34 -2.60 -27.25
C ILE D 121 -18.13 -3.02 -26.44
N ALA D 122 -17.92 -4.33 -26.31
CA ALA D 122 -16.80 -4.81 -25.57
C ALA D 122 -16.31 -6.02 -26.30
N VAL D 123 -15.01 -6.02 -26.60
CA VAL D 123 -14.36 -7.16 -27.21
C VAL D 123 -13.42 -7.70 -26.14
N SER D 124 -13.59 -8.97 -25.76
CA SER D 124 -12.79 -9.53 -24.68
C SER D 124 -12.07 -10.72 -25.24
N LEU D 125 -10.77 -10.79 -24.98
CA LEU D 125 -9.97 -11.85 -25.57
C LEU D 125 -9.35 -12.66 -24.46
N TYR D 126 -9.35 -13.99 -24.58
CA TYR D 126 -8.54 -14.87 -23.69
C TYR D 126 -7.91 -16.07 -24.37
N GLY D 127 -6.72 -16.43 -23.90
CA GLY D 127 -6.05 -17.62 -24.36
C GLY D 127 -4.55 -17.51 -24.16
N THR D 128 -3.82 -18.12 -25.04
CA THR D 128 -2.40 -18.14 -24.85
C THR D 128 -1.60 -17.41 -25.91
N ILE D 129 -0.34 -17.13 -25.55
CA ILE D 129 0.64 -16.43 -26.35
C ILE D 129 1.94 -17.14 -26.00
N GLY D 130 2.72 -17.47 -27.04
CA GLY D 130 3.92 -18.28 -26.86
C GLY D 130 4.69 -18.37 -28.16
N ALA D 131 5.75 -19.18 -28.13
CA ALA D 131 6.66 -19.31 -29.25
C ALA D 131 5.97 -20.06 -30.36
N PRO D 132 6.41 -19.86 -31.63
CA PRO D 132 5.70 -20.49 -32.76
C PRO D 132 5.58 -22.01 -32.62
N ILE D 133 6.40 -22.61 -31.75
CA ILE D 133 6.19 -23.98 -31.28
C ILE D 133 5.20 -23.99 -30.11
N LYS D 134 3.95 -24.40 -30.37
CA LYS D 134 2.88 -24.33 -29.34
C LYS D 134 3.13 -25.31 -28.18
N GLY D 135 2.63 -24.97 -26.98
CA GLY D 135 2.99 -25.61 -25.70
C GLY D 135 3.95 -24.81 -24.83
N LEU D 136 4.91 -24.15 -25.49
CA LEU D 136 5.80 -23.16 -24.84
C LEU D 136 5.13 -21.79 -24.78
N GLU D 137 4.28 -21.62 -23.77
CA GLU D 137 3.28 -20.55 -23.72
C GLU D 137 2.89 -20.16 -22.30
N HIS D 138 2.30 -18.97 -22.19
CA HIS D 138 1.59 -18.57 -20.99
C HIS D 138 0.35 -17.88 -21.45
N GLU D 139 -0.47 -17.42 -20.50
CA GLU D 139 -1.81 -16.95 -20.85
C GLU D 139 -1.80 -15.54 -21.38
N THR D 140 -2.99 -15.09 -21.82
CA THR D 140 -3.17 -13.71 -22.29
C THR D 140 -4.60 -13.18 -22.32
N PHE D 141 -4.70 -11.85 -22.29
CA PHE D 141 -5.95 -11.24 -21.93
C PHE D 141 -6.02 -9.77 -22.30
N GLY D 142 -7.14 -9.36 -22.88
CA GLY D 142 -7.36 -7.97 -23.29
C GLY D 142 -8.84 -7.62 -23.42
N VAL D 143 -9.20 -6.37 -23.08
CA VAL D 143 -10.58 -5.91 -23.10
C VAL D 143 -10.73 -4.52 -23.69
N GLY D 144 -11.37 -4.43 -24.86
CA GLY D 144 -11.60 -3.14 -25.49
C GLY D 144 -13.04 -2.75 -25.34
N ILE D 145 -13.27 -1.52 -24.87
CA ILE D 145 -14.62 -1.01 -24.68
C ILE D 145 -14.77 0.27 -25.50
N ASN D 146 -15.59 0.24 -26.55
CA ASN D 146 -15.88 1.46 -27.30
C ASN D 146 -17.39 1.76 -27.29
N HIS D 147 -17.76 2.97 -27.69
CA HIS D 147 -19.16 3.29 -27.91
C HIS D 147 -19.55 2.83 -29.30
N ILE D 148 -20.89 2.66 -29.56
CA ILE D 148 -21.25 2.11 -30.89
C ILE D 148 -22.47 2.74 -31.55
N THR E 2 13.95 32.72 -35.62
CA THR E 2 12.75 31.85 -35.44
C THR E 2 11.98 31.59 -36.72
N LEU E 3 10.87 30.84 -36.57
CA LEU E 3 9.98 30.48 -37.66
C LEU E 3 9.29 31.71 -38.25
N HIS E 4 9.78 32.17 -39.41
CA HIS E 4 9.24 33.36 -40.09
C HIS E 4 7.92 33.10 -40.77
N LYS E 5 6.92 33.92 -40.41
CA LYS E 5 5.47 33.63 -40.61
C LYS E 5 5.01 33.31 -42.04
N GLU E 6 5.70 33.87 -43.03
CA GLU E 6 5.37 33.62 -44.44
C GLU E 6 5.90 32.27 -44.91
N ARG E 7 6.92 31.77 -44.23
CA ARG E 7 7.59 30.56 -44.68
C ARG E 7 7.50 29.37 -43.69
N ARG E 8 6.31 29.10 -43.17
CA ARG E 8 6.13 27.94 -42.28
C ARG E 8 5.98 26.60 -43.05
N ILE E 9 7.08 25.85 -43.01
CA ILE E 9 7.32 24.74 -43.90
C ILE E 9 6.28 23.62 -43.79
N GLY E 10 5.81 23.36 -42.58
CA GLY E 10 4.73 22.40 -42.41
C GLY E 10 3.47 22.85 -43.13
N ARG E 11 2.96 24.00 -42.68
CA ARG E 11 1.74 24.62 -43.20
C ARG E 11 1.76 24.67 -44.72
N LEU E 12 2.87 25.12 -45.29
CA LEU E 12 2.98 25.26 -46.75
C LEU E 12 2.75 23.93 -47.45
N SER E 13 3.53 22.93 -47.06
CA SER E 13 3.51 21.61 -47.66
C SER E 13 2.13 20.99 -47.55
N VAL E 14 1.44 21.23 -46.44
CA VAL E 14 0.10 20.68 -46.24
C VAL E 14 -0.95 21.33 -47.15
N LEU E 15 -0.98 22.66 -47.15
CA LEU E 15 -1.77 23.47 -48.09
C LEU E 15 -1.67 22.94 -49.51
N LEU E 16 -0.42 22.67 -49.91
CA LEU E 16 -0.13 22.18 -51.24
C LEU E 16 -0.86 20.86 -51.51
N LEU E 17 -0.72 19.90 -50.59
CA LEU E 17 -1.34 18.57 -50.70
C LEU E 17 -2.85 18.61 -50.78
N LEU E 18 -3.40 19.56 -50.04
CA LEU E 18 -4.84 19.66 -49.83
C LEU E 18 -5.58 20.46 -50.91
N ASN E 19 -4.82 21.01 -51.84
CA ASN E 19 -5.42 21.82 -52.87
C ASN E 19 -5.30 21.14 -54.22
N GLU E 20 -6.45 20.67 -54.70
CA GLU E 20 -6.55 20.05 -56.00
C GLU E 20 -5.66 20.74 -57.05
N ALA E 21 -5.80 22.06 -57.18
CA ALA E 21 -5.20 22.90 -58.25
C ALA E 21 -3.76 22.57 -58.59
N GLN E 26 -0.11 24.08 -57.90
CA GLN E 26 0.44 25.31 -57.31
C GLN E 26 1.98 25.30 -57.12
N VAL E 27 2.64 24.32 -57.74
CA VAL E 27 4.07 24.01 -57.56
C VAL E 27 5.03 25.17 -57.80
N GLU E 28 4.92 25.76 -58.98
CA GLU E 28 5.90 26.72 -59.46
C GLU E 28 6.06 27.91 -58.51
N GLU E 29 4.96 28.39 -57.93
CA GLU E 29 5.01 29.47 -56.93
C GLU E 29 5.96 29.12 -55.77
N LEU E 30 5.86 27.89 -55.27
CA LEU E 30 6.75 27.41 -54.20
C LEU E 30 8.22 27.27 -54.65
N GLU E 31 8.44 26.82 -55.88
CA GLU E 31 9.81 26.71 -56.41
C GLU E 31 10.51 28.06 -56.52
N ARG E 32 9.75 29.12 -56.80
CA ARG E 32 10.32 30.40 -57.22
C ARG E 32 11.04 31.11 -56.09
N ASP E 33 10.60 30.80 -54.87
CA ASP E 33 11.07 31.47 -53.66
C ASP E 33 12.28 30.75 -53.05
N GLY E 34 12.54 29.53 -53.52
CA GLY E 34 13.56 28.67 -52.92
C GLY E 34 12.92 27.53 -52.16
N TRP E 35 12.16 26.72 -52.88
CA TRP E 35 11.62 25.50 -52.32
C TRP E 35 11.86 24.41 -53.30
N LYS E 36 12.52 23.35 -52.83
CA LYS E 36 12.58 22.09 -53.55
C LYS E 36 11.28 21.39 -53.18
N VAL E 37 10.62 20.88 -54.22
CA VAL E 37 9.27 20.35 -54.08
C VAL E 37 9.09 19.03 -54.83
N CYS E 38 8.21 18.19 -54.30
CA CYS E 38 7.92 16.92 -54.90
C CYS E 38 6.55 16.45 -54.44
N LEU E 39 5.82 15.80 -55.33
CA LEU E 39 4.47 15.30 -55.01
C LEU E 39 4.40 13.88 -55.45
N GLY E 40 3.53 13.12 -54.80
CA GLY E 40 3.21 11.82 -55.34
C GLY E 40 1.97 11.24 -54.75
N LYS E 41 1.72 9.98 -55.10
CA LYS E 41 0.58 9.17 -54.60
C LYS E 41 1.03 7.74 -54.38
N VAL E 42 0.55 7.13 -53.29
CA VAL E 42 0.82 5.73 -52.99
C VAL E 42 -0.39 5.11 -52.29
N GLY E 43 -0.78 3.93 -52.74
CA GLY E 43 -1.89 3.21 -52.10
C GLY E 43 -1.30 1.87 -51.77
N SER E 44 -1.54 1.38 -50.55
CA SER E 44 -0.86 0.19 -50.08
C SER E 44 -1.37 -0.31 -48.72
N MET E 45 -1.03 -1.54 -48.42
CA MET E 45 -1.23 -2.08 -47.11
C MET E 45 0.15 -2.35 -46.48
N ASP E 46 1.21 -1.92 -47.14
CA ASP E 46 2.56 -2.02 -46.58
C ASP E 46 3.16 -0.62 -46.38
N ALA E 47 3.30 -0.23 -45.13
CA ALA E 47 4.03 0.96 -44.77
C ALA E 47 5.41 1.07 -45.50
N HIS E 48 6.05 -0.06 -45.80
CA HIS E 48 7.31 -0.02 -46.53
C HIS E 48 7.17 0.50 -47.93
N LYS E 49 6.05 0.18 -48.59
CA LYS E 49 5.78 0.75 -49.92
C LYS E 49 5.62 2.27 -49.88
N VAL E 50 4.97 2.76 -48.82
CA VAL E 50 4.81 4.20 -48.57
C VAL E 50 6.18 4.90 -48.39
N ILE E 51 7.07 4.33 -47.55
CA ILE E 51 8.39 4.91 -47.34
C ILE E 51 9.19 4.89 -48.64
N ALA E 52 9.09 3.79 -49.40
CA ALA E 52 9.89 3.64 -50.60
C ALA E 52 9.47 4.62 -51.71
N ALA E 53 8.14 4.72 -51.91
CA ALA E 53 7.55 5.63 -52.89
C ALA E 53 8.13 7.01 -52.71
N ILE E 54 8.11 7.50 -51.48
CA ILE E 54 8.62 8.81 -51.11
C ILE E 54 10.13 8.96 -51.30
N GLU E 55 10.88 7.97 -50.83
CA GLU E 55 12.33 7.97 -51.06
C GLU E 55 12.58 8.06 -52.55
N THR E 56 11.78 7.34 -53.33
CA THR E 56 11.92 7.30 -54.79
C THR E 56 11.60 8.68 -55.40
N ALA E 57 10.45 9.22 -55.05
CA ALA E 57 10.00 10.47 -55.61
C ALA E 57 10.95 11.62 -55.29
N SER E 58 11.52 11.61 -54.11
CA SER E 58 12.35 12.73 -53.64
C SER E 58 13.75 12.72 -54.24
N LYS E 59 14.19 11.55 -54.67
CA LYS E 59 15.47 11.41 -55.32
C LYS E 59 15.39 11.71 -56.82
N LYS E 60 14.34 11.20 -57.49
CA LYS E 60 14.11 11.49 -58.92
C LYS E 60 13.93 12.98 -59.17
N SER E 61 12.96 13.59 -58.51
CA SER E 61 12.92 15.04 -58.52
C SER E 61 13.89 15.38 -57.40
N GLY E 62 14.98 16.04 -57.72
CA GLY E 62 16.12 16.12 -56.80
C GLY E 62 15.96 16.86 -55.50
N VAL E 63 14.89 16.58 -54.74
CA VAL E 63 14.71 17.21 -53.44
C VAL E 63 15.82 16.74 -52.48
N ILE E 64 16.37 15.56 -52.72
CA ILE E 64 17.59 15.14 -52.02
C ILE E 64 18.55 14.48 -53.01
N GLN E 65 19.84 14.42 -52.68
CA GLN E 65 20.82 13.65 -53.46
C GLN E 65 20.43 12.18 -53.56
N SER E 66 20.73 11.57 -54.70
CA SER E 66 20.72 10.11 -54.80
C SER E 66 21.99 9.56 -54.16
N GLU E 67 23.06 10.36 -54.19
CA GLU E 67 24.37 9.90 -53.69
C GLU E 67 24.52 10.28 -52.22
N GLY E 68 24.99 9.33 -51.42
CA GLY E 68 25.32 9.60 -50.01
C GLY E 68 24.19 9.25 -49.07
N TYR E 69 24.46 9.33 -47.77
CA TYR E 69 23.52 8.84 -46.77
C TYR E 69 22.85 9.97 -45.99
N ARG E 70 23.63 10.97 -45.60
CA ARG E 70 23.12 12.10 -44.88
C ARG E 70 21.68 12.51 -45.24
N GLU E 71 21.38 12.69 -46.53
CA GLU E 71 20.09 13.24 -46.98
C GLU E 71 18.97 12.21 -46.88
N SER E 72 19.31 10.97 -47.18
CA SER E 72 18.36 9.86 -47.04
C SER E 72 17.97 9.66 -45.58
N HIS E 73 18.91 9.86 -44.67
CA HIS E 73 18.67 9.63 -43.25
C HIS E 73 17.74 10.65 -42.69
N ALA E 74 17.90 11.90 -43.08
CA ALA E 74 17.02 12.93 -42.62
C ALA E 74 15.62 12.70 -43.19
N LEU E 75 15.57 12.28 -44.47
CA LEU E 75 14.32 11.98 -45.16
C LEU E 75 13.67 10.73 -44.57
N TYR E 76 14.46 9.70 -44.29
CA TYR E 76 13.90 8.50 -43.65
C TYR E 76 13.24 8.92 -42.34
N HIS E 77 13.97 9.59 -41.48
CA HIS E 77 13.37 9.98 -40.19
C HIS E 77 12.18 10.91 -40.24
N ALA E 78 12.08 11.73 -41.29
CA ALA E 78 10.98 12.66 -41.46
C ALA E 78 9.70 11.90 -41.85
N THR E 79 9.83 10.98 -42.82
CA THR E 79 8.75 10.06 -43.24
C THR E 79 8.25 9.20 -42.06
N MET E 80 9.18 8.58 -41.36
CA MET E 80 8.86 7.87 -40.13
C MET E 80 8.00 8.74 -39.21
N GLU E 81 8.49 9.96 -38.96
CA GLU E 81 7.76 10.94 -38.18
C GLU E 81 6.32 11.19 -38.70
N ALA E 82 6.15 11.46 -40.00
CA ALA E 82 4.83 11.70 -40.57
C ALA E 82 3.90 10.51 -40.43
N LEU E 83 4.46 9.30 -40.54
CA LEU E 83 3.67 8.06 -40.51
C LEU E 83 3.07 7.87 -39.16
N HIS E 84 3.60 8.59 -38.18
CA HIS E 84 2.95 8.59 -36.88
C HIS E 84 1.57 9.17 -36.91
N GLY E 85 1.39 10.26 -37.68
CA GLY E 85 0.09 10.94 -37.81
C GLY E 85 -0.95 10.02 -38.43
N VAL E 86 -0.58 9.37 -39.53
CA VAL E 86 -1.38 8.39 -40.21
C VAL E 86 -1.77 7.19 -39.33
N THR E 87 -0.79 6.57 -38.67
CA THR E 87 -1.01 5.31 -37.97
C THR E 87 -1.40 5.41 -36.47
N ARG E 88 -1.14 6.55 -35.86
CA ARG E 88 -1.69 6.86 -34.56
C ARG E 88 -1.50 5.78 -33.51
N GLY E 89 -0.35 5.13 -33.49
CA GLY E 89 0.02 4.31 -32.34
C GLY E 89 0.70 3.01 -32.64
N GLU E 90 0.36 2.43 -33.78
CA GLU E 90 1.02 1.23 -34.20
C GLU E 90 1.24 1.48 -35.64
N MET E 91 2.50 1.43 -36.06
CA MET E 91 2.81 1.88 -37.38
C MET E 91 2.76 0.67 -38.25
N LEU E 92 1.55 0.11 -38.36
CA LEU E 92 1.27 -1.04 -39.20
C LEU E 92 -0.01 -0.83 -39.98
N LEU E 93 -0.05 -1.34 -41.19
CA LEU E 93 -1.27 -1.31 -41.96
C LEU E 93 -1.90 -2.66 -42.10
N GLY E 94 -1.38 -3.42 -43.06
CA GLY E 94 -1.95 -4.70 -43.46
C GLY E 94 -2.02 -5.68 -42.30
N SER E 95 -0.97 -5.73 -41.51
CA SER E 95 -0.93 -6.73 -40.45
C SER E 95 -1.91 -6.37 -39.31
N LEU E 96 -2.46 -5.15 -39.35
CA LEU E 96 -3.58 -4.80 -38.48
C LEU E 96 -4.85 -4.65 -39.27
N LEU E 97 -4.91 -5.29 -40.43
CA LEU E 97 -6.09 -5.28 -41.29
C LEU E 97 -6.56 -3.88 -41.66
N ARG E 98 -5.64 -3.00 -42.02
CA ARG E 98 -6.04 -1.69 -42.55
C ARG E 98 -5.18 -1.29 -43.73
N THR E 99 -5.63 -0.28 -44.45
CA THR E 99 -4.99 0.08 -45.71
C THR E 99 -5.06 1.57 -45.95
N VAL E 100 -4.13 2.13 -46.72
CA VAL E 100 -4.10 3.59 -46.96
C VAL E 100 -4.17 4.00 -48.45
N GLY E 101 -4.89 5.09 -48.72
CA GLY E 101 -4.87 5.73 -50.03
C GLY E 101 -4.25 7.08 -49.79
N LEU E 102 -2.98 7.24 -50.12
CA LEU E 102 -2.27 8.46 -49.73
C LEU E 102 -1.77 9.34 -50.86
N ARG E 103 -1.87 10.65 -50.67
CA ARG E 103 -1.10 11.63 -51.43
C ARG E 103 0.04 12.13 -50.57
N PHE E 104 1.15 12.57 -51.17
CA PHE E 104 2.25 13.09 -50.33
C PHE E 104 3.03 14.24 -50.95
N ALA E 105 3.53 15.12 -50.09
CA ALA E 105 4.48 16.13 -50.50
C ALA E 105 5.76 16.10 -49.65
N VAL E 106 6.88 16.36 -50.30
CA VAL E 106 8.16 16.59 -49.64
C VAL E 106 8.59 18.03 -49.96
N LEU E 107 8.75 18.86 -48.93
CA LEU E 107 9.12 20.28 -49.12
C LEU E 107 10.45 20.67 -48.46
N ARG E 108 11.40 21.19 -49.25
CA ARG E 108 12.74 21.57 -48.73
C ARG E 108 13.12 23.06 -48.85
N GLY E 109 13.55 23.67 -47.75
CA GLY E 109 14.03 25.06 -47.68
C GLY E 109 14.28 25.50 -46.23
N ASN E 110 14.49 26.81 -46.01
CA ASN E 110 14.77 27.36 -44.66
C ASN E 110 13.60 28.16 -44.07
N PRO E 111 12.91 27.59 -43.07
CA PRO E 111 11.74 28.22 -42.48
C PRO E 111 12.10 29.21 -41.36
N TYR E 112 13.39 29.28 -41.03
CA TYR E 112 13.82 30.12 -39.92
C TYR E 112 14.26 31.52 -40.43
N GLU E 113 14.07 32.56 -39.60
CA GLU E 113 14.51 33.92 -39.94
C GLU E 113 16.02 33.97 -40.15
N SER E 114 16.75 33.54 -39.11
CA SER E 114 18.20 33.36 -39.16
C SER E 114 18.61 32.28 -40.18
N GLU E 115 19.41 32.67 -41.17
CA GLU E 115 19.76 31.78 -42.29
C GLU E 115 20.96 30.88 -42.02
N ALA E 116 21.43 30.88 -40.77
CA ALA E 116 22.46 29.94 -40.33
C ALA E 116 21.80 28.63 -39.89
N GLU E 117 20.46 28.62 -39.88
CA GLU E 117 19.70 27.39 -39.56
C GLU E 117 19.77 26.32 -40.66
N GLY E 118 20.12 26.71 -41.89
CA GLY E 118 20.32 25.76 -42.98
C GLY E 118 18.99 25.28 -43.51
N ASP E 119 19.03 24.26 -44.38
CA ASP E 119 17.83 23.57 -44.87
C ASP E 119 17.18 22.65 -43.85
N TRP E 120 15.85 22.53 -44.00
CA TRP E 120 15.03 21.63 -43.22
C TRP E 120 14.14 20.90 -44.19
N ILE E 121 13.62 19.75 -43.78
CA ILE E 121 12.69 19.00 -44.63
C ILE E 121 11.35 18.75 -43.94
N ALA E 122 10.27 18.82 -44.71
CA ALA E 122 8.92 18.50 -44.21
C ALA E 122 8.34 17.47 -45.15
N VAL E 123 7.91 16.34 -44.59
CA VAL E 123 7.20 15.35 -45.36
C VAL E 123 5.76 15.38 -44.92
N SER E 124 4.83 15.58 -45.85
CA SER E 124 3.39 15.61 -45.55
C SER E 124 2.61 14.48 -46.21
N LEU E 125 1.60 13.95 -45.52
CA LEU E 125 0.85 12.82 -46.02
C LEU E 125 -0.62 13.00 -45.78
N TYR E 126 -1.43 12.91 -46.84
CA TYR E 126 -2.90 12.99 -46.71
C TYR E 126 -3.61 11.94 -47.58
N GLY E 127 -4.77 11.47 -47.10
CA GLY E 127 -5.51 10.46 -47.82
C GLY E 127 -6.50 9.80 -46.90
N THR E 128 -6.76 8.54 -47.15
CA THR E 128 -7.69 7.79 -46.33
C THR E 128 -7.00 6.60 -45.71
N ILE E 129 -7.57 6.17 -44.58
CA ILE E 129 -7.19 4.93 -43.93
C ILE E 129 -8.47 4.19 -43.61
N GLY E 130 -8.50 2.89 -43.87
CA GLY E 130 -9.66 2.13 -43.50
C GLY E 130 -9.47 0.65 -43.75
N ALA E 131 -10.60 -0.06 -43.72
CA ALA E 131 -10.66 -1.50 -43.99
C ALA E 131 -10.40 -1.78 -45.46
N PRO E 132 -10.04 -3.04 -45.82
CA PRO E 132 -9.84 -3.41 -47.23
C PRO E 132 -11.05 -3.28 -48.16
N ILE E 133 -12.25 -3.26 -47.58
CA ILE E 133 -13.49 -3.22 -48.36
C ILE E 133 -13.53 -1.88 -49.08
N LYS E 134 -14.61 -1.68 -49.85
CA LYS E 134 -14.93 -0.51 -50.68
C LYS E 134 -14.58 0.90 -50.17
N GLY E 135 -15.29 1.34 -49.12
CA GLY E 135 -15.28 2.73 -48.68
C GLY E 135 -15.59 2.75 -47.20
N LEU E 136 -15.02 1.76 -46.53
CA LEU E 136 -15.05 1.66 -45.08
C LEU E 136 -13.79 2.33 -44.56
N GLU E 137 -13.83 3.66 -44.38
CA GLU E 137 -12.61 4.47 -44.15
C GLU E 137 -12.88 5.90 -43.69
N HIS E 138 -11.95 6.46 -42.91
CA HIS E 138 -11.93 7.91 -42.66
C HIS E 138 -10.65 8.49 -43.18
N GLU E 139 -10.54 9.81 -43.08
CA GLU E 139 -9.35 10.55 -43.52
C GLU E 139 -8.14 10.26 -42.64
N THR E 140 -6.96 10.65 -43.11
CA THR E 140 -5.74 10.47 -42.32
C THR E 140 -4.66 11.43 -42.75
N PHE E 141 -3.78 11.79 -41.83
CA PHE E 141 -2.90 12.94 -42.02
C PHE E 141 -1.62 12.75 -41.22
N GLY E 142 -0.51 13.22 -41.78
CA GLY E 142 0.78 13.10 -41.11
C GLY E 142 1.83 14.06 -41.63
N VAL E 143 2.50 14.78 -40.73
CA VAL E 143 3.63 15.65 -41.11
C VAL E 143 4.86 15.37 -40.28
N GLY E 144 5.99 15.19 -40.93
CA GLY E 144 7.23 15.01 -40.20
C GLY E 144 8.29 16.00 -40.65
N ILE E 145 8.88 16.70 -39.68
CA ILE E 145 9.91 17.69 -39.93
C ILE E 145 11.27 17.34 -39.31
N ASN E 146 12.29 17.48 -40.14
CA ASN E 146 13.65 17.14 -39.80
C ASN E 146 14.63 18.09 -40.45
N HIS E 147 15.68 18.45 -39.71
CA HIS E 147 16.80 19.18 -40.29
C HIS E 147 17.56 18.36 -41.28
N ILE E 148 18.01 19.02 -42.40
CA ILE E 148 18.61 18.21 -43.48
C ILE E 148 19.99 18.70 -43.98
N THR F 2 22.89 -5.12 -4.35
CA THR F 2 24.01 -4.25 -4.86
C THR F 2 24.79 -4.98 -5.93
N LEU F 3 25.05 -4.29 -7.03
CA LEU F 3 25.83 -4.87 -8.13
C LEU F 3 27.32 -4.93 -7.80
N HIS F 4 27.88 -6.14 -7.87
CA HIS F 4 29.32 -6.36 -7.76
C HIS F 4 29.87 -5.60 -8.93
N LYS F 5 30.63 -4.54 -8.66
CA LYS F 5 31.12 -3.61 -9.69
C LYS F 5 32.20 -4.25 -10.57
N GLU F 6 32.78 -5.36 -10.10
CA GLU F 6 33.74 -6.14 -10.89
C GLU F 6 33.03 -7.10 -11.86
N ARG F 7 31.83 -7.55 -11.50
CA ARG F 7 31.10 -8.49 -12.32
C ARG F 7 29.81 -7.81 -12.78
N ARG F 8 29.90 -6.98 -13.81
CA ARG F 8 28.70 -6.35 -14.36
C ARG F 8 28.35 -7.02 -15.71
N ILE F 9 27.23 -7.75 -15.73
CA ILE F 9 26.93 -8.67 -16.81
C ILE F 9 26.65 -7.95 -18.13
N GLY F 10 25.97 -6.81 -18.03
CA GLY F 10 25.75 -5.92 -19.17
C GLY F 10 27.07 -5.42 -19.70
N ARG F 11 27.77 -4.64 -18.90
CA ARG F 11 29.07 -4.08 -19.31
C ARG F 11 29.97 -5.13 -19.96
N LEU F 12 30.04 -6.30 -19.32
CA LEU F 12 30.87 -7.41 -19.82
C LEU F 12 30.47 -7.84 -21.21
N SER F 13 29.19 -8.20 -21.36
CA SER F 13 28.61 -8.64 -22.62
C SER F 13 28.80 -7.65 -23.74
N VAL F 14 28.67 -6.37 -23.44
CA VAL F 14 28.87 -5.30 -24.44
C VAL F 14 30.34 -5.15 -24.91
N LEU F 15 31.25 -5.07 -23.98
CA LEU F 15 32.70 -5.15 -24.31
C LEU F 15 33.04 -6.36 -25.20
N LEU F 16 32.44 -7.51 -24.90
CA LEU F 16 32.65 -8.68 -25.73
C LEU F 16 32.27 -8.38 -27.17
N LEU F 17 31.16 -7.67 -27.39
CA LEU F 17 30.75 -7.38 -28.76
C LEU F 17 31.68 -6.40 -29.46
N LEU F 18 32.31 -5.53 -28.70
CA LEU F 18 33.04 -4.43 -29.29
C LEU F 18 34.52 -4.74 -29.53
N ASN F 19 34.96 -5.93 -29.11
CA ASN F 19 36.39 -6.24 -29.16
C ASN F 19 36.65 -7.50 -29.96
N GLU F 20 37.42 -7.39 -31.03
CA GLU F 20 37.69 -8.56 -31.88
C GLU F 20 38.89 -9.36 -31.30
N ALA F 21 38.69 -9.91 -30.09
CA ALA F 21 39.67 -10.76 -29.37
C ALA F 21 38.89 -11.86 -28.66
N GLN F 26 37.66 -13.53 -26.34
CA GLN F 26 37.60 -13.18 -24.92
C GLN F 26 36.68 -14.13 -24.14
N VAL F 27 35.98 -14.97 -24.89
CA VAL F 27 34.95 -15.87 -24.37
C VAL F 27 35.53 -16.76 -23.30
N GLU F 28 36.74 -17.22 -23.56
CA GLU F 28 37.49 -18.16 -22.70
C GLU F 28 37.64 -17.68 -21.23
N GLU F 29 38.18 -16.47 -21.07
CA GLU F 29 38.30 -15.78 -19.76
C GLU F 29 37.00 -15.79 -18.97
N LEU F 30 35.91 -15.38 -19.63
CA LEU F 30 34.62 -15.16 -18.99
C LEU F 30 34.06 -16.45 -18.48
N GLU F 31 34.27 -17.52 -19.24
CA GLU F 31 33.79 -18.85 -18.85
C GLU F 31 34.57 -19.33 -17.63
N ARG F 32 35.84 -18.97 -17.60
CA ARG F 32 36.68 -19.28 -16.45
C ARG F 32 36.26 -18.52 -15.18
N ASP F 33 35.67 -17.34 -15.33
CA ASP F 33 34.90 -16.74 -14.22
C ASP F 33 33.51 -17.39 -14.26
N GLY F 34 32.53 -16.80 -13.60
CA GLY F 34 31.22 -17.44 -13.53
C GLY F 34 30.35 -17.63 -14.78
N TRP F 35 30.79 -17.14 -15.94
CA TRP F 35 29.84 -16.89 -17.04
C TRP F 35 29.53 -18.04 -17.95
N LYS F 36 28.26 -18.15 -18.31
CA LYS F 36 27.94 -18.91 -19.50
C LYS F 36 27.79 -17.89 -20.65
N VAL F 37 28.47 -18.15 -21.76
CA VAL F 37 28.63 -17.16 -22.82
C VAL F 37 28.23 -17.74 -24.18
N CYS F 38 27.50 -16.99 -25.00
CA CYS F 38 27.54 -17.29 -26.41
C CYS F 38 27.53 -16.09 -27.33
N LEU F 39 28.05 -16.32 -28.52
CA LEU F 39 28.27 -15.25 -29.46
C LEU F 39 27.71 -15.69 -30.79
N GLY F 40 27.31 -14.74 -31.62
CA GLY F 40 26.63 -15.09 -32.83
C GLY F 40 26.52 -13.96 -33.81
N LYS F 41 26.28 -14.29 -35.08
CA LYS F 41 25.95 -13.29 -36.07
C LYS F 41 24.58 -13.57 -36.69
N VAL F 42 23.83 -12.52 -36.97
CA VAL F 42 22.58 -12.60 -37.77
C VAL F 42 22.33 -11.27 -38.47
N GLY F 43 21.95 -11.34 -39.74
CA GLY F 43 21.56 -10.18 -40.52
C GLY F 43 20.18 -10.49 -41.07
N SER F 44 19.24 -9.54 -40.93
CA SER F 44 17.88 -9.77 -41.39
C SER F 44 17.06 -8.52 -41.73
N MET F 45 15.99 -8.72 -42.49
CA MET F 45 14.94 -7.74 -42.66
C MET F 45 13.76 -8.18 -41.79
N ASP F 46 13.95 -9.26 -41.03
CA ASP F 46 12.91 -9.76 -40.14
C ASP F 46 13.37 -9.84 -38.71
N ALA F 47 12.73 -9.09 -37.84
CA ALA F 47 12.97 -9.20 -36.43
C ALA F 47 12.77 -10.63 -35.88
N HIS F 48 11.82 -11.39 -36.41
CA HIS F 48 11.51 -12.70 -35.81
C HIS F 48 12.68 -13.59 -36.01
N LYS F 49 13.47 -13.32 -37.04
CA LYS F 49 14.63 -14.16 -37.35
C LYS F 49 15.76 -13.89 -36.38
N VAL F 50 16.03 -12.60 -36.14
CA VAL F 50 16.99 -12.14 -35.13
C VAL F 50 16.65 -12.80 -33.78
N ILE F 51 15.37 -12.91 -33.46
CA ILE F 51 14.94 -13.48 -32.19
C ILE F 51 15.24 -14.96 -32.13
N ALA F 52 14.85 -15.67 -33.19
CA ALA F 52 15.21 -17.06 -33.48
C ALA F 52 16.73 -17.32 -33.48
N ALA F 53 17.52 -16.59 -34.28
CA ALA F 53 18.98 -16.84 -34.22
C ALA F 53 19.52 -16.83 -32.78
N ILE F 54 19.06 -15.88 -31.97
CA ILE F 54 19.50 -15.75 -30.58
C ILE F 54 19.02 -16.95 -29.76
N GLU F 55 17.82 -17.44 -30.04
CA GLU F 55 17.27 -18.54 -29.28
C GLU F 55 18.07 -19.82 -29.58
N THR F 56 18.23 -20.11 -30.87
CA THR F 56 18.93 -21.28 -31.37
C THR F 56 20.38 -21.31 -30.86
N ALA F 57 21.10 -20.22 -31.01
CA ALA F 57 22.51 -20.23 -30.62
C ALA F 57 22.66 -20.44 -29.11
N SER F 58 21.70 -19.93 -28.33
CA SER F 58 21.79 -20.03 -26.87
C SER F 58 21.37 -21.41 -26.44
N LYS F 59 20.61 -22.09 -27.29
CA LYS F 59 20.26 -23.48 -27.05
C LYS F 59 21.33 -24.50 -27.49
N LYS F 60 21.95 -24.28 -28.66
CA LYS F 60 23.10 -25.09 -29.10
C LYS F 60 24.21 -25.16 -28.04
N SER F 61 24.65 -24.00 -27.58
CA SER F 61 25.54 -23.93 -26.40
C SER F 61 24.69 -24.12 -25.15
N GLY F 62 25.28 -24.09 -23.98
CA GLY F 62 24.48 -24.44 -22.80
C GLY F 62 23.98 -23.24 -22.04
N VAL F 63 23.70 -22.15 -22.76
CA VAL F 63 23.45 -20.87 -22.11
C VAL F 63 22.10 -20.86 -21.49
N ILE F 64 21.13 -21.46 -22.16
CA ILE F 64 19.82 -21.70 -21.53
C ILE F 64 19.31 -23.13 -21.86
N GLN F 65 18.77 -23.83 -20.89
CA GLN F 65 18.33 -25.23 -21.09
C GLN F 65 17.31 -25.38 -22.23
N SER F 66 17.55 -26.35 -23.12
CA SER F 66 16.68 -26.61 -24.27
C SER F 66 15.23 -26.98 -23.94
N GLU F 67 14.94 -27.28 -22.68
CA GLU F 67 13.68 -27.93 -22.37
C GLU F 67 12.84 -27.14 -21.39
N GLY F 68 11.55 -27.04 -21.71
CA GLY F 68 10.60 -26.32 -20.87
C GLY F 68 10.50 -24.85 -21.25
N TYR F 69 9.68 -24.08 -20.53
CA TYR F 69 9.39 -22.69 -20.91
C TYR F 69 10.20 -21.63 -20.15
N ARG F 70 10.33 -21.82 -18.84
CA ARG F 70 11.01 -20.88 -17.96
C ARG F 70 12.22 -20.13 -18.60
N GLU F 71 13.21 -20.85 -19.10
CA GLU F 71 14.47 -20.20 -19.48
C GLU F 71 14.33 -19.53 -20.84
N SER F 72 13.40 -20.05 -21.63
CA SER F 72 13.15 -19.59 -22.94
C SER F 72 12.41 -18.27 -22.80
N HIS F 73 11.54 -18.22 -21.80
CA HIS F 73 10.72 -17.03 -21.52
C HIS F 73 11.58 -15.87 -21.10
N ALA F 74 12.60 -16.18 -20.31
CA ALA F 74 13.56 -15.20 -19.87
C ALA F 74 14.37 -14.69 -21.05
N LEU F 75 14.79 -15.58 -21.94
CA LEU F 75 15.53 -15.22 -23.12
C LEU F 75 14.67 -14.40 -24.09
N TYR F 76 13.40 -14.76 -24.19
CA TYR F 76 12.51 -14.04 -25.07
C TYR F 76 12.46 -12.60 -24.68
N HIS F 77 12.02 -12.36 -23.44
CA HIS F 77 11.81 -10.99 -22.98
C HIS F 77 13.03 -10.15 -22.94
N ALA F 78 14.18 -10.76 -22.62
CA ALA F 78 15.43 -9.99 -22.57
C ALA F 78 15.83 -9.54 -23.98
N THR F 79 15.62 -10.40 -24.97
CA THR F 79 15.85 -10.11 -26.39
C THR F 79 14.97 -8.95 -26.85
N MET F 80 13.65 -9.07 -26.66
CA MET F 80 12.75 -7.92 -26.89
C MET F 80 13.30 -6.60 -26.32
N GLU F 81 13.61 -6.57 -25.03
CA GLU F 81 14.16 -5.36 -24.40
C GLU F 81 15.38 -4.83 -25.16
N ALA F 82 16.28 -5.74 -25.53
CA ALA F 82 17.42 -5.36 -26.37
C ALA F 82 17.02 -4.79 -27.72
N LEU F 83 15.96 -5.33 -28.32
CA LEU F 83 15.48 -4.89 -29.62
C LEU F 83 14.94 -3.45 -29.56
N HIS F 84 14.61 -3.01 -28.35
CA HIS F 84 14.16 -1.64 -28.17
C HIS F 84 15.22 -0.64 -28.46
N GLY F 85 16.43 -0.89 -27.93
CA GLY F 85 17.72 -0.26 -28.30
C GLY F 85 17.95 -0.26 -29.81
N VAL F 86 17.86 -1.41 -30.47
CA VAL F 86 18.00 -1.48 -31.94
C VAL F 86 16.97 -0.67 -32.74
N THR F 87 15.68 -0.74 -32.37
CA THR F 87 14.57 -0.27 -33.23
C THR F 87 14.02 1.12 -32.90
N ARG F 88 14.27 1.57 -31.67
CA ARG F 88 14.06 2.94 -31.23
C ARG F 88 12.67 3.47 -31.54
N GLY F 89 11.65 2.65 -31.25
CA GLY F 89 10.29 3.15 -31.18
C GLY F 89 9.27 2.26 -31.75
N GLU F 90 9.57 1.68 -32.89
CA GLU F 90 8.72 0.69 -33.49
C GLU F 90 9.58 -0.53 -33.81
N MET F 91 9.14 -1.68 -33.33
CA MET F 91 10.01 -2.82 -33.31
C MET F 91 9.91 -3.54 -34.61
N LEU F 92 10.16 -2.80 -35.70
CA LEU F 92 9.99 -3.33 -37.05
C LEU F 92 11.15 -3.05 -37.97
N LEU F 93 11.40 -3.95 -38.91
CA LEU F 93 12.55 -3.82 -39.78
C LEU F 93 12.20 -3.67 -41.27
N GLY F 94 12.09 -4.78 -42.00
CA GLY F 94 11.73 -4.77 -43.40
C GLY F 94 10.37 -4.15 -43.53
N SER F 95 9.55 -4.35 -42.51
CA SER F 95 8.26 -3.70 -42.49
C SER F 95 8.25 -2.16 -42.50
N LEU F 96 9.41 -1.55 -42.25
CA LEU F 96 9.56 -0.10 -42.30
C LEU F 96 10.77 0.19 -43.14
N LEU F 97 11.02 -0.71 -44.06
CA LEU F 97 12.08 -0.57 -45.05
C LEU F 97 13.44 -0.30 -44.41
N ARG F 98 13.73 -0.96 -43.31
CA ARG F 98 15.12 -0.95 -42.81
C ARG F 98 15.61 -2.36 -42.53
N THR F 99 16.90 -2.46 -42.35
CA THR F 99 17.49 -3.78 -42.22
C THR F 99 18.66 -3.78 -41.26
N VAL F 100 19.03 -4.97 -40.76
CA VAL F 100 20.15 -5.07 -39.80
C VAL F 100 21.24 -6.07 -40.18
N GLY F 101 22.45 -5.79 -39.72
CA GLY F 101 23.57 -6.76 -39.65
C GLY F 101 24.13 -6.67 -38.23
N LEU F 102 23.95 -7.76 -37.46
CA LEU F 102 24.09 -7.72 -36.00
C LEU F 102 25.07 -8.77 -35.48
N ARG F 103 25.93 -8.40 -34.55
CA ARG F 103 26.58 -9.41 -33.71
C ARG F 103 25.74 -9.42 -32.45
N PHE F 104 25.64 -10.59 -31.81
CA PHE F 104 25.07 -10.64 -30.46
C PHE F 104 25.89 -11.46 -29.50
N ALA F 105 25.76 -11.10 -28.22
CA ALA F 105 26.20 -11.94 -27.15
C ALA F 105 25.05 -12.20 -26.23
N VAL F 106 25.04 -13.36 -25.61
CA VAL F 106 24.21 -13.64 -24.45
C VAL F 106 25.10 -14.14 -23.30
N LEU F 107 25.11 -13.44 -22.16
CA LEU F 107 25.77 -13.92 -20.99
C LEU F 107 24.77 -14.36 -19.90
N ARG F 108 25.23 -15.29 -19.06
CA ARG F 108 24.45 -15.80 -17.95
C ARG F 108 25.33 -16.04 -16.72
N GLY F 109 24.85 -15.58 -15.57
CA GLY F 109 25.57 -15.70 -14.32
C GLY F 109 25.01 -14.70 -13.33
N ASN F 110 25.54 -14.72 -12.11
CA ASN F 110 25.10 -13.84 -11.03
C ASN F 110 26.02 -12.66 -10.90
N PRO F 111 25.49 -11.45 -11.20
CA PRO F 111 26.21 -10.19 -11.10
C PRO F 111 26.11 -9.52 -9.70
N TYR F 112 25.28 -10.04 -8.81
CA TYR F 112 25.21 -9.43 -7.49
C TYR F 112 26.15 -10.08 -6.45
N GLU F 113 26.55 -9.30 -5.45
CA GLU F 113 27.25 -9.81 -4.28
C GLU F 113 26.46 -10.97 -3.66
N SER F 114 25.18 -10.73 -3.43
CA SER F 114 24.32 -11.71 -2.81
C SER F 114 24.19 -12.88 -3.75
N GLU F 115 24.90 -13.96 -3.44
CA GLU F 115 24.80 -15.18 -4.24
C GLU F 115 23.36 -15.76 -4.24
N ALA F 116 22.48 -15.18 -3.43
CA ALA F 116 21.06 -15.51 -3.46
C ALA F 116 20.30 -14.96 -4.70
N GLU F 117 20.82 -13.92 -5.34
CA GLU F 117 20.15 -13.28 -6.49
C GLU F 117 20.00 -14.15 -7.75
N GLY F 118 20.72 -15.26 -7.81
CA GLY F 118 20.57 -16.22 -8.89
C GLY F 118 21.22 -15.75 -10.18
N ASP F 119 20.95 -16.50 -11.23
CA ASP F 119 21.52 -16.24 -12.51
C ASP F 119 20.62 -15.23 -13.13
N TRP F 120 21.25 -14.32 -13.85
CA TRP F 120 20.56 -13.35 -14.67
C TRP F 120 21.07 -13.52 -16.04
N ILE F 121 20.40 -12.88 -16.98
CA ILE F 121 20.73 -13.04 -18.37
C ILE F 121 20.83 -11.65 -18.98
N ALA F 122 21.72 -11.51 -19.94
CA ALA F 122 21.93 -10.26 -20.63
C ALA F 122 21.99 -10.57 -22.10
N VAL F 123 21.23 -9.83 -22.89
CA VAL F 123 21.26 -10.04 -24.30
C VAL F 123 21.69 -8.73 -24.90
N SER F 124 22.84 -8.74 -25.58
CA SER F 124 23.39 -7.53 -26.20
C SER F 124 23.43 -7.63 -27.72
N LEU F 125 23.13 -6.53 -28.39
CA LEU F 125 23.04 -6.53 -29.85
C LEU F 125 23.88 -5.40 -30.39
N TYR F 126 24.72 -5.69 -31.38
CA TYR F 126 25.57 -4.66 -32.00
C TYR F 126 25.69 -4.82 -33.47
N GLY F 127 25.60 -3.72 -34.21
CA GLY F 127 25.76 -3.79 -35.65
C GLY F 127 25.32 -2.52 -36.32
N THR F 128 24.73 -2.68 -37.48
CA THR F 128 24.28 -1.53 -38.21
C THR F 128 22.83 -1.71 -38.50
N ILE F 129 22.16 -0.60 -38.73
CA ILE F 129 20.77 -0.60 -39.19
C ILE F 129 20.75 0.48 -40.25
N GLY F 130 20.09 0.19 -41.36
CA GLY F 130 20.01 1.12 -42.46
C GLY F 130 19.25 0.53 -43.62
N ALA F 131 19.41 1.12 -44.80
CA ALA F 131 18.80 0.60 -46.02
C ALA F 131 19.47 -0.71 -46.42
N PRO F 132 18.77 -1.54 -47.23
CA PRO F 132 19.38 -2.76 -47.83
C PRO F 132 20.85 -2.63 -48.34
N ILE F 133 21.20 -1.42 -48.79
CA ILE F 133 22.52 -1.01 -49.31
C ILE F 133 23.59 -0.67 -48.22
N LYS F 134 24.71 -1.38 -48.22
CA LYS F 134 25.81 -1.06 -47.28
C LYS F 134 26.24 0.42 -47.32
N GLY F 135 26.74 0.92 -46.20
CA GLY F 135 27.13 2.33 -46.09
C GLY F 135 25.93 3.27 -46.09
N LEU F 136 24.79 2.79 -46.61
CA LEU F 136 23.50 3.47 -46.38
C LEU F 136 22.83 3.09 -45.05
N GLU F 137 23.53 3.30 -43.94
CA GLU F 137 23.26 2.70 -42.64
C GLU F 137 24.10 3.36 -41.56
N HIS F 138 23.61 3.37 -40.33
CA HIS F 138 24.44 3.77 -39.19
C HIS F 138 24.49 2.65 -38.17
N GLU F 139 25.26 2.86 -37.11
CA GLU F 139 25.37 1.89 -36.03
C GLU F 139 24.08 1.77 -35.21
N THR F 140 24.05 0.74 -34.35
CA THR F 140 22.86 0.35 -33.56
C THR F 140 23.23 -0.66 -32.47
N PHE F 141 22.53 -0.50 -31.35
CA PHE F 141 22.86 -1.08 -30.06
C PHE F 141 21.62 -1.36 -29.24
N GLY F 142 21.60 -2.52 -28.59
CA GLY F 142 20.59 -2.78 -27.55
C GLY F 142 21.05 -3.81 -26.51
N VAL F 143 20.60 -3.62 -25.26
CA VAL F 143 20.88 -4.51 -24.15
C VAL F 143 19.59 -4.82 -23.36
N GLY F 144 19.30 -6.08 -23.16
CA GLY F 144 18.18 -6.52 -22.34
C GLY F 144 18.67 -7.45 -21.23
N ILE F 145 18.22 -7.15 -20.03
CA ILE F 145 18.63 -7.86 -18.86
C ILE F 145 17.41 -8.44 -18.16
N ASN F 146 17.50 -9.71 -17.79
CA ASN F 146 16.43 -10.40 -17.07
C ASN F 146 16.97 -11.45 -16.08
N HIS F 147 16.14 -11.81 -15.12
CA HIS F 147 16.47 -12.90 -14.25
C HIS F 147 16.07 -14.13 -14.99
N ILE F 148 16.74 -15.24 -14.64
CA ILE F 148 16.48 -16.52 -15.24
C ILE F 148 16.46 -17.59 -14.16
N THR G 2 -17.97 6.17 -49.82
CA THR G 2 -16.89 7.05 -49.29
C THR G 2 -17.43 8.40 -48.79
N LEU G 3 -16.54 9.40 -48.75
CA LEU G 3 -16.85 10.76 -48.28
C LEU G 3 -17.01 11.73 -49.48
N HIS G 4 -17.37 12.98 -49.22
CA HIS G 4 -17.62 13.88 -50.36
C HIS G 4 -16.39 14.65 -50.76
N LYS G 5 -16.17 14.68 -52.07
CA LYS G 5 -15.05 15.38 -52.71
C LYS G 5 -14.91 16.83 -52.25
N GLU G 6 -15.99 17.45 -51.80
CA GLU G 6 -15.90 18.78 -51.19
C GLU G 6 -16.36 18.95 -49.73
N ARG G 7 -16.79 17.87 -49.09
CA ARG G 7 -17.00 17.88 -47.63
C ARG G 7 -16.35 16.70 -46.86
N ARG G 8 -15.03 16.61 -47.04
CA ARG G 8 -14.16 15.69 -46.29
C ARG G 8 -13.66 16.42 -45.04
N ILE G 9 -14.25 16.06 -43.92
CA ILE G 9 -14.21 16.84 -42.68
C ILE G 9 -12.80 17.12 -42.13
N GLY G 10 -11.96 16.09 -42.10
CA GLY G 10 -10.55 16.31 -41.84
C GLY G 10 -9.99 17.39 -42.74
N ARG G 11 -10.07 17.21 -44.04
CA ARG G 11 -9.43 18.18 -44.96
C ARG G 11 -9.87 19.62 -44.64
N LEU G 12 -11.15 19.77 -44.27
CA LEU G 12 -11.72 21.07 -43.92
C LEU G 12 -11.18 21.67 -42.63
N SER G 13 -11.27 20.90 -41.53
CA SER G 13 -10.68 21.28 -40.23
C SER G 13 -9.24 21.70 -40.37
N VAL G 14 -8.56 21.15 -41.37
CA VAL G 14 -7.18 21.52 -41.65
C VAL G 14 -7.06 22.83 -42.43
N LEU G 15 -7.63 22.87 -43.64
CA LEU G 15 -7.59 24.06 -44.49
C LEU G 15 -8.02 25.29 -43.71
N LEU G 16 -8.98 25.09 -42.80
CA LEU G 16 -9.42 26.15 -41.89
C LEU G 16 -8.32 26.56 -40.92
N LEU G 17 -7.89 25.64 -40.06
CA LEU G 17 -6.93 25.92 -38.98
C LEU G 17 -5.64 26.59 -39.47
N LEU G 18 -5.26 26.35 -40.71
CA LEU G 18 -4.09 27.00 -41.25
C LEU G 18 -4.40 28.28 -42.00
N ASN G 19 -5.62 28.80 -41.81
CA ASN G 19 -6.05 30.06 -42.44
C ASN G 19 -6.80 31.04 -41.52
N GLU G 20 -6.05 31.75 -40.67
CA GLU G 20 -6.54 32.85 -39.80
C GLU G 20 -7.63 32.42 -38.82
N GLN G 26 -15.12 32.68 -42.94
CA GLN G 26 -14.27 31.56 -42.50
C GLN G 26 -15.07 30.57 -41.65
N VAL G 27 -15.06 30.77 -40.33
CA VAL G 27 -15.94 29.99 -39.44
C VAL G 27 -17.34 29.94 -40.07
N GLU G 28 -17.65 30.92 -40.94
CA GLU G 28 -19.00 31.14 -41.47
C GLU G 28 -19.54 30.06 -42.45
N GLU G 29 -18.88 29.90 -43.60
CA GLU G 29 -19.34 28.95 -44.63
C GLU G 29 -19.58 27.54 -44.05
N LEU G 30 -18.71 27.11 -43.15
CA LEU G 30 -18.78 25.75 -42.62
C LEU G 30 -19.95 25.56 -41.69
N GLU G 31 -20.26 26.61 -40.93
CA GLU G 31 -21.40 26.60 -40.01
C GLU G 31 -22.71 26.51 -40.80
N ARG G 32 -22.72 27.19 -41.95
CA ARG G 32 -23.84 27.21 -42.90
C ARG G 32 -24.17 25.81 -43.48
N ASP G 33 -23.15 24.97 -43.67
CA ASP G 33 -23.37 23.55 -43.93
C ASP G 33 -23.62 22.88 -42.56
N GLY G 34 -23.52 21.56 -42.47
CA GLY G 34 -23.92 20.88 -41.24
C GLY G 34 -23.01 20.98 -40.02
N TRP G 35 -21.85 21.62 -40.19
CA TRP G 35 -20.77 21.63 -39.18
C TRP G 35 -20.99 22.39 -37.91
N LYS G 36 -20.88 21.67 -36.81
CA LYS G 36 -20.66 22.27 -35.51
C LYS G 36 -19.12 22.45 -35.42
N VAL G 37 -18.66 23.70 -35.38
CA VAL G 37 -17.23 24.06 -35.44
C VAL G 37 -16.68 24.83 -34.24
N CYS G 38 -15.44 24.53 -33.82
CA CYS G 38 -14.87 24.99 -32.54
C CYS G 38 -13.36 25.24 -32.64
N LEU G 39 -12.93 26.50 -32.45
CA LEU G 39 -11.51 26.90 -32.48
C LEU G 39 -10.92 27.18 -31.08
N GLY G 40 -9.59 27.14 -30.96
CA GLY G 40 -8.94 27.18 -29.64
C GLY G 40 -7.44 27.31 -29.68
N LYS G 41 -6.85 27.82 -28.61
CA LYS G 41 -5.40 27.84 -28.46
C LYS G 41 -5.08 27.30 -27.10
N VAL G 42 -3.98 26.53 -27.02
CA VAL G 42 -3.43 26.07 -25.74
C VAL G 42 -1.91 25.95 -25.89
N GLY G 43 -1.20 26.34 -24.84
CA GLY G 43 0.26 26.32 -24.78
C GLY G 43 0.55 25.71 -23.45
N SER G 44 1.34 24.65 -23.44
CA SER G 44 1.46 23.88 -22.23
C SER G 44 2.60 22.92 -22.40
N MET G 45 2.97 22.27 -21.32
CA MET G 45 4.03 21.30 -21.27
C MET G 45 3.44 20.11 -20.52
N ASP G 46 2.14 20.21 -20.27
CA ASP G 46 1.33 19.06 -19.87
C ASP G 46 0.43 18.66 -21.04
N ALA G 47 0.40 17.36 -21.33
CA ALA G 47 -0.55 16.82 -22.26
C ALA G 47 -1.92 16.86 -21.58
N HIS G 48 -1.96 16.49 -20.30
CA HIS G 48 -3.23 16.50 -19.56
C HIS G 48 -3.91 17.85 -19.62
N LYS G 49 -3.13 18.89 -19.87
CA LYS G 49 -3.66 20.20 -20.13
C LYS G 49 -4.30 20.36 -21.52
N VAL G 50 -3.58 19.99 -22.56
CA VAL G 50 -4.10 20.12 -23.94
C VAL G 50 -5.42 19.36 -24.12
N ILE G 51 -5.47 18.17 -23.52
CA ILE G 51 -6.67 17.33 -23.52
C ILE G 51 -7.84 18.07 -22.82
N ALA G 52 -7.58 18.59 -21.61
CA ALA G 52 -8.52 19.44 -20.87
C ALA G 52 -9.01 20.70 -21.63
N ALA G 53 -8.09 21.52 -22.14
CA ALA G 53 -8.46 22.65 -22.99
C ALA G 53 -9.43 22.26 -24.10
N ILE G 54 -9.13 21.19 -24.84
CA ILE G 54 -9.97 20.68 -25.94
C ILE G 54 -11.37 20.20 -25.48
N GLU G 55 -11.41 19.44 -24.38
CA GLU G 55 -12.65 19.01 -23.79
C GLU G 55 -13.55 20.21 -23.53
N THR G 56 -12.95 21.27 -22.97
CA THR G 56 -13.62 22.54 -22.62
C THR G 56 -14.17 23.27 -23.84
N ALA G 57 -13.30 23.71 -24.74
CA ALA G 57 -13.81 24.41 -25.91
C ALA G 57 -14.92 23.64 -26.65
N SER G 58 -14.99 22.32 -26.45
CA SER G 58 -15.91 21.47 -27.24
C SER G 58 -17.35 21.38 -26.67
N LYS G 59 -17.44 21.36 -25.35
CA LYS G 59 -18.72 21.53 -24.72
C LYS G 59 -19.11 23.02 -24.74
N LYS G 60 -18.11 23.89 -24.70
CA LYS G 60 -18.30 25.35 -24.61
C LYS G 60 -18.98 25.91 -25.84
N SER G 61 -18.42 25.73 -27.03
CA SER G 61 -19.22 25.98 -28.21
C SER G 61 -20.15 24.77 -28.44
N GLY G 62 -20.92 24.77 -29.52
CA GLY G 62 -22.03 23.82 -29.62
C GLY G 62 -21.65 22.38 -29.87
N VAL G 63 -20.34 22.14 -29.90
CA VAL G 63 -19.75 20.97 -30.53
C VAL G 63 -20.09 19.62 -29.89
N ILE G 64 -20.03 19.50 -28.56
CA ILE G 64 -20.54 18.28 -27.91
C ILE G 64 -21.40 18.52 -26.65
N GLN G 65 -22.41 17.65 -26.50
CA GLN G 65 -23.27 17.56 -25.30
C GLN G 65 -22.45 17.50 -24.03
N SER G 66 -22.83 18.32 -23.04
CA SER G 66 -22.04 18.46 -21.81
C SER G 66 -22.31 17.34 -20.75
N GLU G 67 -23.55 16.84 -20.70
CA GLU G 67 -23.88 15.66 -19.85
C GLU G 67 -23.76 14.32 -20.60
N GLY G 68 -23.47 13.26 -19.84
CA GLY G 68 -23.24 11.94 -20.41
C GLY G 68 -21.78 11.71 -20.77
N TYR G 69 -21.49 10.47 -21.11
CA TYR G 69 -20.13 10.04 -21.36
C TYR G 69 -19.96 9.84 -22.85
N ARG G 70 -21.01 9.31 -23.49
CA ARG G 70 -21.05 9.00 -24.93
C ARG G 70 -20.26 9.97 -25.78
N GLU G 71 -20.66 11.24 -25.77
CA GLU G 71 -20.06 12.19 -26.71
C GLU G 71 -18.67 12.59 -26.26
N SER G 72 -18.46 12.47 -24.96
CA SER G 72 -17.21 12.72 -24.29
C SER G 72 -16.08 11.75 -24.68
N HIS G 73 -16.37 10.46 -24.46
CA HIS G 73 -15.50 9.34 -24.82
C HIS G 73 -15.12 9.44 -26.27
N ALA G 74 -16.02 9.93 -27.11
CA ALA G 74 -15.72 10.14 -28.53
C ALA G 74 -14.58 11.15 -28.72
N LEU G 75 -14.61 12.24 -27.97
CA LEU G 75 -13.61 13.30 -28.18
C LEU G 75 -12.28 12.91 -27.53
N TYR G 76 -12.33 12.30 -26.35
CA TYR G 76 -11.09 11.88 -25.69
C TYR G 76 -10.22 11.07 -26.63
N HIS G 77 -10.79 10.00 -27.19
CA HIS G 77 -10.05 9.20 -28.17
C HIS G 77 -9.76 9.97 -29.49
N ALA G 78 -10.65 10.84 -29.95
CA ALA G 78 -10.28 11.67 -31.12
C ALA G 78 -9.08 12.58 -30.83
N THR G 79 -8.94 12.96 -29.57
CA THR G 79 -7.88 13.89 -29.17
C THR G 79 -6.54 13.19 -29.11
N MET G 80 -6.48 12.06 -28.38
CA MET G 80 -5.31 11.17 -28.36
C MET G 80 -4.76 11.06 -29.75
N GLU G 81 -5.65 10.63 -30.63
CA GLU G 81 -5.27 10.25 -31.96
C GLU G 81 -4.55 11.41 -32.60
N ALA G 82 -5.04 12.62 -32.32
CA ALA G 82 -4.47 13.84 -32.85
C ALA G 82 -3.09 14.07 -32.23
N LEU G 83 -2.99 13.86 -30.93
CA LEU G 83 -1.76 14.03 -30.23
C LEU G 83 -0.64 13.09 -30.72
N HIS G 84 -0.97 12.05 -31.47
CA HIS G 84 0.01 11.12 -32.05
C HIS G 84 0.86 11.78 -33.06
N GLY G 85 0.22 12.41 -34.03
CA GLY G 85 0.91 13.22 -35.01
C GLY G 85 1.80 14.23 -34.34
N VAL G 86 1.34 14.77 -33.21
CA VAL G 86 2.09 15.83 -32.52
C VAL G 86 3.28 15.30 -31.75
N THR G 87 3.00 14.34 -30.86
CA THR G 87 4.01 13.72 -30.02
C THR G 87 4.96 12.76 -30.77
N ARG G 88 4.58 12.34 -32.00
CA ARG G 88 5.35 11.39 -32.85
C ARG G 88 6.11 10.30 -32.06
N GLY G 89 5.44 9.65 -31.10
CA GLY G 89 5.94 8.38 -30.53
C GLY G 89 5.70 8.18 -29.06
N GLU G 90 5.91 9.24 -28.29
CA GLU G 90 5.67 9.20 -26.87
C GLU G 90 4.82 10.42 -26.55
N MET G 91 3.69 10.23 -25.89
CA MET G 91 2.75 11.32 -25.71
C MET G 91 3.11 12.04 -24.42
N LEU G 92 4.22 12.77 -24.52
CA LEU G 92 4.82 13.40 -23.37
C LEU G 92 5.42 14.71 -23.82
N LEU G 93 5.20 15.72 -22.98
CA LEU G 93 5.73 17.06 -23.23
C LEU G 93 6.83 17.47 -22.28
N GLY G 94 6.45 18.01 -21.12
CA GLY G 94 7.43 18.60 -20.20
C GLY G 94 8.25 17.48 -19.60
N SER G 95 7.58 16.37 -19.35
CA SER G 95 8.26 15.24 -18.79
C SER G 95 9.21 14.66 -19.83
N LEU G 96 9.20 15.18 -21.07
CA LEU G 96 10.30 14.91 -22.04
C LEU G 96 11.01 16.18 -22.46
N LEU G 97 10.84 17.23 -21.64
CA LEU G 97 11.52 18.52 -21.82
C LEU G 97 11.27 19.14 -23.19
N ARG G 98 10.00 19.17 -23.57
CA ARG G 98 9.54 19.87 -24.75
C ARG G 98 8.19 20.49 -24.43
N THR G 99 7.81 21.46 -25.25
CA THR G 99 6.59 22.22 -24.99
C THR G 99 5.89 22.63 -26.29
N VAL G 100 4.61 22.96 -26.20
CA VAL G 100 3.78 23.11 -27.40
C VAL G 100 3.16 24.49 -27.40
N GLY G 101 3.09 25.06 -28.60
CA GLY G 101 2.24 26.20 -28.90
C GLY G 101 1.28 25.82 -30.01
N LEU G 102 0.05 25.45 -29.62
CA LEU G 102 -0.98 24.86 -30.52
C LEU G 102 -2.28 25.66 -30.70
N ARG G 103 -2.68 25.77 -31.96
CA ARG G 103 -4.06 26.13 -32.32
C ARG G 103 -4.81 24.82 -32.58
N PHE G 104 -5.91 24.55 -31.87
CA PHE G 104 -6.77 23.40 -32.22
C PHE G 104 -8.06 23.74 -32.99
N ALA G 105 -8.39 22.95 -34.01
CA ALA G 105 -9.69 23.07 -34.69
C ALA G 105 -10.53 21.81 -34.52
N VAL G 106 -11.83 21.97 -34.29
CA VAL G 106 -12.71 20.81 -34.14
C VAL G 106 -14.01 20.85 -34.96
N LEU G 107 -14.33 19.74 -35.61
CA LEU G 107 -15.54 19.64 -36.40
C LEU G 107 -16.43 18.49 -35.96
N ARG G 108 -17.69 18.57 -36.37
CA ARG G 108 -18.67 17.54 -36.12
C ARG G 108 -19.74 17.73 -37.19
N GLY G 109 -20.22 16.63 -37.72
CA GLY G 109 -21.16 16.61 -38.84
C GLY G 109 -21.05 15.25 -39.51
N ASN G 110 -21.82 15.04 -40.58
CA ASN G 110 -21.76 13.77 -41.29
C ASN G 110 -21.01 13.95 -42.62
N PRO G 111 -19.85 13.27 -42.75
CA PRO G 111 -18.98 13.36 -43.92
C PRO G 111 -19.19 12.29 -44.98
N TYR G 112 -20.23 11.47 -44.81
CA TYR G 112 -20.52 10.37 -45.73
C TYR G 112 -21.84 10.60 -46.47
N GLU G 113 -21.99 9.96 -47.64
CA GLU G 113 -23.19 10.09 -48.46
C GLU G 113 -24.44 9.66 -47.67
N SER G 114 -24.41 8.47 -47.07
CA SER G 114 -25.56 7.96 -46.29
C SER G 114 -25.80 8.68 -44.96
N GLU G 115 -27.03 9.15 -44.77
CA GLU G 115 -27.49 9.77 -43.52
C GLU G 115 -27.41 8.82 -42.32
N ALA G 116 -27.39 7.51 -42.57
CA ALA G 116 -27.36 6.52 -41.48
C ALA G 116 -26.00 6.48 -40.79
N GLU G 117 -25.01 7.11 -41.43
CA GLU G 117 -23.64 7.20 -40.89
C GLU G 117 -23.52 8.07 -39.62
N GLY G 118 -24.49 8.96 -39.41
CA GLY G 118 -24.54 9.79 -38.21
C GLY G 118 -23.44 10.82 -38.16
N ASP G 119 -23.19 11.34 -36.97
CA ASP G 119 -22.16 12.35 -36.75
C ASP G 119 -20.75 11.77 -36.61
N TRP G 120 -19.76 12.56 -37.05
CA TRP G 120 -18.34 12.23 -36.90
C TRP G 120 -17.54 13.43 -36.46
N ILE G 121 -16.59 13.17 -35.56
CA ILE G 121 -15.76 14.25 -35.03
C ILE G 121 -14.31 14.20 -35.53
N ALA G 122 -13.81 15.38 -35.88
CA ALA G 122 -12.44 15.59 -36.27
C ALA G 122 -11.76 16.58 -35.31
N VAL G 123 -10.60 16.22 -34.75
CA VAL G 123 -9.77 17.18 -34.02
C VAL G 123 -8.48 17.40 -34.80
N SER G 124 -8.20 18.64 -35.21
CA SER G 124 -6.94 19.01 -35.88
C SER G 124 -6.05 19.89 -34.97
N LEU G 125 -4.73 19.75 -35.06
CA LEU G 125 -3.87 20.45 -34.12
C LEU G 125 -2.72 20.95 -34.91
N TYR G 126 -2.39 22.21 -34.69
CA TYR G 126 -1.31 22.85 -35.41
C TYR G 126 -0.60 23.90 -34.62
N GLY G 127 0.70 24.01 -34.89
CA GLY G 127 1.56 24.95 -34.22
C GLY G 127 3.00 24.48 -34.18
N THR G 128 3.58 24.60 -32.99
CA THR G 128 4.99 24.32 -32.83
C THR G 128 5.25 23.49 -31.61
N ILE G 129 6.37 22.76 -31.71
CA ILE G 129 6.93 22.04 -30.57
C ILE G 129 8.44 22.30 -30.59
N GLY G 130 8.97 22.52 -29.40
CA GLY G 130 10.39 22.82 -29.19
C GLY G 130 10.69 22.89 -27.69
N ALA G 131 11.79 23.55 -27.35
CA ALA G 131 12.25 23.65 -25.96
C ALA G 131 11.36 24.59 -25.15
N PRO G 132 11.41 24.47 -23.80
CA PRO G 132 10.67 25.38 -22.91
C PRO G 132 10.97 26.88 -23.11
N ILE G 133 12.21 27.21 -23.43
CA ILE G 133 12.60 28.58 -23.82
C ILE G 133 12.15 28.81 -25.28
N LYS G 134 11.31 29.83 -25.51
CA LYS G 134 10.73 30.08 -26.84
C LYS G 134 11.79 30.41 -27.92
N GLY G 135 11.39 30.30 -29.20
CA GLY G 135 12.30 30.45 -30.35
C GLY G 135 12.95 29.16 -30.83
N LEU G 136 12.99 28.15 -29.95
CA LEU G 136 13.59 26.85 -30.24
C LEU G 136 12.54 25.77 -30.52
N GLU G 137 12.05 25.76 -31.76
CA GLU G 137 10.90 24.96 -32.15
C GLU G 137 10.86 24.75 -33.65
N HIS G 138 10.19 23.68 -34.08
CA HIS G 138 9.78 23.48 -35.47
C HIS G 138 8.33 23.23 -35.39
N GLU G 139 7.67 23.08 -36.54
CA GLU G 139 6.22 22.79 -36.54
C GLU G 139 5.84 21.41 -35.96
N THR G 140 4.58 21.27 -35.59
CA THR G 140 4.01 19.98 -35.26
C THR G 140 2.60 19.99 -35.81
N PHE G 141 1.97 18.80 -35.92
CA PHE G 141 0.65 18.57 -36.58
C PHE G 141 -0.05 17.31 -36.10
N GLY G 142 -1.35 17.36 -35.87
CA GLY G 142 -2.09 16.15 -35.53
C GLY G 142 -3.52 16.17 -36.03
N VAL G 143 -3.99 15.11 -36.67
CA VAL G 143 -5.39 15.01 -37.00
C VAL G 143 -5.94 13.69 -36.54
N GLY G 144 -7.12 13.71 -35.90
CA GLY G 144 -7.72 12.49 -35.34
C GLY G 144 -9.21 12.45 -35.60
N ILE G 145 -9.70 11.29 -35.99
CA ILE G 145 -11.09 11.20 -36.43
C ILE G 145 -11.78 10.08 -35.72
N ASN G 146 -13.01 10.31 -35.27
CA ASN G 146 -13.79 9.28 -34.58
C ASN G 146 -15.27 9.43 -34.85
N HIS G 147 -16.02 8.34 -34.74
CA HIS G 147 -17.48 8.41 -34.85
C HIS G 147 -18.03 8.94 -33.57
N ILE G 148 -19.09 9.77 -33.67
CA ILE G 148 -19.76 10.31 -32.47
C ILE G 148 -21.26 10.05 -32.43
N THR H 2 3.37 -26.93 -20.98
CA THR H 2 1.92 -26.74 -21.31
C THR H 2 1.03 -26.66 -20.06
N LEU H 3 -0.14 -26.04 -20.22
CA LEU H 3 -1.08 -25.72 -19.14
C LEU H 3 -2.22 -26.74 -18.97
N HIS H 4 -2.92 -26.66 -17.82
CA HIS H 4 -4.09 -27.51 -17.52
C HIS H 4 -5.27 -26.68 -17.02
N LYS H 5 -6.48 -27.08 -17.42
CA LYS H 5 -7.71 -26.26 -17.27
C LYS H 5 -8.05 -25.66 -15.89
N GLU H 6 -7.61 -26.30 -14.81
CA GLU H 6 -7.90 -25.81 -13.46
C GLU H 6 -6.78 -24.92 -12.95
N ARG H 7 -5.54 -25.29 -13.29
CA ARG H 7 -4.34 -24.58 -12.86
C ARG H 7 -3.82 -23.53 -13.88
N ARG H 8 -4.74 -22.99 -14.67
CA ARG H 8 -4.46 -21.77 -15.43
C ARG H 8 -4.56 -20.49 -14.59
N ILE H 9 -3.43 -20.24 -13.92
CA ILE H 9 -3.13 -19.09 -13.07
C ILE H 9 -3.71 -17.78 -13.54
N GLY H 10 -3.50 -17.50 -14.82
CA GLY H 10 -4.01 -16.30 -15.43
C GLY H 10 -5.48 -16.19 -15.16
N ARG H 11 -6.25 -17.21 -15.54
CA ARG H 11 -7.71 -17.13 -15.44
C ARG H 11 -8.19 -17.06 -13.99
N LEU H 12 -7.79 -18.07 -13.21
CA LEU H 12 -8.06 -18.12 -11.77
C LEU H 12 -7.89 -16.73 -11.14
N SER H 13 -6.78 -16.08 -11.45
CA SER H 13 -6.53 -14.75 -10.91
C SER H 13 -7.56 -13.69 -11.37
N VAL H 14 -8.08 -13.82 -12.59
CA VAL H 14 -9.07 -12.84 -13.07
C VAL H 14 -10.44 -13.12 -12.47
N LEU H 15 -10.87 -14.37 -12.63
CA LEU H 15 -12.11 -14.91 -12.10
C LEU H 15 -12.28 -14.50 -10.65
N LEU H 16 -11.18 -14.57 -9.90
CA LEU H 16 -11.11 -14.13 -8.50
C LEU H 16 -11.57 -12.68 -8.35
N LEU H 17 -10.95 -11.81 -9.12
CA LEU H 17 -11.30 -10.39 -9.14
C LEU H 17 -12.77 -10.12 -9.47
N LEU H 18 -13.39 -11.01 -10.23
CA LEU H 18 -14.70 -10.73 -10.80
C LEU H 18 -15.89 -11.20 -9.98
N ASN H 19 -15.62 -11.88 -8.87
CA ASN H 19 -16.69 -12.25 -7.96
C ASN H 19 -16.52 -11.59 -6.60
N GLU H 20 -17.56 -10.82 -6.25
CA GLU H 20 -17.59 -10.01 -5.03
C GLU H 20 -18.08 -10.81 -3.80
N ALA H 21 -18.74 -11.94 -4.04
CA ALA H 21 -19.16 -12.83 -2.95
C ALA H 21 -17.98 -13.69 -2.51
N GLN H 26 -12.80 -17.65 -2.98
CA GLN H 26 -12.00 -18.78 -3.44
C GLN H 26 -10.51 -18.66 -3.04
N VAL H 27 -10.18 -17.63 -2.25
CA VAL H 27 -8.80 -17.39 -1.77
C VAL H 27 -8.25 -18.58 -0.97
N GLU H 28 -9.03 -19.05 0.00
CA GLU H 28 -8.65 -20.24 0.78
C GLU H 28 -8.58 -21.48 -0.10
N GLU H 29 -9.62 -21.68 -0.92
CA GLU H 29 -9.68 -22.81 -1.84
C GLU H 29 -8.40 -22.90 -2.68
N LEU H 30 -7.89 -21.74 -3.11
CA LEU H 30 -6.69 -21.64 -3.91
C LEU H 30 -5.44 -22.09 -3.14
N GLU H 31 -5.39 -21.75 -1.86
CA GLU H 31 -4.20 -21.99 -1.06
C GLU H 31 -4.04 -23.48 -0.71
N ARG H 32 -5.17 -24.15 -0.44
CA ARG H 32 -5.18 -25.60 -0.21
C ARG H 32 -4.60 -26.35 -1.43
N ASP H 33 -4.54 -25.66 -2.57
CA ASP H 33 -4.03 -26.22 -3.84
C ASP H 33 -2.52 -26.03 -3.99
N GLY H 34 -2.01 -24.87 -3.61
CA GLY H 34 -0.59 -24.58 -3.71
C GLY H 34 -0.29 -23.17 -4.18
N TRP H 35 -1.34 -22.41 -4.50
CA TRP H 35 -1.17 -21.02 -4.88
C TRP H 35 -0.96 -20.15 -3.67
N LYS H 36 0.06 -19.29 -3.75
CA LYS H 36 0.24 -18.17 -2.81
C LYS H 36 -0.36 -16.91 -3.45
N VAL H 37 -1.41 -16.41 -2.82
CA VAL H 37 -2.21 -15.35 -3.42
C VAL H 37 -2.36 -14.14 -2.49
N CYS H 38 -2.95 -13.06 -3.03
CA CYS H 38 -2.96 -11.73 -2.45
C CYS H 38 -4.01 -10.91 -3.23
N LEU H 39 -4.99 -10.34 -2.52
CA LEU H 39 -5.97 -9.41 -3.13
C LEU H 39 -5.78 -7.97 -2.65
N GLY H 40 -6.09 -7.00 -3.50
CA GLY H 40 -6.05 -5.60 -3.06
C GLY H 40 -6.94 -4.65 -3.85
N LYS H 41 -6.95 -3.41 -3.41
CA LYS H 41 -7.71 -2.37 -4.08
C LYS H 41 -6.88 -1.09 -4.08
N VAL H 42 -7.08 -0.24 -5.10
CA VAL H 42 -6.34 1.03 -5.26
C VAL H 42 -7.03 1.89 -6.30
N GLY H 43 -7.08 3.18 -5.99
CA GLY H 43 -7.49 4.24 -6.91
C GLY H 43 -6.51 5.37 -6.97
N SER H 44 -6.17 5.81 -8.18
CA SER H 44 -5.20 6.89 -8.43
C SER H 44 -5.26 7.47 -9.85
N MET H 45 -4.44 8.51 -10.03
CA MET H 45 -4.18 9.18 -11.30
C MET H 45 -2.67 9.19 -11.63
N ASP H 46 -1.87 8.51 -10.82
CA ASP H 46 -0.48 8.24 -11.19
C ASP H 46 -0.25 6.74 -11.24
N ALA H 47 0.32 6.30 -12.36
CA ALA H 47 0.66 4.90 -12.55
C ALA H 47 1.51 4.31 -11.42
N HIS H 48 2.43 5.13 -10.91
CA HIS H 48 3.41 4.65 -9.95
C HIS H 48 2.78 4.18 -8.66
N LYS H 49 1.70 4.84 -8.23
CA LYS H 49 0.94 4.44 -7.04
C LYS H 49 0.41 3.00 -7.15
N VAL H 50 -0.02 2.66 -8.35
CA VAL H 50 -0.65 1.38 -8.62
C VAL H 50 0.40 0.27 -8.44
N ILE H 51 1.59 0.53 -8.97
CA ILE H 51 2.75 -0.38 -8.82
C ILE H 51 3.12 -0.58 -7.35
N ALA H 52 3.29 0.56 -6.65
CA ALA H 52 3.56 0.69 -5.21
C ALA H 52 2.61 -0.14 -4.37
N ALA H 53 1.31 0.06 -4.61
CA ALA H 53 0.28 -0.66 -3.88
C ALA H 53 0.53 -2.13 -4.04
N ILE H 54 0.75 -2.53 -5.29
CA ILE H 54 0.85 -3.93 -5.62
C ILE H 54 2.14 -4.52 -5.07
N GLU H 55 3.20 -3.71 -5.01
CA GLU H 55 4.47 -4.20 -4.47
C GLU H 55 4.39 -4.47 -2.96
N THR H 56 4.01 -3.41 -2.23
CA THR H 56 3.59 -3.44 -0.82
C THR H 56 2.75 -4.67 -0.39
N ALA H 57 1.58 -4.85 -1.01
CA ALA H 57 0.69 -5.95 -0.66
C ALA H 57 1.36 -7.31 -0.87
N SER H 58 2.19 -7.40 -1.89
CA SER H 58 2.77 -8.66 -2.33
C SER H 58 3.96 -9.06 -1.47
N LYS H 59 4.59 -8.06 -0.87
CA LYS H 59 5.67 -8.26 0.08
C LYS H 59 5.13 -8.55 1.46
N LYS H 60 4.16 -7.74 1.92
CA LYS H 60 3.57 -7.89 3.25
C LYS H 60 2.91 -9.25 3.46
N SER H 61 1.98 -9.65 2.59
CA SER H 61 1.53 -11.05 2.62
C SER H 61 2.50 -11.80 1.70
N GLY H 62 3.11 -12.88 2.18
CA GLY H 62 4.35 -13.41 1.55
C GLY H 62 4.29 -13.99 0.15
N VAL H 63 3.65 -13.27 -0.78
CA VAL H 63 3.56 -13.65 -2.19
C VAL H 63 4.95 -13.62 -2.85
N ILE H 64 5.75 -12.59 -2.52
CA ILE H 64 7.16 -12.52 -2.95
C ILE H 64 8.10 -12.19 -1.76
N GLN H 65 9.39 -12.50 -1.91
CA GLN H 65 10.45 -12.06 -0.97
C GLN H 65 10.42 -10.56 -0.72
N SER H 66 10.63 -10.16 0.53
CA SER H 66 10.93 -8.76 0.88
C SER H 66 12.41 -8.47 0.57
N GLU H 67 13.26 -9.46 0.83
CA GLU H 67 14.70 -9.34 0.70
C GLU H 67 15.20 -9.79 -0.67
N GLY H 68 16.01 -8.94 -1.29
CA GLY H 68 16.64 -9.31 -2.55
C GLY H 68 15.87 -8.69 -3.69
N TYR H 69 16.45 -8.76 -4.89
CA TYR H 69 15.90 -8.09 -6.07
C TYR H 69 15.10 -9.03 -6.94
N ARG H 70 15.63 -10.23 -7.12
CA ARG H 70 15.03 -11.23 -8.02
C ARG H 70 13.50 -11.17 -8.13
N GLU H 71 12.79 -11.29 -7.02
CA GLU H 71 11.33 -11.37 -7.10
C GLU H 71 10.65 -10.05 -7.31
N SER H 72 11.30 -8.98 -6.87
CA SER H 72 10.82 -7.64 -7.11
C SER H 72 10.84 -7.38 -8.58
N HIS H 73 11.86 -7.92 -9.25
CA HIS H 73 12.04 -7.72 -10.68
C HIS H 73 10.96 -8.38 -11.48
N ALA H 74 10.66 -9.62 -11.10
CA ALA H 74 9.57 -10.40 -11.68
C ALA H 74 8.23 -9.71 -11.47
N LEU H 75 7.98 -9.27 -10.25
CA LEU H 75 6.73 -8.55 -9.96
C LEU H 75 6.64 -7.24 -10.70
N TYR H 76 7.78 -6.57 -10.88
CA TYR H 76 7.69 -5.25 -11.48
C TYR H 76 7.18 -5.45 -12.91
N HIS H 77 7.85 -6.34 -13.64
CA HIS H 77 7.57 -6.56 -15.05
C HIS H 77 6.19 -7.18 -15.30
N ALA H 78 5.76 -8.03 -14.38
CA ALA H 78 4.39 -8.56 -14.50
C ALA H 78 3.36 -7.44 -14.29
N THR H 79 3.69 -6.44 -13.48
CA THR H 79 2.77 -5.35 -13.24
C THR H 79 2.72 -4.45 -14.46
N MET H 80 3.91 -4.12 -14.97
CA MET H 80 4.05 -3.36 -16.20
C MET H 80 3.11 -3.92 -17.30
N GLU H 81 3.21 -5.22 -17.54
CA GLU H 81 2.43 -5.90 -18.56
C GLU H 81 0.92 -5.69 -18.36
N ALA H 82 0.45 -5.89 -17.13
CA ALA H 82 -0.94 -5.78 -16.79
C ALA H 82 -1.44 -4.37 -17.05
N LEU H 83 -0.56 -3.41 -16.88
CA LEU H 83 -0.97 -2.04 -17.09
C LEU H 83 -1.11 -1.68 -18.57
N HIS H 84 -0.61 -2.48 -19.50
CA HIS H 84 -0.87 -2.15 -20.91
C HIS H 84 -2.32 -2.32 -21.24
N GLY H 85 -2.90 -3.42 -20.74
CA GLY H 85 -4.33 -3.67 -20.86
C GLY H 85 -5.19 -2.54 -20.33
N VAL H 86 -4.80 -2.03 -19.16
CA VAL H 86 -5.46 -0.91 -18.51
C VAL H 86 -5.28 0.31 -19.35
N THR H 87 -4.06 0.52 -19.83
CA THR H 87 -3.75 1.82 -20.37
C THR H 87 -3.82 1.94 -21.90
N ARG H 88 -3.79 0.81 -22.61
CA ARG H 88 -4.06 0.77 -24.06
C ARG H 88 -3.28 1.78 -24.92
N GLY H 89 -1.97 1.87 -24.73
CA GLY H 89 -1.11 2.57 -25.71
C GLY H 89 -0.04 3.47 -25.14
N GLU H 90 -0.50 4.36 -24.26
CA GLU H 90 0.36 5.21 -23.46
C GLU H 90 0.10 4.90 -21.97
N MET H 91 1.17 4.68 -21.22
CA MET H 91 1.05 4.19 -19.85
C MET H 91 1.00 5.30 -18.81
N LEU H 92 0.15 6.28 -19.09
CA LEU H 92 -0.02 7.43 -18.25
C LEU H 92 -1.46 7.39 -17.73
N LEU H 93 -1.71 7.96 -16.56
CA LEU H 93 -3.09 8.10 -16.11
C LEU H 93 -3.46 9.56 -16.01
N GLY H 94 -3.06 10.21 -14.91
CA GLY H 94 -3.34 11.61 -14.66
C GLY H 94 -2.64 12.46 -15.71
N SER H 95 -1.43 12.05 -16.10
CA SER H 95 -0.58 12.75 -17.09
C SER H 95 -1.31 12.93 -18.46
N LEU H 96 -2.32 12.09 -18.66
CA LEU H 96 -3.13 12.13 -19.87
C LEU H 96 -4.59 12.29 -19.52
N LEU H 97 -4.84 12.98 -18.41
CA LEU H 97 -6.17 13.40 -17.93
C LEU H 97 -7.11 12.21 -17.69
N ARG H 98 -6.68 11.29 -16.87
CA ARG H 98 -7.55 10.17 -16.54
C ARG H 98 -7.11 9.46 -15.26
N THR H 99 -8.06 8.78 -14.62
CA THR H 99 -7.85 8.15 -13.30
C THR H 99 -8.42 6.72 -13.25
N VAL H 100 -8.05 5.96 -12.22
CA VAL H 100 -8.44 4.53 -12.14
C VAL H 100 -8.94 4.07 -10.75
N GLY H 101 -9.83 3.08 -10.74
CA GLY H 101 -10.27 2.39 -9.53
C GLY H 101 -10.14 0.91 -9.80
N LEU H 102 -9.34 0.22 -8.99
CA LEU H 102 -8.89 -1.15 -9.29
C LEU H 102 -8.71 -2.01 -8.06
N ARG H 103 -9.24 -3.20 -8.15
CA ARG H 103 -8.84 -4.29 -7.29
C ARG H 103 -7.77 -5.00 -8.11
N PHE H 104 -6.80 -5.60 -7.42
CA PHE H 104 -5.77 -6.37 -8.09
C PHE H 104 -5.54 -7.67 -7.38
N ALA H 105 -5.25 -8.72 -8.13
CA ALA H 105 -4.86 -9.97 -7.57
C ALA H 105 -3.42 -10.25 -7.97
N VAL H 106 -2.69 -10.93 -7.08
CA VAL H 106 -1.38 -11.45 -7.43
C VAL H 106 -1.24 -12.92 -7.01
N LEU H 107 -0.97 -13.79 -7.97
CA LEU H 107 -0.97 -15.24 -7.71
C LEU H 107 0.40 -15.84 -7.97
N ARG H 108 0.79 -16.87 -7.21
CA ARG H 108 2.11 -17.48 -7.39
C ARG H 108 2.11 -18.96 -7.18
N GLY H 109 2.84 -19.68 -8.02
CA GLY H 109 2.88 -21.14 -8.02
C GLY H 109 3.23 -21.61 -9.42
N ASN H 110 3.13 -22.92 -9.67
CA ASN H 110 3.56 -23.50 -10.95
C ASN H 110 2.39 -24.10 -11.73
N PRO H 111 1.95 -23.41 -12.81
CA PRO H 111 0.87 -23.91 -13.67
C PRO H 111 1.27 -24.96 -14.74
N TYR H 112 2.31 -25.74 -14.48
CA TYR H 112 2.81 -26.74 -15.43
C TYR H 112 3.00 -28.10 -14.76
N GLU H 113 2.79 -29.18 -15.53
CA GLU H 113 3.11 -30.54 -15.07
C GLU H 113 4.56 -30.65 -14.67
N SER H 114 5.42 -30.15 -15.57
CA SER H 114 6.86 -30.11 -15.37
C SER H 114 6.97 -29.25 -14.13
N GLU H 115 7.52 -29.79 -13.05
CA GLU H 115 7.51 -29.01 -11.83
C GLU H 115 8.87 -28.37 -11.75
N ALA H 116 9.70 -28.71 -12.73
CA ALA H 116 10.93 -27.98 -13.03
C ALA H 116 10.71 -26.60 -13.71
N GLU H 117 9.45 -26.22 -13.97
CA GLU H 117 9.18 -24.88 -14.48
C GLU H 117 9.34 -23.82 -13.37
N GLY H 118 9.38 -24.28 -12.13
CA GLY H 118 9.54 -23.40 -10.97
C GLY H 118 8.28 -22.57 -10.77
N ASP H 119 8.39 -21.49 -10.00
CA ASP H 119 7.25 -20.60 -9.76
C ASP H 119 7.06 -19.58 -10.89
N TRP H 120 5.83 -19.10 -10.99
CA TRP H 120 5.43 -18.12 -11.97
C TRP H 120 4.52 -17.21 -11.28
N ILE H 121 4.24 -16.08 -11.90
CA ILE H 121 3.42 -15.07 -11.24
C ILE H 121 2.42 -14.41 -12.19
N ALA H 122 1.23 -14.12 -11.67
CA ALA H 122 0.20 -13.44 -12.44
C ALA H 122 -0.29 -12.25 -11.64
N VAL H 123 -0.55 -11.15 -12.36
CA VAL H 123 -0.96 -9.88 -11.78
C VAL H 123 -2.13 -9.48 -12.60
N SER H 124 -3.32 -9.48 -12.00
CA SER H 124 -4.56 -9.05 -12.64
C SER H 124 -5.11 -7.78 -12.02
N LEU H 125 -5.63 -6.90 -12.89
CA LEU H 125 -6.20 -5.61 -12.55
C LEU H 125 -7.58 -5.48 -13.16
N TYR H 126 -8.54 -5.03 -12.36
CA TYR H 126 -9.89 -4.70 -12.82
C TYR H 126 -10.48 -3.60 -11.97
N GLY H 127 -11.13 -2.67 -12.66
CA GLY H 127 -11.81 -1.56 -12.04
C GLY H 127 -12.33 -0.77 -13.21
N THR H 128 -12.19 0.55 -13.13
CA THR H 128 -12.69 1.47 -14.12
C THR H 128 -11.62 2.49 -14.47
N ILE H 129 -11.86 3.22 -15.55
CA ILE H 129 -10.99 4.27 -15.98
C ILE H 129 -11.86 5.31 -16.64
N GLY H 130 -11.54 6.57 -16.42
CA GLY H 130 -12.24 7.64 -17.06
C GLY H 130 -11.62 8.91 -16.58
N ALA H 131 -12.33 10.03 -16.81
CA ALA H 131 -11.94 11.38 -16.38
C ALA H 131 -11.95 11.53 -14.86
N PRO H 132 -11.30 12.62 -14.34
CA PRO H 132 -11.29 13.01 -12.91
C PRO H 132 -12.67 13.25 -12.27
N ILE H 133 -13.63 13.59 -13.13
CA ILE H 133 -15.03 13.86 -12.79
C ILE H 133 -15.77 12.59 -12.31
N LYS H 134 -16.99 12.79 -11.84
CA LYS H 134 -17.75 11.79 -11.09
C LYS H 134 -18.02 10.46 -11.82
N GLY H 135 -18.70 10.52 -12.97
CA GLY H 135 -19.21 9.31 -13.63
C GLY H 135 -18.86 9.06 -15.09
N LEU H 136 -17.97 9.88 -15.63
CA LEU H 136 -17.41 9.66 -16.96
C LEU H 136 -16.27 8.61 -16.92
N GLU H 137 -16.64 7.36 -17.18
CA GLU H 137 -15.73 6.23 -17.07
C GLU H 137 -16.35 4.99 -17.74
N HIS H 138 -15.54 4.23 -18.46
CA HIS H 138 -15.92 2.85 -18.81
C HIS H 138 -15.09 1.90 -17.96
N GLU H 139 -15.26 0.61 -18.16
CA GLU H 139 -14.45 -0.36 -17.41
C GLU H 139 -13.02 -0.41 -17.98
N THR H 140 -12.14 -1.18 -17.34
CA THR H 140 -10.75 -1.33 -17.76
C THR H 140 -10.36 -2.72 -17.25
N PHE H 141 -9.18 -3.22 -17.66
CA PHE H 141 -8.74 -4.61 -17.43
C PHE H 141 -7.24 -4.79 -17.71
N GLY H 142 -6.62 -5.88 -17.24
CA GLY H 142 -5.20 -6.08 -17.51
C GLY H 142 -4.54 -7.23 -16.77
N VAL H 143 -3.81 -8.06 -17.49
CA VAL H 143 -3.21 -9.25 -16.92
C VAL H 143 -1.74 -9.32 -17.30
N GLY H 144 -0.86 -9.43 -16.30
CA GLY H 144 0.58 -9.67 -16.55
C GLY H 144 1.04 -11.03 -16.08
N ILE H 145 1.87 -11.70 -16.88
CA ILE H 145 2.37 -13.00 -16.47
C ILE H 145 3.90 -13.08 -16.63
N ASN H 146 4.59 -13.40 -15.53
CA ASN H 146 6.04 -13.54 -15.52
C ASN H 146 6.53 -14.80 -14.74
N HIS H 147 7.72 -15.28 -15.06
CA HIS H 147 8.39 -16.27 -14.18
C HIS H 147 8.86 -15.56 -12.94
N ILE H 148 8.85 -16.35 -11.81
CA ILE H 148 9.28 -15.73 -10.56
C ILE H 148 10.29 -16.59 -9.79
N THR I 2 30.52 5.63 -46.23
CA THR I 2 30.54 4.26 -45.63
C THR I 2 31.11 4.31 -44.20
N LEU I 3 30.71 3.36 -43.34
CA LEU I 3 31.24 3.21 -41.97
C LEU I 3 32.63 2.59 -41.95
N HIS I 4 33.54 3.21 -41.18
CA HIS I 4 34.97 2.82 -41.13
C HIS I 4 35.36 2.20 -39.82
N LYS I 5 35.94 1.00 -39.86
CA LYS I 5 36.17 0.14 -38.68
C LYS I 5 37.04 0.76 -37.57
N GLU I 6 37.90 1.69 -37.94
CA GLU I 6 38.74 2.39 -36.97
C GLU I 6 38.14 3.72 -36.53
N ARG I 7 36.91 3.96 -36.93
CA ARG I 7 36.22 5.21 -36.59
C ARG I 7 34.70 5.08 -36.55
N ARG I 8 34.21 4.07 -35.83
CA ARG I 8 32.76 3.86 -35.67
C ARG I 8 32.26 4.59 -34.43
N ILE I 9 31.52 5.69 -34.68
CA ILE I 9 31.22 6.67 -33.64
C ILE I 9 30.49 6.06 -32.45
N GLY I 10 29.62 5.10 -32.74
CA GLY I 10 28.86 4.46 -31.71
C GLY I 10 29.81 3.66 -30.86
N ARG I 11 30.49 2.69 -31.49
CA ARG I 11 31.51 1.87 -30.83
C ARG I 11 32.47 2.69 -29.97
N LEU I 12 33.01 3.77 -30.51
CA LEU I 12 33.96 4.55 -29.71
C LEU I 12 33.32 5.11 -28.43
N SER I 13 32.15 5.74 -28.57
CA SER I 13 31.45 6.38 -27.44
C SER I 13 31.09 5.36 -26.40
N VAL I 14 30.71 4.17 -26.84
CA VAL I 14 30.32 3.12 -25.91
C VAL I 14 31.54 2.57 -25.17
N LEU I 15 32.63 2.32 -25.89
CA LEU I 15 33.92 1.98 -25.29
C LEU I 15 34.41 3.00 -24.23
N LEU I 16 34.38 4.30 -24.59
CA LEU I 16 34.77 5.39 -23.70
C LEU I 16 34.01 5.33 -22.36
N LEU I 17 32.69 5.24 -22.46
CA LEU I 17 31.81 5.14 -21.31
C LEU I 17 32.09 3.96 -20.38
N LEU I 18 32.53 2.83 -20.93
CA LEU I 18 32.75 1.64 -20.09
C LEU I 18 34.13 1.56 -19.42
N ASN I 19 34.99 2.55 -19.66
CA ASN I 19 36.36 2.53 -19.17
C ASN I 19 36.72 3.65 -18.21
N GLU I 20 37.83 3.46 -17.47
CA GLU I 20 38.40 4.52 -16.64
C GLU I 20 39.94 4.52 -16.68
N VAL I 27 42.64 9.89 -20.32
CA VAL I 27 43.36 10.01 -21.59
C VAL I 27 42.38 10.11 -22.79
N GLU I 28 41.98 11.35 -23.13
CA GLU I 28 40.88 11.65 -24.10
C GLU I 28 41.37 12.09 -25.50
N GLU I 29 42.62 11.70 -25.82
CA GLU I 29 43.12 11.45 -27.18
C GLU I 29 42.15 11.37 -28.37
N LEU I 30 40.87 11.07 -28.12
CA LEU I 30 39.84 11.11 -29.15
C LEU I 30 39.77 12.52 -29.73
N GLU I 31 40.03 13.49 -28.86
CA GLU I 31 40.10 14.90 -29.26
C GLU I 31 41.17 15.09 -30.36
N ARG I 32 42.21 14.26 -30.33
CA ARG I 32 43.27 14.21 -31.36
C ARG I 32 42.78 13.89 -32.78
N ASP I 33 41.79 13.01 -32.90
CA ASP I 33 41.06 12.94 -34.18
C ASP I 33 39.99 14.02 -34.16
N GLY I 34 39.00 13.90 -35.04
CA GLY I 34 38.01 14.96 -35.20
C GLY I 34 37.01 15.15 -34.08
N TRP I 35 37.03 14.27 -33.08
CA TRP I 35 35.89 14.10 -32.17
C TRP I 35 35.77 15.16 -31.15
N LYS I 36 34.61 15.79 -31.11
CA LYS I 36 34.29 16.59 -29.96
C LYS I 36 33.53 15.63 -29.04
N VAL I 37 33.82 15.69 -27.75
CA VAL I 37 33.54 14.58 -26.87
C VAL I 37 33.13 15.21 -25.56
N CYS I 38 32.15 14.64 -24.86
CA CYS I 38 31.98 14.96 -23.45
C CYS I 38 31.40 13.81 -22.67
N LEU I 39 31.67 13.79 -21.37
CA LEU I 39 31.28 12.69 -20.52
C LEU I 39 30.39 13.23 -19.46
N GLY I 40 29.57 12.40 -18.83
CA GLY I 40 28.75 12.96 -17.77
C GLY I 40 28.29 11.91 -16.82
N LYS I 41 27.70 12.37 -15.74
CA LYS I 41 26.91 11.57 -14.84
C LYS I 41 25.60 12.30 -14.59
N VAL I 42 24.58 11.49 -14.27
CA VAL I 42 23.28 11.99 -13.96
C VAL I 42 22.42 10.89 -13.37
N GLY I 43 21.84 11.17 -12.21
CA GLY I 43 20.86 10.30 -11.58
C GLY I 43 19.54 11.04 -11.44
N SER I 44 18.46 10.41 -11.86
CA SER I 44 17.15 11.02 -11.70
C SER I 44 16.02 10.01 -11.73
N MET I 45 14.85 10.45 -11.27
CA MET I 45 13.61 9.74 -11.51
C MET I 45 12.80 10.54 -12.54
N ASP I 46 13.45 11.54 -13.13
CA ASP I 46 12.83 12.34 -14.15
C ASP I 46 13.64 12.30 -15.43
N ALA I 47 13.05 11.66 -16.45
CA ALA I 47 13.57 11.69 -17.80
C ALA I 47 13.96 13.08 -18.33
N HIS I 48 13.18 14.12 -18.04
CA HIS I 48 13.53 15.47 -18.56
C HIS I 48 14.83 15.99 -17.99
N LYS I 49 15.09 15.59 -16.74
CA LYS I 49 16.38 15.86 -16.08
C LYS I 49 17.56 15.20 -16.79
N VAL I 50 17.39 13.97 -17.28
CA VAL I 50 18.43 13.27 -18.06
C VAL I 50 18.72 14.00 -19.37
N ILE I 51 17.68 14.34 -20.12
CA ILE I 51 17.79 15.12 -21.36
C ILE I 51 18.53 16.43 -21.11
N ALA I 52 18.11 17.15 -20.06
CA ALA I 52 18.63 18.48 -19.70
C ALA I 52 20.12 18.43 -19.39
N ALA I 53 20.51 17.52 -18.50
CA ALA I 53 21.92 17.24 -18.21
C ALA I 53 22.79 17.03 -19.49
N ILE I 54 22.42 16.04 -20.30
CA ILE I 54 23.08 15.80 -21.58
C ILE I 54 23.03 17.02 -22.51
N GLU I 55 21.98 17.85 -22.42
CA GLU I 55 21.97 19.02 -23.27
C GLU I 55 22.98 20.02 -22.74
N THR I 56 22.91 20.28 -21.43
CA THR I 56 23.70 21.29 -20.74
C THR I 56 25.17 20.94 -20.91
N ALA I 57 25.47 19.67 -20.61
CA ALA I 57 26.81 19.16 -20.59
C ALA I 57 27.48 19.23 -21.99
N SER I 58 26.73 18.97 -23.05
CA SER I 58 27.23 19.12 -24.43
C SER I 58 27.35 20.59 -24.83
N LYS I 59 26.55 21.43 -24.19
CA LYS I 59 26.61 22.86 -24.47
C LYS I 59 27.72 23.56 -23.67
N LYS I 60 27.86 23.22 -22.39
CA LYS I 60 28.88 23.81 -21.53
C LYS I 60 30.30 23.38 -21.93
N SER I 61 30.44 22.34 -22.77
CA SER I 61 31.68 22.12 -23.54
C SER I 61 31.37 22.47 -24.98
N GLY I 62 32.26 22.22 -25.92
CA GLY I 62 31.98 22.74 -27.26
C GLY I 62 31.44 21.73 -28.22
N VAL I 63 30.65 20.79 -27.71
CA VAL I 63 30.18 19.64 -28.49
C VAL I 63 29.09 20.07 -29.47
N ILE I 64 28.13 20.85 -29.00
CA ILE I 64 27.20 21.54 -29.93
C ILE I 64 27.07 23.01 -29.55
N GLN I 65 26.81 23.86 -30.55
CA GLN I 65 26.76 25.29 -30.30
C GLN I 65 25.55 25.68 -29.47
N SER I 66 25.68 26.74 -28.70
CA SER I 66 24.63 27.08 -27.77
C SER I 66 23.60 27.96 -28.45
N GLU I 67 24.02 28.63 -29.52
CA GLU I 67 23.18 29.53 -30.31
C GLU I 67 22.54 28.75 -31.46
N GLY I 68 21.26 29.03 -31.75
CA GLY I 68 20.57 28.41 -32.87
C GLY I 68 19.81 27.13 -32.51
N TYR I 69 19.03 26.59 -33.47
CA TYR I 69 18.16 25.45 -33.14
C TYR I 69 18.69 24.11 -33.67
N ARG I 70 19.28 24.14 -34.87
CA ARG I 70 19.74 22.95 -35.58
C ARG I 70 20.42 21.89 -34.67
N GLU I 71 21.54 22.26 -34.04
CA GLU I 71 22.35 21.29 -33.29
C GLU I 71 21.64 20.87 -31.99
N SER I 72 20.78 21.74 -31.46
CA SER I 72 19.96 21.40 -30.29
C SER I 72 18.95 20.31 -30.68
N HIS I 73 18.42 20.45 -31.90
CA HIS I 73 17.45 19.52 -32.48
C HIS I 73 18.04 18.14 -32.71
N ALA I 74 19.22 18.11 -33.35
CA ALA I 74 19.98 16.87 -33.59
C ALA I 74 20.31 16.10 -32.29
N LEU I 75 20.81 16.81 -31.29
CA LEU I 75 21.13 16.21 -30.00
C LEU I 75 19.84 15.81 -29.26
N TYR I 76 18.81 16.63 -29.33
CA TYR I 76 17.55 16.26 -28.72
C TYR I 76 17.19 14.80 -29.14
N HIS I 77 17.19 14.58 -30.47
CA HIS I 77 16.62 13.38 -31.02
C HIS I 77 17.49 12.18 -30.74
N ALA I 78 18.79 12.42 -30.74
CA ALA I 78 19.77 11.37 -30.53
C ALA I 78 19.62 10.92 -29.09
N THR I 79 19.33 11.87 -28.22
CA THR I 79 19.10 11.55 -26.82
C THR I 79 17.80 10.75 -26.65
N MET I 80 16.74 11.20 -27.32
CA MET I 80 15.50 10.45 -27.32
C MET I 80 15.75 9.03 -27.78
N GLU I 81 16.45 8.84 -28.90
CA GLU I 81 16.77 7.49 -29.39
C GLU I 81 17.53 6.67 -28.35
N ALA I 82 18.56 7.28 -27.76
CA ALA I 82 19.34 6.64 -26.73
C ALA I 82 18.48 6.28 -25.56
N LEU I 83 17.45 7.08 -25.28
CA LEU I 83 16.58 6.88 -24.13
C LEU I 83 15.70 5.61 -24.31
N HIS I 84 15.48 5.24 -25.57
CA HIS I 84 14.75 4.02 -25.89
C HIS I 84 15.41 2.79 -25.41
N GLY I 85 16.72 2.69 -25.64
CA GLY I 85 17.48 1.55 -25.14
C GLY I 85 17.38 1.47 -23.64
N VAL I 86 17.39 2.65 -22.99
CA VAL I 86 17.33 2.78 -21.55
C VAL I 86 15.93 2.37 -21.03
N THR I 87 14.89 2.91 -21.63
CA THR I 87 13.57 2.83 -21.03
C THR I 87 12.74 1.68 -21.54
N ARG I 88 13.12 1.14 -22.69
CA ARG I 88 12.48 -0.04 -23.32
C ARG I 88 10.94 -0.01 -23.40
N GLY I 89 10.42 1.05 -24.03
CA GLY I 89 9.03 1.02 -24.49
C GLY I 89 8.15 2.12 -23.99
N GLU I 90 8.29 2.41 -22.70
CA GLU I 90 7.72 3.60 -22.10
C GLU I 90 8.87 4.53 -21.65
N MET I 91 8.93 5.75 -22.19
CA MET I 91 10.01 6.66 -21.83
C MET I 91 9.67 7.39 -20.53
N LEU I 92 9.45 6.59 -19.48
CA LEU I 92 9.06 7.10 -18.19
C LEU I 92 9.84 6.42 -17.04
N LEU I 93 10.14 7.24 -16.04
CA LEU I 93 10.97 6.81 -14.92
C LEU I 93 10.30 6.73 -13.56
N GLY I 94 10.24 7.86 -12.86
CA GLY I 94 9.62 7.96 -11.53
C GLY I 94 8.14 7.74 -11.67
N SER I 95 7.58 8.39 -12.69
CA SER I 95 6.23 8.11 -13.20
C SER I 95 5.84 6.62 -13.32
N LEU I 96 6.81 5.73 -13.42
CA LEU I 96 6.54 4.30 -13.36
C LEU I 96 7.37 3.68 -12.28
N LEU I 97 7.80 4.52 -11.33
CA LEU I 97 8.44 4.04 -10.10
C LEU I 97 9.78 3.41 -10.41
N ARG I 98 10.55 4.06 -11.26
CA ARG I 98 11.90 3.63 -11.48
C ARG I 98 12.86 4.80 -11.66
N THR I 99 14.11 4.54 -11.27
CA THR I 99 15.13 5.57 -11.24
C THR I 99 16.37 5.16 -12.03
N VAL I 100 17.07 6.14 -12.59
CA VAL I 100 18.30 5.87 -13.37
C VAL I 100 19.53 6.39 -12.67
N GLY I 101 20.60 5.60 -12.75
CA GLY I 101 21.93 6.10 -12.37
C GLY I 101 22.78 5.98 -13.61
N LEU I 102 23.06 7.07 -14.28
CA LEU I 102 23.75 6.90 -15.54
C LEU I 102 25.04 7.69 -15.64
N ARG I 103 25.93 7.22 -16.50
CA ARG I 103 26.97 8.04 -17.15
C ARG I 103 26.56 8.15 -18.59
N PHE I 104 27.17 9.09 -19.28
CA PHE I 104 26.97 9.22 -20.71
C PHE I 104 28.19 9.89 -21.30
N ALA I 105 28.36 9.62 -22.58
CA ALA I 105 29.28 10.33 -23.43
C ALA I 105 28.48 10.79 -24.63
N VAL I 106 28.93 11.89 -25.22
CA VAL I 106 28.37 12.36 -26.47
C VAL I 106 29.56 12.55 -27.42
N LEU I 107 29.50 11.99 -28.62
CA LEU I 107 30.56 12.17 -29.60
C LEU I 107 30.02 12.83 -30.81
N ARG I 108 30.85 13.67 -31.42
CA ARG I 108 30.52 14.38 -32.65
C ARG I 108 31.68 14.27 -33.61
N GLY I 109 31.40 14.03 -34.89
CA GLY I 109 32.45 13.98 -35.90
C GLY I 109 31.91 13.31 -37.14
N ASN I 110 32.67 13.34 -38.22
CA ASN I 110 32.34 12.55 -39.38
C ASN I 110 32.84 11.14 -39.21
N PRO I 111 31.91 10.18 -39.12
CA PRO I 111 32.28 8.77 -39.03
C PRO I 111 32.45 8.10 -40.38
N TYR I 112 32.38 8.87 -41.47
CA TYR I 112 32.35 8.26 -42.80
C TYR I 112 33.58 8.63 -43.61
N GLU I 113 33.90 7.78 -44.59
CA GLU I 113 35.02 8.04 -45.51
C GLU I 113 34.75 9.33 -46.27
N SER I 114 33.58 9.40 -46.91
CA SER I 114 33.12 10.56 -47.64
C SER I 114 32.96 11.74 -46.72
N GLU I 115 33.83 12.73 -46.89
CA GLU I 115 33.78 13.95 -46.09
C GLU I 115 32.47 14.70 -46.34
N ALA I 116 31.72 14.26 -47.34
CA ALA I 116 30.41 14.87 -47.68
C ALA I 116 29.32 14.58 -46.63
N GLU I 117 29.55 13.52 -45.85
CA GLU I 117 28.60 13.02 -44.85
C GLU I 117 28.48 13.96 -43.67
N GLY I 118 29.51 14.77 -43.51
CA GLY I 118 29.51 15.86 -42.56
C GLY I 118 29.51 15.35 -41.14
N ASP I 119 29.00 16.16 -40.24
CA ASP I 119 29.06 15.81 -38.84
C ASP I 119 27.88 14.92 -38.43
N TRP I 120 28.14 14.02 -37.48
CA TRP I 120 27.15 13.14 -36.92
C TRP I 120 27.31 13.17 -35.45
N ILE I 121 26.24 12.92 -34.71
CA ILE I 121 26.34 12.85 -33.26
C ILE I 121 25.92 11.49 -32.68
N ALA I 122 26.47 11.14 -31.54
CA ALA I 122 26.11 9.89 -30.88
C ALA I 122 25.92 10.15 -29.41
N VAL I 123 24.80 9.67 -28.89
CA VAL I 123 24.57 9.79 -27.45
C VAL I 123 24.60 8.39 -26.86
N SER I 124 25.44 8.15 -25.85
CA SER I 124 25.55 6.84 -25.20
C SER I 124 25.19 6.98 -23.74
N LEU I 125 24.51 5.95 -23.21
CA LEU I 125 24.04 5.96 -21.82
C LEU I 125 24.23 4.62 -21.16
N TYR I 126 24.92 4.59 -20.02
CA TYR I 126 25.18 3.34 -19.34
C TYR I 126 25.05 3.58 -17.86
N GLY I 127 24.53 2.61 -17.15
CA GLY I 127 24.28 2.79 -15.73
C GLY I 127 23.36 1.73 -15.17
N THR I 128 22.59 2.11 -14.17
CA THR I 128 21.66 1.18 -13.56
C THR I 128 20.26 1.71 -13.73
N ILE I 129 19.30 0.81 -13.65
CA ILE I 129 17.90 1.18 -13.55
C ILE I 129 17.29 0.25 -12.55
N GLY I 130 16.53 0.82 -11.61
CA GLY I 130 15.89 0.01 -10.57
C GLY I 130 14.91 0.86 -9.79
N ALA I 131 14.45 0.28 -8.68
CA ALA I 131 13.56 0.93 -7.71
C ALA I 131 14.28 2.11 -7.08
N PRO I 132 13.53 3.13 -6.58
CA PRO I 132 14.24 4.34 -6.10
C PRO I 132 15.32 4.10 -5.01
N ILE I 133 15.25 2.97 -4.33
CA ILE I 133 16.21 2.65 -3.28
C ILE I 133 17.41 1.89 -3.84
N LYS I 134 18.56 2.54 -3.86
CA LYS I 134 19.78 1.92 -4.38
C LYS I 134 19.89 0.46 -3.94
N GLY I 135 20.32 -0.39 -4.87
CA GLY I 135 20.46 -1.81 -4.58
C GLY I 135 19.62 -2.67 -5.49
N LEU I 136 18.30 -2.58 -5.33
CA LEU I 136 17.37 -3.35 -6.14
C LEU I 136 17.24 -2.76 -7.54
N GLU I 137 18.26 -2.98 -8.36
CA GLU I 137 18.26 -2.47 -9.74
C GLU I 137 19.26 -3.23 -10.60
N HIS I 138 19.14 -3.08 -11.91
CA HIS I 138 20.03 -3.74 -12.85
C HIS I 138 20.59 -2.74 -13.84
N GLU I 139 21.51 -3.20 -14.69
CA GLU I 139 22.16 -2.34 -15.71
C GLU I 139 21.18 -1.88 -16.79
N THR I 140 21.58 -0.85 -17.53
CA THR I 140 20.73 -0.22 -18.59
C THR I 140 21.69 0.54 -19.49
N PHE I 141 21.36 0.54 -20.78
CA PHE I 141 22.14 1.06 -21.92
C PHE I 141 21.26 1.66 -22.99
N GLY I 142 21.62 2.83 -23.51
CA GLY I 142 21.03 3.31 -24.76
C GLY I 142 22.06 4.03 -25.62
N VAL I 143 21.98 3.89 -26.95
CA VAL I 143 22.84 4.64 -27.84
C VAL I 143 21.99 5.29 -28.94
N GLY I 144 22.12 6.58 -29.14
CA GLY I 144 21.44 7.22 -30.24
C GLY I 144 22.37 7.90 -31.22
N ILE I 145 22.05 7.78 -32.51
CA ILE I 145 22.90 8.26 -33.56
C ILE I 145 22.09 9.03 -34.60
N ASN I 146 22.48 10.31 -34.81
CA ASN I 146 21.83 11.23 -35.76
C ASN I 146 22.85 12.08 -36.52
N HIS I 147 22.45 12.58 -37.71
CA HIS I 147 23.29 13.51 -38.47
C HIS I 147 23.18 14.86 -37.83
N ILE I 148 24.25 15.67 -38.00
CA ILE I 148 24.24 16.98 -37.37
C ILE I 148 24.71 18.09 -38.32
N THR J 2 -1.44 9.21 -0.48
CA THR J 2 -0.70 9.30 0.81
C THR J 2 -0.33 10.74 1.16
N LEU J 3 0.72 10.87 1.97
CA LEU J 3 1.24 12.13 2.48
C LEU J 3 2.45 12.58 1.66
N HIS J 4 2.86 13.84 1.76
CA HIS J 4 3.97 14.30 0.92
C HIS J 4 5.32 14.04 1.52
N LYS J 5 6.19 13.49 0.68
CA LYS J 5 7.54 13.04 1.01
C LYS J 5 8.37 14.05 1.80
N GLU J 6 7.99 15.32 1.74
CA GLU J 6 8.66 16.33 2.57
C GLU J 6 7.73 17.16 3.47
N ARG J 7 6.45 16.81 3.51
CA ARG J 7 5.56 17.38 4.53
C ARG J 7 4.75 16.33 5.35
N ARG J 8 5.48 15.38 5.93
CA ARG J 8 4.93 14.34 6.81
C ARG J 8 4.89 14.87 8.24
N ILE J 9 3.68 15.17 8.70
CA ILE J 9 3.43 15.98 9.88
C ILE J 9 4.06 15.45 11.20
N GLY J 10 3.92 14.16 11.45
CA GLY J 10 4.65 13.55 12.53
C GLY J 10 6.14 13.82 12.40
N ARG J 11 6.74 13.41 11.29
CA ARG J 11 8.19 13.51 11.18
C ARG J 11 8.69 14.92 11.46
N LEU J 12 7.91 15.91 11.02
CA LEU J 12 8.16 17.32 11.31
C LEU J 12 8.06 17.62 12.80
N SER J 13 6.86 17.49 13.37
CA SER J 13 6.62 17.65 14.81
C SER J 13 7.69 17.03 15.70
N VAL J 14 8.23 15.91 15.24
CA VAL J 14 9.33 15.26 15.93
C VAL J 14 10.67 15.97 15.71
N LEU J 15 11.07 16.14 14.44
CA LEU J 15 12.38 16.74 14.09
C LEU J 15 12.53 18.09 14.77
N LEU J 16 11.41 18.82 14.87
CA LEU J 16 11.35 20.08 15.56
C LEU J 16 11.64 19.91 17.05
N LEU J 17 10.80 19.13 17.73
CA LEU J 17 10.89 18.92 19.19
C LEU J 17 12.29 18.55 19.70
N LEU J 18 13.10 17.91 18.87
CA LEU J 18 14.44 17.53 19.29
C LEU J 18 15.51 18.36 18.61
N ASN J 19 15.16 19.59 18.24
CA ASN J 19 16.10 20.55 17.67
C ASN J 19 15.81 21.96 18.15
N GLU J 20 16.20 22.26 19.40
CA GLU J 20 16.05 23.60 20.02
C GLU J 20 14.59 24.01 20.16
N GLN J 26 13.17 26.65 12.89
CA GLN J 26 12.18 26.03 13.76
C GLN J 26 10.77 26.56 13.49
N VAL J 27 10.14 27.08 14.54
CA VAL J 27 8.76 27.59 14.49
C VAL J 27 8.48 28.38 13.21
N GLU J 28 9.49 29.12 12.74
CA GLU J 28 9.30 30.09 11.64
C GLU J 28 9.07 29.44 10.25
N GLU J 29 10.04 28.65 9.78
CA GLU J 29 9.94 28.00 8.47
C GLU J 29 8.62 27.24 8.31
N LEU J 30 8.23 26.54 9.37
CA LEU J 30 7.05 25.70 9.35
C LEU J 30 5.78 26.52 9.30
N GLU J 31 5.77 27.63 10.03
CA GLU J 31 4.59 28.49 10.08
C GLU J 31 4.33 29.10 8.71
N ARG J 32 5.42 29.29 7.94
CA ARG J 32 5.36 29.87 6.59
C ARG J 32 4.59 28.98 5.59
N ASP J 33 4.68 27.66 5.77
CA ASP J 33 3.81 26.71 5.07
C ASP J 33 2.51 26.71 5.86
N GLY J 34 1.62 25.74 5.62
CA GLY J 34 0.29 25.75 6.26
C GLY J 34 0.20 25.47 7.76
N TRP J 35 1.32 25.04 8.36
CA TRP J 35 1.40 24.60 9.77
C TRP J 35 1.05 25.60 10.83
N LYS J 36 -0.06 25.35 11.50
CA LYS J 36 -0.36 25.99 12.76
C LYS J 36 0.43 25.18 13.81
N VAL J 37 1.56 25.73 14.30
CA VAL J 37 2.47 25.07 15.26
C VAL J 37 2.27 25.53 16.73
N CYS J 38 2.72 24.70 17.66
CA CYS J 38 2.61 24.95 19.08
C CYS J 38 3.75 24.24 19.79
N LEU J 39 4.28 24.86 20.83
CA LEU J 39 5.45 24.34 21.55
C LEU J 39 5.12 24.45 23.04
N GLY J 40 5.74 23.59 23.84
CA GLY J 40 5.28 23.37 25.23
C GLY J 40 6.29 22.66 26.10
N LYS J 41 5.99 22.65 27.40
CA LYS J 41 6.75 21.97 28.46
C LYS J 41 5.82 21.73 29.63
N VAL J 42 5.74 20.49 30.11
CA VAL J 42 4.98 20.16 31.33
C VAL J 42 5.74 19.10 32.15
N GLY J 43 5.69 19.28 33.46
CA GLY J 43 6.34 18.40 34.44
C GLY J 43 5.30 18.09 35.50
N SER J 44 4.98 16.82 35.66
CA SER J 44 3.88 16.47 36.53
C SER J 44 4.01 15.01 36.83
N MET J 45 3.32 14.59 37.88
CA MET J 45 3.20 13.20 38.25
C MET J 45 1.73 12.83 38.11
N ASP J 46 0.97 13.75 37.50
CA ASP J 46 -0.42 13.51 37.09
C ASP J 46 -0.58 13.62 35.55
N ALA J 47 -1.31 12.68 34.96
CA ALA J 47 -1.55 12.67 33.53
C ALA J 47 -2.58 13.74 33.23
N HIS J 48 -3.65 13.77 34.04
CA HIS J 48 -4.67 14.81 33.87
C HIS J 48 -4.06 16.20 33.82
N LYS J 49 -2.87 16.34 34.40
CA LYS J 49 -2.11 17.57 34.30
C LYS J 49 -1.52 17.78 32.93
N VAL J 50 -0.92 16.74 32.38
CA VAL J 50 -0.32 16.85 31.03
C VAL J 50 -1.40 17.11 29.95
N ILE J 51 -2.51 16.37 30.06
CA ILE J 51 -3.67 16.55 29.19
C ILE J 51 -4.18 18.01 29.24
N ALA J 52 -4.31 18.55 30.45
CA ALA J 52 -4.74 19.95 30.62
C ALA J 52 -3.76 20.98 30.03
N ALA J 53 -2.45 20.82 30.28
CA ALA J 53 -1.43 21.73 29.74
C ALA J 53 -1.54 21.85 28.24
N ILE J 54 -1.52 20.70 27.58
CA ILE J 54 -1.62 20.54 26.11
C ILE J 54 -2.87 21.17 25.53
N GLU J 55 -4.02 20.95 26.17
CA GLU J 55 -5.27 21.57 25.81
C GLU J 55 -5.14 23.09 25.77
N THR J 56 -4.59 23.67 26.83
CA THR J 56 -4.36 25.13 26.99
C THR J 56 -3.37 25.66 25.95
N ALA J 57 -2.14 25.16 25.93
CA ALA J 57 -1.19 25.66 24.93
C ALA J 57 -1.74 25.58 23.50
N SER J 58 -2.71 24.71 23.24
CA SER J 58 -3.26 24.50 21.89
C SER J 58 -4.35 25.51 21.51
N LYS J 59 -5.19 25.86 22.47
CA LYS J 59 -6.12 26.96 22.29
C LYS J 59 -5.39 28.31 22.39
N LYS J 60 -4.36 28.35 23.27
CA LYS J 60 -3.58 29.56 23.54
C LYS J 60 -2.87 30.06 22.31
N SER J 61 -2.05 29.22 21.67
CA SER J 61 -1.55 29.63 20.35
C SER J 61 -2.61 29.25 19.32
N GLY J 62 -2.28 29.35 18.05
CA GLY J 62 -3.31 29.33 17.02
C GLY J 62 -3.94 28.00 16.68
N VAL J 63 -3.41 26.94 17.28
CA VAL J 63 -3.62 25.55 16.83
C VAL J 63 -5.06 25.04 16.84
N ILE J 64 -5.81 25.33 17.91
CA ILE J 64 -7.20 24.87 18.03
C ILE J 64 -8.22 25.93 18.47
N GLN J 65 -9.27 26.08 17.67
CA GLN J 65 -10.45 26.86 17.98
C GLN J 65 -10.88 26.63 19.41
N SER J 66 -10.99 27.71 20.17
CA SER J 66 -11.36 27.60 21.60
C SER J 66 -12.86 27.30 21.83
N GLU J 67 -13.71 27.58 20.86
CA GLU J 67 -15.16 27.31 21.00
C GLU J 67 -15.60 25.97 20.41
N GLY J 68 -16.50 25.30 21.14
CA GLY J 68 -17.04 24.02 20.68
C GLY J 68 -16.22 22.82 21.14
N TYR J 69 -16.72 21.65 20.79
CA TYR J 69 -16.22 20.39 21.29
C TYR J 69 -15.36 19.74 20.21
N ARG J 70 -15.85 19.81 18.97
CA ARG J 70 -15.26 19.21 17.77
C ARG J 70 -13.74 19.20 17.79
N GLU J 71 -13.16 20.40 17.77
CA GLU J 71 -11.72 20.51 17.59
C GLU J 71 -11.00 20.08 18.86
N SER J 72 -11.73 20.16 19.96
CA SER J 72 -11.30 19.72 21.27
C SER J 72 -11.15 18.20 21.35
N HIS J 73 -12.25 17.52 21.00
CA HIS J 73 -12.36 16.08 20.98
C HIS J 73 -11.26 15.49 20.15
N ALA J 74 -10.81 16.21 19.12
CA ALA J 74 -9.72 15.73 18.27
C ALA J 74 -8.42 15.71 19.06
N LEU J 75 -8.19 16.78 19.81
CA LEU J 75 -6.96 16.90 20.57
C LEU J 75 -6.93 15.94 21.76
N TYR J 76 -8.07 15.72 22.42
CA TYR J 76 -8.05 14.83 23.57
C TYR J 76 -7.54 13.47 23.17
N HIS J 77 -8.16 12.86 22.13
CA HIS J 77 -7.79 11.55 21.62
C HIS J 77 -6.40 11.56 20.98
N ALA J 78 -6.02 12.64 20.35
CA ALA J 78 -4.66 12.67 19.84
C ALA J 78 -3.64 12.71 20.98
N THR J 79 -4.05 13.19 22.14
CA THR J 79 -3.12 13.26 23.27
C THR J 79 -2.97 11.92 23.95
N MET J 80 -4.10 11.32 24.33
CA MET J 80 -4.15 9.91 24.76
C MET J 80 -3.14 9.11 23.99
N GLU J 81 -3.27 9.19 22.66
CA GLU J 81 -2.52 8.34 21.78
C GLU J 81 -1.05 8.54 21.99
N ALA J 82 -0.63 9.81 22.11
CA ALA J 82 0.74 10.14 22.38
C ALA J 82 1.17 9.62 23.77
N LEU J 83 0.27 9.68 24.74
CA LEU J 83 0.58 9.20 26.10
C LEU J 83 0.94 7.71 26.17
N HIS J 84 0.57 6.97 25.11
CA HIS J 84 0.80 5.55 24.99
C HIS J 84 2.23 5.24 24.86
N GLY J 85 2.85 5.84 23.84
CA GLY J 85 4.27 5.72 23.68
C GLY J 85 4.98 6.14 24.95
N VAL J 86 4.37 7.11 25.67
CA VAL J 86 4.97 7.62 26.91
C VAL J 86 4.82 6.63 28.07
N THR J 87 3.57 6.26 28.36
CA THR J 87 3.25 5.41 29.49
C THR J 87 3.51 3.91 29.24
N ARG J 88 3.77 3.52 27.99
CA ARG J 88 3.97 2.10 27.59
C ARG J 88 3.14 1.06 28.39
N GLY J 89 1.83 1.30 28.51
CA GLY J 89 0.89 0.24 28.91
C GLY J 89 -0.18 0.61 29.90
N GLU J 90 0.24 1.28 30.96
CA GLU J 90 -0.71 1.79 31.90
C GLU J 90 -0.53 3.31 31.92
N MET J 91 -1.62 4.05 31.75
CA MET J 91 -1.49 5.48 31.52
C MET J 91 -1.50 6.24 32.84
N LEU J 92 -0.43 5.99 33.62
CA LEU J 92 -0.33 6.39 35.01
C LEU J 92 1.09 6.77 35.33
N LEU J 93 1.20 7.85 36.11
CA LEU J 93 2.47 8.39 36.51
C LEU J 93 2.68 8.22 38.00
N GLY J 94 2.23 9.22 38.78
CA GLY J 94 2.52 9.26 40.22
C GLY J 94 1.89 8.09 40.95
N SER J 95 0.64 7.80 40.61
CA SER J 95 -0.05 6.70 41.23
C SER J 95 0.61 5.39 40.84
N LEU J 96 1.59 5.43 39.93
CA LEU J 96 2.50 4.27 39.72
C LEU J 96 3.93 4.56 40.18
N LEU J 97 4.06 5.59 41.02
CA LEU J 97 5.35 6.09 41.49
C LEU J 97 6.33 6.45 40.36
N ARG J 98 5.85 7.19 39.37
CA ARG J 98 6.75 7.75 38.35
C ARG J 98 6.32 9.15 37.95
N THR J 99 7.23 9.88 37.32
CA THR J 99 6.97 11.26 36.97
C THR J 99 7.69 11.64 35.69
N VAL J 100 7.28 12.75 35.08
CA VAL J 100 7.69 13.08 33.73
C VAL J 100 8.23 14.49 33.67
N GLY J 101 9.30 14.64 32.89
CA GLY J 101 9.73 15.93 32.35
C GLY J 101 9.56 15.96 30.84
N LEU J 102 8.50 16.61 30.37
CA LEU J 102 8.14 16.65 28.92
C LEU J 102 8.18 18.03 28.22
N ARG J 103 8.79 18.02 27.04
CA ARG J 103 8.56 19.04 26.03
C ARG J 103 7.48 18.51 25.04
N PHE J 104 6.30 19.15 24.97
CA PHE J 104 5.37 18.81 23.88
C PHE J 104 5.41 19.73 22.65
N ALA J 105 5.38 19.13 21.45
CA ALA J 105 5.22 19.84 20.16
C ALA J 105 3.89 19.47 19.49
N VAL J 106 3.14 20.47 18.99
CA VAL J 106 1.83 20.17 18.33
C VAL J 106 1.59 20.85 16.97
N LEU J 107 1.35 20.05 15.93
CA LEU J 107 1.11 20.56 14.60
C LEU J 107 -0.32 20.42 14.14
N ARG J 108 -0.69 21.24 13.16
CA ARG J 108 -1.97 21.16 12.50
C ARG J 108 -1.75 21.65 11.06
N GLY J 109 -2.25 20.90 10.09
CA GLY J 109 -2.25 21.29 8.69
C GLY J 109 -2.69 20.09 7.86
N ASN J 110 -2.74 20.24 6.54
CA ASN J 110 -3.04 19.10 5.68
C ASN J 110 -1.77 18.38 5.20
N PRO J 111 -1.59 17.11 5.61
CA PRO J 111 -0.41 16.36 5.19
C PRO J 111 -0.57 15.52 3.92
N TYR J 112 -1.79 15.43 3.39
CA TYR J 112 -2.09 14.54 2.25
C TYR J 112 -2.12 15.32 0.93
N GLU J 113 -1.98 14.64 -0.20
CA GLU J 113 -1.95 15.33 -1.51
C GLU J 113 -3.26 16.11 -1.77
N SER J 114 -4.41 15.44 -1.67
CA SER J 114 -5.70 16.09 -1.90
C SER J 114 -6.17 17.02 -0.79
N GLU J 115 -6.67 18.19 -1.17
CA GLU J 115 -7.22 19.16 -0.25
C GLU J 115 -8.46 18.70 0.48
N ALA J 116 -9.15 17.69 -0.05
CA ALA J 116 -10.40 17.16 0.55
C ALA J 116 -10.13 16.49 1.90
N GLU J 117 -8.85 16.22 2.13
CA GLU J 117 -8.39 15.53 3.31
C GLU J 117 -8.45 16.39 4.59
N GLY J 118 -8.49 17.70 4.42
CA GLY J 118 -8.68 18.63 5.53
C GLY J 118 -7.47 18.76 6.45
N ASP J 119 -7.69 19.41 7.59
CA ASP J 119 -6.69 19.54 8.64
C ASP J 119 -6.47 18.24 9.42
N TRP J 120 -5.20 17.98 9.78
CA TRP J 120 -4.82 16.89 10.69
C TRP J 120 -3.93 17.36 11.80
N ILE J 121 -4.13 16.79 12.99
CA ILE J 121 -3.40 17.21 14.16
C ILE J 121 -2.39 16.14 14.65
N ALA J 122 -1.19 16.61 14.96
CA ALA J 122 -0.11 15.78 15.47
C ALA J 122 0.32 16.24 16.87
N VAL J 123 0.24 15.38 17.89
CA VAL J 123 0.84 15.71 19.21
C VAL J 123 2.12 14.89 19.40
N SER J 124 3.27 15.56 19.56
CA SER J 124 4.54 14.87 19.90
C SER J 124 4.98 15.13 21.36
N LEU J 125 5.62 14.15 21.98
CA LEU J 125 5.98 14.33 23.38
C LEU J 125 7.33 13.73 23.56
N TYR J 126 8.22 14.55 24.11
CA TYR J 126 9.57 14.13 24.39
C TYR J 126 10.11 14.66 25.69
N GLY J 127 10.99 13.86 26.29
CA GLY J 127 11.64 14.18 27.53
C GLY J 127 12.06 12.94 28.28
N THR J 128 11.70 12.92 29.56
CA THR J 128 12.12 11.85 30.46
C THR J 128 11.04 11.35 31.40
N ILE J 129 11.19 10.08 31.80
CA ILE J 129 10.36 9.45 32.83
C ILE J 129 11.28 8.73 33.80
N GLY J 130 10.95 8.81 35.08
CA GLY J 130 11.75 8.18 36.13
C GLY J 130 11.11 8.41 37.48
N ALA J 131 11.88 8.26 38.55
CA ALA J 131 11.32 8.40 39.92
C ALA J 131 11.11 9.87 40.22
N PRO J 132 10.27 10.18 41.24
CA PRO J 132 10.09 11.52 41.78
C PRO J 132 11.41 12.24 42.10
N ILE J 133 12.43 11.49 42.53
CA ILE J 133 13.76 12.05 42.78
C ILE J 133 14.50 12.28 41.44
N LYS J 134 14.84 13.53 41.14
CA LYS J 134 15.54 13.88 39.89
C LYS J 134 16.87 13.10 39.77
N GLY J 135 17.31 12.86 38.54
CA GLY J 135 18.47 12.00 38.29
C GLY J 135 18.12 10.55 37.94
N LEU J 136 17.03 10.05 38.53
CA LEU J 136 16.57 8.68 38.31
C LEU J 136 15.49 8.58 37.22
N GLU J 137 15.98 8.51 35.98
CA GLU J 137 15.15 8.65 34.78
C GLU J 137 15.84 8.14 33.51
N HIS J 138 15.04 7.74 32.53
CA HIS J 138 15.48 7.55 31.14
C HIS J 138 14.54 8.33 30.26
N GLU J 139 14.85 8.38 28.96
CA GLU J 139 13.96 9.04 27.98
C GLU J 139 12.59 8.41 27.85
N THR J 140 11.62 9.19 27.42
CA THR J 140 10.32 8.68 27.02
C THR J 140 9.91 9.43 25.77
N PHE J 141 8.94 8.89 25.02
CA PHE J 141 8.52 9.34 23.66
C PHE J 141 7.09 8.98 23.28
N GLY J 142 6.26 9.95 22.95
CA GLY J 142 4.92 9.62 22.44
C GLY J 142 4.45 10.48 21.28
N VAL J 143 4.02 9.85 20.18
CA VAL J 143 3.43 10.59 19.06
C VAL J 143 2.03 10.11 18.73
N GLY J 144 1.11 11.05 18.56
CA GLY J 144 -0.30 10.75 18.24
C GLY J 144 -0.87 11.56 17.08
N ILE J 145 -1.77 10.96 16.33
CA ILE J 145 -2.23 11.57 15.10
C ILE J 145 -3.71 11.34 14.91
N ASN J 146 -4.46 12.44 14.73
CA ASN J 146 -5.90 12.40 14.49
C ASN J 146 -6.31 13.38 13.40
N HIS J 147 -7.49 13.15 12.83
CA HIS J 147 -8.07 14.11 11.89
C HIS J 147 -8.71 15.16 12.71
N ILE J 148 -8.77 16.41 12.13
CA ILE J 148 -9.42 17.49 12.89
C ILE J 148 -10.46 18.29 12.09
N THR K 2 -28.54 -21.46 25.36
CA THR K 2 -28.76 -20.12 24.73
C THR K 2 -29.84 -19.30 25.47
N LEU K 3 -29.96 -18.04 25.04
CA LEU K 3 -30.86 -17.07 25.64
C LEU K 3 -32.18 -17.00 24.86
N HIS K 4 -33.27 -16.54 25.50
CA HIS K 4 -34.56 -16.37 24.84
C HIS K 4 -34.81 -14.93 24.42
N LYS K 5 -35.80 -14.71 23.55
CA LYS K 5 -36.00 -13.41 22.88
C LYS K 5 -36.49 -12.25 23.76
N GLU K 6 -37.27 -12.57 24.78
CA GLU K 6 -37.84 -11.56 25.68
C GLU K 6 -37.04 -11.43 26.96
N ARG K 7 -36.47 -12.55 27.39
CA ARG K 7 -35.63 -12.64 28.59
C ARG K 7 -34.11 -12.62 28.28
N ARG K 8 -33.74 -11.78 27.31
CA ARG K 8 -32.35 -11.37 27.08
C ARG K 8 -31.99 -10.17 27.97
N ILE K 9 -31.41 -10.52 29.12
CA ILE K 9 -31.10 -9.66 30.25
C ILE K 9 -30.36 -8.42 29.86
N GLY K 10 -29.39 -8.60 28.99
CA GLY K 10 -28.52 -7.53 28.58
C GLY K 10 -29.32 -6.39 28.01
N ARG K 11 -30.09 -6.70 26.97
CA ARG K 11 -30.85 -5.70 26.22
C ARG K 11 -31.89 -4.99 27.09
N LEU K 12 -32.82 -5.77 27.63
CA LEU K 12 -33.81 -5.33 28.61
C LEU K 12 -33.21 -4.27 29.54
N SER K 13 -32.08 -4.61 30.14
CA SER K 13 -31.44 -3.71 31.09
C SER K 13 -30.95 -2.41 30.42
N VAL K 14 -30.48 -2.51 29.17
CA VAL K 14 -30.03 -1.32 28.46
C VAL K 14 -31.22 -0.49 28.03
N LEU K 15 -32.20 -1.20 27.45
CA LEU K 15 -33.45 -0.64 26.94
C LEU K 15 -34.15 0.14 28.05
N LEU K 16 -34.22 -0.47 29.24
CA LEU K 16 -34.78 0.17 30.45
C LEU K 16 -34.18 1.57 30.67
N LEU K 17 -32.87 1.63 30.66
CA LEU K 17 -32.14 2.89 30.77
C LEU K 17 -32.51 3.92 29.71
N LEU K 18 -32.88 3.46 28.53
CA LEU K 18 -32.95 4.35 27.37
C LEU K 18 -34.28 5.04 27.11
N ASN K 19 -35.37 4.46 27.63
CA ASN K 19 -36.65 5.15 27.62
C ASN K 19 -36.82 5.78 28.99
N GLU K 20 -36.80 7.11 29.03
CA GLU K 20 -37.04 7.88 30.26
C GLU K 20 -38.50 7.72 30.73
N ALA K 21 -39.25 6.88 30.01
CA ALA K 21 -40.65 6.58 30.31
C ALA K 21 -40.96 6.36 31.78
N GLN K 26 -42.24 -0.30 33.19
CA GLN K 26 -41.35 -1.41 32.69
C GLN K 26 -40.60 -2.12 33.83
N VAL K 27 -40.30 -1.36 34.90
CA VAL K 27 -39.67 -1.90 36.12
C VAL K 27 -40.55 -2.95 36.78
N GLU K 28 -41.81 -2.59 37.04
CA GLU K 28 -42.80 -3.55 37.52
C GLU K 28 -43.00 -4.66 36.50
N GLU K 29 -43.13 -4.30 35.23
CA GLU K 29 -43.29 -5.29 34.15
C GLU K 29 -42.19 -6.35 34.24
N LEU K 30 -40.97 -5.91 34.57
CA LEU K 30 -39.83 -6.79 34.79
C LEU K 30 -40.00 -7.68 36.01
N GLU K 31 -40.54 -7.12 37.08
CA GLU K 31 -40.65 -7.83 38.35
C GLU K 31 -41.73 -8.93 38.37
N ARG K 32 -42.88 -8.66 37.76
CA ARG K 32 -43.93 -9.71 37.56
C ARG K 32 -43.39 -10.94 36.80
N ASP K 33 -42.27 -10.76 36.10
CA ASP K 33 -41.62 -11.84 35.34
C ASP K 33 -40.64 -12.67 36.18
N GLY K 34 -40.02 -12.04 37.17
CA GLY K 34 -39.04 -12.75 38.00
C GLY K 34 -37.66 -12.11 37.97
N TRP K 35 -37.54 -10.97 37.30
CA TRP K 35 -36.31 -10.19 37.40
C TRP K 35 -36.29 -9.43 38.71
N LYS K 36 -35.13 -9.43 39.37
CA LYS K 36 -34.87 -8.50 40.49
C LYS K 36 -34.04 -7.33 39.97
N VAL K 37 -34.54 -6.12 40.14
CA VAL K 37 -33.96 -5.00 39.40
C VAL K 37 -33.85 -3.73 40.21
N CYS K 38 -33.07 -2.78 39.70
CA CYS K 38 -32.58 -1.63 40.43
C CYS K 38 -32.18 -0.57 39.40
N LEU K 39 -32.67 0.66 39.58
CA LEU K 39 -32.27 1.81 38.74
C LEU K 39 -31.58 2.91 39.55
N GLY K 40 -30.65 3.61 38.93
CA GLY K 40 -29.91 4.64 39.63
C GLY K 40 -29.34 5.69 38.73
N LYS K 41 -28.68 6.66 39.35
CA LYS K 41 -28.04 7.74 38.66
C LYS K 41 -26.80 8.06 39.48
N VAL K 42 -25.71 8.43 38.80
CA VAL K 42 -24.47 8.87 39.46
C VAL K 42 -23.58 9.68 38.55
N GLY K 43 -23.08 10.80 39.10
CA GLY K 43 -22.13 11.67 38.43
C GLY K 43 -20.84 11.74 39.24
N SER K 44 -19.70 11.75 38.53
CA SER K 44 -18.38 11.76 39.16
C SER K 44 -17.21 11.87 38.16
N MET K 45 -16.06 12.18 38.74
CA MET K 45 -14.74 12.21 38.12
C MET K 45 -13.87 11.11 38.76
N ASP K 46 -14.47 10.31 39.62
CA ASP K 46 -13.80 9.13 40.17
C ASP K 46 -14.53 7.86 39.82
N ALA K 47 -13.79 6.95 39.21
CA ALA K 47 -14.27 5.62 38.88
C ALA K 47 -14.85 4.89 40.11
N HIS K 48 -14.20 5.06 41.26
CA HIS K 48 -14.56 4.30 42.44
C HIS K 48 -15.94 4.65 42.93
N LYS K 49 -16.29 5.93 42.81
CA LYS K 49 -17.58 6.46 43.21
C LYS K 49 -18.74 5.79 42.49
N VAL K 50 -18.54 5.57 41.18
CA VAL K 50 -19.51 4.88 40.34
C VAL K 50 -19.80 3.46 40.88
N ILE K 51 -18.71 2.77 41.25
CA ILE K 51 -18.78 1.38 41.74
C ILE K 51 -19.57 1.32 43.05
N ALA K 52 -19.13 2.16 44.00
CA ALA K 52 -19.82 2.43 45.27
C ALA K 52 -21.32 2.69 45.11
N ALA K 53 -21.65 3.61 44.19
CA ALA K 53 -23.05 3.98 43.95
C ALA K 53 -23.84 2.74 43.65
N ILE K 54 -23.26 1.94 42.78
CA ILE K 54 -23.89 0.76 42.25
C ILE K 54 -23.94 -0.35 43.30
N GLU K 55 -22.85 -0.50 44.06
CA GLU K 55 -22.78 -1.54 45.10
C GLU K 55 -23.88 -1.31 46.16
N THR K 56 -23.90 -0.08 46.68
CA THR K 56 -24.90 0.46 47.60
C THR K 56 -26.36 0.25 47.14
N ALA K 57 -26.71 0.84 45.99
CA ALA K 57 -28.07 0.72 45.50
C ALA K 57 -28.43 -0.74 45.29
N SER K 58 -27.44 -1.57 45.03
CA SER K 58 -27.72 -2.97 44.70
C SER K 58 -27.96 -3.84 45.90
N LYS K 59 -27.38 -3.42 47.02
CA LYS K 59 -27.60 -4.05 48.31
C LYS K 59 -28.88 -3.52 48.97
N LYS K 60 -28.99 -2.17 49.06
CA LYS K 60 -30.17 -1.49 49.63
C LYS K 60 -31.48 -1.96 49.03
N SER K 61 -31.61 -1.95 47.71
CA SER K 61 -32.74 -2.66 47.08
C SER K 61 -32.23 -4.04 46.70
N GLY K 62 -32.83 -5.06 47.29
CA GLY K 62 -32.20 -6.39 47.42
C GLY K 62 -31.90 -7.19 46.17
N VAL K 63 -31.19 -6.55 45.22
CA VAL K 63 -30.69 -7.21 44.02
C VAL K 63 -29.66 -8.30 44.39
N ILE K 64 -28.79 -7.98 45.35
CA ILE K 64 -27.78 -8.91 45.86
C ILE K 64 -27.73 -8.88 47.40
N GLN K 65 -27.37 -10.01 48.03
CA GLN K 65 -27.17 -10.13 49.51
C GLN K 65 -26.22 -9.05 50.01
N SER K 66 -26.58 -8.40 51.11
CA SER K 66 -25.69 -7.47 51.82
C SER K 66 -24.61 -8.25 52.60
N GLU K 67 -24.97 -9.46 52.99
CA GLU K 67 -24.08 -10.30 53.78
C GLU K 67 -23.30 -11.23 52.86
N GLY K 68 -22.02 -11.42 53.17
CA GLY K 68 -21.22 -12.39 52.44
C GLY K 68 -20.47 -11.77 51.28
N TYR K 69 -19.64 -12.58 50.62
CA TYR K 69 -18.77 -12.06 49.59
C TYR K 69 -19.25 -12.44 48.21
N ARG K 70 -19.70 -13.70 48.07
CA ARG K 70 -20.12 -14.24 46.79
C ARG K 70 -20.83 -13.25 45.85
N GLU K 71 -21.98 -12.72 46.28
CA GLU K 71 -22.80 -11.88 45.41
C GLU K 71 -22.13 -10.52 45.18
N SER K 72 -21.26 -10.12 46.09
CA SER K 72 -20.51 -8.87 46.00
C SER K 72 -19.50 -9.00 44.90
N HIS K 73 -18.87 -10.18 44.84
CA HIS K 73 -17.77 -10.42 43.93
C HIS K 73 -18.25 -10.40 42.51
N ALA K 74 -19.43 -11.00 42.31
CA ALA K 74 -20.12 -11.02 41.03
C ALA K 74 -20.44 -9.62 40.59
N LEU K 75 -20.99 -8.82 41.51
CA LEU K 75 -21.35 -7.43 41.23
C LEU K 75 -20.14 -6.62 40.84
N TYR K 76 -19.02 -6.94 41.46
CA TYR K 76 -17.94 -6.04 41.34
C TYR K 76 -17.47 -6.21 39.89
N HIS K 77 -17.33 -7.48 39.49
CA HIS K 77 -16.78 -7.82 38.19
C HIS K 77 -17.68 -7.43 37.01
N ALA K 78 -19.00 -7.59 37.19
CA ALA K 78 -19.94 -7.08 36.20
C ALA K 78 -19.86 -5.54 36.05
N THR K 79 -19.53 -4.83 37.13
CA THR K 79 -19.40 -3.39 37.05
C THR K 79 -18.12 -3.10 36.34
N MET K 80 -17.08 -3.82 36.73
CA MET K 80 -15.75 -3.69 36.13
C MET K 80 -15.87 -3.75 34.60
N GLU K 81 -16.57 -4.76 34.12
CA GLU K 81 -16.81 -4.99 32.71
C GLU K 81 -17.52 -3.83 32.01
N ALA K 82 -18.67 -3.42 32.57
CA ALA K 82 -19.44 -2.30 32.07
C ALA K 82 -18.61 -1.02 31.96
N LEU K 83 -17.68 -0.82 32.86
CA LEU K 83 -16.86 0.39 32.83
C LEU K 83 -15.86 0.41 31.66
N HIS K 84 -15.56 -0.73 31.06
CA HIS K 84 -14.69 -0.71 29.88
C HIS K 84 -15.30 0.01 28.72
N GLY K 85 -16.58 -0.26 28.46
CA GLY K 85 -17.32 0.45 27.42
C GLY K 85 -17.32 1.96 27.62
N VAL K 86 -17.47 2.39 28.87
CA VAL K 86 -17.50 3.80 29.22
C VAL K 86 -16.14 4.36 29.02
N THR K 87 -15.14 3.60 29.46
CA THR K 87 -13.82 4.17 29.59
C THR K 87 -12.89 3.86 28.40
N ARG K 88 -13.24 2.85 27.58
CA ARG K 88 -12.58 2.61 26.27
C ARG K 88 -11.04 2.65 26.26
N GLY K 89 -10.40 1.94 27.20
CA GLY K 89 -8.94 1.73 27.11
C GLY K 89 -8.15 1.81 28.41
N GLU K 90 -8.31 2.95 29.08
CA GLU K 90 -7.78 3.22 30.38
C GLU K 90 -8.96 3.48 31.34
N MET K 91 -8.98 2.80 32.48
CA MET K 91 -10.17 2.85 33.34
C MET K 91 -10.14 4.00 34.33
N LEU K 92 -9.66 5.15 33.84
CA LEU K 92 -9.53 6.37 34.61
C LEU K 92 -10.61 7.39 34.18
N LEU K 93 -11.06 8.26 35.10
CA LEU K 93 -11.94 9.36 34.70
C LEU K 93 -11.19 10.64 34.98
N GLY K 94 -11.36 11.17 36.19
CA GLY K 94 -10.70 12.41 36.58
C GLY K 94 -9.21 12.35 36.38
N SER K 95 -8.60 11.21 36.68
CA SER K 95 -7.14 11.15 36.67
C SER K 95 -6.60 11.21 35.23
N LEU K 96 -7.54 11.16 34.29
CA LEU K 96 -7.26 11.38 32.88
C LEU K 96 -8.06 12.53 32.30
N LEU K 97 -8.39 13.50 33.16
CA LEU K 97 -9.06 14.76 32.79
C LEU K 97 -10.45 14.53 32.15
N ARG K 98 -11.30 13.77 32.81
CA ARG K 98 -12.64 13.60 32.29
C ARG K 98 -13.62 13.14 33.37
N THR K 99 -14.90 13.33 33.12
CA THR K 99 -15.93 13.12 34.14
C THR K 99 -17.23 12.56 33.52
N VAL K 100 -18.14 12.04 34.35
CA VAL K 100 -19.30 11.29 33.82
C VAL K 100 -20.66 11.60 34.47
N GLY K 101 -21.73 11.46 33.69
CA GLY K 101 -23.08 11.54 34.20
C GLY K 101 -23.74 10.27 33.70
N LEU K 102 -24.17 9.41 34.63
CA LEU K 102 -24.72 8.10 34.27
C LEU K 102 -25.96 7.73 35.07
N ARG K 103 -26.89 7.12 34.36
CA ARG K 103 -27.92 6.31 34.97
C ARG K 103 -27.35 4.90 34.94
N PHE K 104 -27.76 4.07 35.89
CA PHE K 104 -27.39 2.66 35.83
C PHE K 104 -28.55 1.76 36.14
N ALA K 105 -28.54 0.58 35.52
CA ALA K 105 -29.50 -0.43 35.85
C ALA K 105 -28.78 -1.70 36.20
N VAL K 106 -29.29 -2.40 37.22
CA VAL K 106 -28.75 -3.69 37.61
C VAL K 106 -29.85 -4.76 37.63
N LEU K 107 -29.69 -5.81 36.85
CA LEU K 107 -30.75 -6.82 36.69
C LEU K 107 -30.33 -8.24 37.15
N ARG K 108 -31.23 -8.99 37.77
CA ARG K 108 -30.88 -10.34 38.24
C ARG K 108 -31.98 -11.34 37.96
N GLY K 109 -31.59 -12.52 37.53
CA GLY K 109 -32.54 -13.61 37.22
C GLY K 109 -31.86 -14.55 36.25
N ASN K 110 -32.60 -15.52 35.72
CA ASN K 110 -31.99 -16.53 34.83
C ASN K 110 -32.44 -16.39 33.37
N PRO K 111 -31.53 -15.98 32.45
CA PRO K 111 -31.87 -15.79 31.02
C PRO K 111 -31.81 -17.08 30.17
N TYR K 112 -32.00 -18.21 30.82
CA TYR K 112 -31.85 -19.49 30.17
C TYR K 112 -33.06 -20.39 30.43
N GLU K 113 -33.42 -21.19 29.41
CA GLU K 113 -34.38 -22.29 29.55
C GLU K 113 -33.95 -23.18 30.70
N SER K 114 -32.71 -23.64 30.60
CA SER K 114 -32.03 -24.48 31.57
C SER K 114 -32.06 -23.73 32.90
N GLU K 115 -32.76 -24.25 33.91
CA GLU K 115 -32.94 -23.47 35.14
C GLU K 115 -31.80 -23.76 36.09
N ALA K 116 -31.03 -24.81 35.78
CA ALA K 116 -29.77 -25.09 36.48
C ALA K 116 -28.63 -24.08 36.18
N GLU K 117 -28.89 -23.06 35.35
CA GLU K 117 -27.88 -22.01 35.13
C GLU K 117 -27.75 -21.08 36.35
N GLY K 118 -28.76 -21.10 37.20
CA GLY K 118 -28.82 -20.24 38.38
C GLY K 118 -29.07 -18.82 37.93
N ASP K 119 -28.87 -17.88 38.85
CA ASP K 119 -29.00 -16.45 38.57
C ASP K 119 -27.76 -15.92 37.88
N TRP K 120 -27.99 -14.89 37.07
CA TRP K 120 -26.98 -14.14 36.36
C TRP K 120 -27.27 -12.74 36.67
N ILE K 121 -26.34 -11.85 36.33
CA ILE K 121 -26.49 -10.44 36.67
C ILE K 121 -26.01 -9.53 35.52
N ALA K 122 -26.76 -8.46 35.29
CA ALA K 122 -26.37 -7.46 34.29
C ALA K 122 -26.29 -6.09 34.94
N VAL K 123 -25.31 -5.30 34.48
CA VAL K 123 -25.09 -3.96 34.94
C VAL K 123 -24.98 -3.18 33.66
N SER K 124 -25.90 -2.24 33.44
CA SER K 124 -25.89 -1.36 32.28
C SER K 124 -25.70 0.08 32.70
N LEU K 125 -24.78 0.79 32.03
CA LEU K 125 -24.48 2.21 32.31
C LEU K 125 -24.64 3.07 31.09
N TYR K 126 -25.32 4.20 31.25
CA TYR K 126 -25.52 5.19 30.19
C TYR K 126 -25.55 6.59 30.76
N GLY K 127 -24.92 7.52 30.06
CA GLY K 127 -24.86 8.91 30.46
C GLY K 127 -24.01 9.56 29.40
N THR K 128 -23.15 10.49 29.81
CA THR K 128 -22.18 11.12 28.92
C THR K 128 -20.79 11.14 29.55
N ILE K 129 -19.84 11.57 28.74
CA ILE K 129 -18.46 11.70 29.14
C ILE K 129 -17.84 12.84 28.35
N GLY K 130 -16.98 13.59 29.01
CA GLY K 130 -16.28 14.67 28.40
C GLY K 130 -15.50 15.33 29.50
N ALA K 131 -14.99 16.53 29.21
CA ALA K 131 -14.23 17.38 30.13
C ALA K 131 -15.01 17.82 31.38
N PRO K 132 -14.27 18.27 32.44
CA PRO K 132 -14.91 18.90 33.61
C PRO K 132 -15.76 20.15 33.26
N ILE K 133 -15.31 20.91 32.26
CA ILE K 133 -15.99 22.08 31.68
C ILE K 133 -17.44 21.86 31.21
N LYS K 134 -18.21 22.94 31.18
CA LYS K 134 -19.65 22.89 30.97
C LYS K 134 -20.20 21.81 30.03
N GLY K 135 -19.90 21.94 28.74
CA GLY K 135 -20.61 21.24 27.67
C GLY K 135 -19.76 20.50 26.65
N LEU K 136 -18.51 20.21 27.01
CA LEU K 136 -17.65 19.35 26.21
C LEU K 136 -17.86 17.87 26.59
N GLU K 137 -18.69 17.19 25.82
CA GLU K 137 -19.11 15.83 26.11
C GLU K 137 -19.77 15.19 24.89
N HIS K 138 -19.48 13.90 24.65
CA HIS K 138 -20.32 13.04 23.79
C HIS K 138 -20.93 11.99 24.68
N GLU K 139 -21.76 11.12 24.13
CA GLU K 139 -22.38 10.05 24.94
C GLU K 139 -21.36 8.94 25.31
N THR K 140 -21.78 8.03 26.19
CA THR K 140 -20.94 6.94 26.69
C THR K 140 -21.91 5.81 27.05
N PHE K 141 -21.37 4.59 27.20
CA PHE K 141 -22.15 3.35 27.30
C PHE K 141 -21.33 2.23 27.93
N GLY K 142 -22.03 1.18 28.40
CA GLY K 142 -21.33 0.06 29.04
C GLY K 142 -22.20 -1.01 29.66
N VAL K 143 -22.01 -2.25 29.24
CA VAL K 143 -22.77 -3.36 29.78
C VAL K 143 -21.84 -4.45 30.26
N GLY K 144 -22.01 -4.89 31.51
CA GLY K 144 -21.29 -6.05 32.05
C GLY K 144 -22.19 -7.22 32.43
N ILE K 145 -21.75 -8.44 32.14
CA ILE K 145 -22.55 -9.62 32.49
C ILE K 145 -21.77 -10.66 33.29
N ASN K 146 -22.30 -10.98 34.49
CA ASN K 146 -21.70 -12.02 35.32
C ASN K 146 -22.70 -13.04 35.88
N HIS K 147 -22.20 -14.22 36.25
CA HIS K 147 -23.01 -15.13 37.02
C HIS K 147 -23.07 -14.62 38.42
N ILE K 148 -24.23 -14.95 39.13
CA ILE K 148 -24.40 -14.26 40.41
C ILE K 148 -24.70 -15.25 41.54
N THR L 2 20.47 -21.94 30.41
CA THR L 2 19.15 -22.60 30.68
C THR L 2 18.80 -22.48 32.17
N LEU L 3 17.51 -22.62 32.49
CA LEU L 3 17.04 -22.67 33.87
C LEU L 3 17.36 -24.06 34.46
N HIS L 4 18.05 -24.09 35.59
CA HIS L 4 18.42 -25.36 36.27
C HIS L 4 17.56 -25.63 37.46
N LYS L 5 16.83 -26.76 37.39
CA LYS L 5 15.75 -27.16 38.31
C LYS L 5 16.08 -27.03 39.81
N GLU L 6 17.37 -27.05 40.13
CA GLU L 6 17.82 -26.88 41.50
C GLU L 6 17.88 -25.40 41.88
N ARG L 7 17.69 -24.53 40.90
CA ARG L 7 17.75 -23.09 41.14
C ARG L 7 16.82 -22.24 40.26
N ARG L 8 15.52 -22.46 40.39
CA ARG L 8 14.51 -21.64 39.67
C ARG L 8 14.10 -20.46 40.55
N ILE L 9 14.57 -19.27 40.17
CA ILE L 9 14.47 -18.08 41.01
C ILE L 9 13.00 -17.71 41.32
N GLY L 10 12.15 -17.86 40.33
CA GLY L 10 10.74 -17.60 40.51
C GLY L 10 10.20 -18.59 41.52
N ARG L 11 10.34 -19.87 41.19
CA ARG L 11 9.91 -20.97 42.08
C ARG L 11 10.38 -20.77 43.51
N LEU L 12 11.65 -20.44 43.69
CA LEU L 12 12.16 -20.31 45.03
C LEU L 12 11.45 -19.18 45.77
N SER L 13 11.33 -18.00 45.12
CA SER L 13 10.75 -16.82 45.75
C SER L 13 9.29 -17.05 46.12
N VAL L 14 8.58 -17.78 45.28
CA VAL L 14 7.20 -18.10 45.55
C VAL L 14 7.06 -19.09 46.73
N LEU L 15 7.91 -20.14 46.76
CA LEU L 15 7.94 -21.08 47.89
C LEU L 15 8.23 -20.42 49.25
N LEU L 16 9.27 -19.58 49.27
CA LEU L 16 9.70 -18.86 50.45
C LEU L 16 8.56 -18.03 51.02
N LEU L 17 7.99 -17.23 50.13
CA LEU L 17 6.85 -16.38 50.40
C LEU L 17 5.63 -17.17 50.89
N LEU L 18 5.44 -18.38 50.39
CA LEU L 18 4.28 -19.17 50.76
C LEU L 18 4.37 -19.94 52.08
N ASN L 19 5.58 -20.05 52.63
CA ASN L 19 5.83 -20.83 53.85
C ASN L 19 6.00 -19.99 55.10
N GLU L 20 5.90 -20.66 56.26
CA GLU L 20 6.14 -20.05 57.57
C GLU L 20 6.96 -20.93 58.52
N GLN L 26 12.20 -17.57 57.26
CA GLN L 26 12.36 -17.46 58.71
C GLN L 26 13.68 -18.16 59.02
N VAL L 27 13.93 -19.16 58.15
CA VAL L 27 15.20 -19.79 58.01
C VAL L 27 15.62 -19.24 56.64
N GLU L 28 16.91 -18.89 56.52
CA GLU L 28 17.42 -18.14 55.37
C GLU L 28 17.96 -19.03 54.24
N GLU L 29 19.17 -19.55 54.47
CA GLU L 29 19.70 -20.64 53.66
C GLU L 29 19.33 -20.56 52.19
N LEU L 30 19.07 -19.35 51.73
CA LEU L 30 18.87 -19.06 50.33
C LEU L 30 19.92 -18.00 50.20
N GLU L 31 20.19 -17.43 51.35
CA GLU L 31 21.36 -16.60 51.60
C GLU L 31 22.63 -17.43 51.55
N ARG L 32 22.49 -18.72 51.90
CA ARG L 32 23.59 -19.69 51.86
C ARG L 32 24.15 -19.96 50.44
N ASP L 33 23.28 -19.97 49.44
CA ASP L 33 23.75 -19.84 48.05
C ASP L 33 23.94 -18.36 47.79
N GLY L 34 23.97 -17.97 46.52
CA GLY L 34 24.27 -16.59 46.17
C GLY L 34 23.13 -15.61 46.22
N TRP L 35 21.97 -16.01 46.75
CA TRP L 35 20.76 -15.17 46.67
C TRP L 35 20.76 -14.07 47.65
N LYS L 36 20.46 -12.89 47.15
CA LYS L 36 20.11 -11.82 48.03
C LYS L 36 18.61 -11.84 48.08
N VAL L 37 18.04 -11.52 49.24
CA VAL L 37 16.65 -11.80 49.54
C VAL L 37 16.08 -10.73 50.47
N CYS L 38 14.80 -10.38 50.32
CA CYS L 38 14.03 -9.84 51.45
C CYS L 38 12.57 -10.16 51.32
N LEU L 39 11.88 -10.07 52.45
CA LEU L 39 10.47 -10.35 52.54
C LEU L 39 9.88 -9.11 53.09
N GLY L 40 8.57 -8.94 52.90
CA GLY L 40 7.92 -7.77 53.44
C GLY L 40 6.46 -8.03 53.59
N LYS L 41 5.78 -7.09 54.22
CA LYS L 41 4.35 -7.00 54.31
C LYS L 41 4.01 -5.58 53.90
N VAL L 42 2.90 -5.42 53.18
CA VAL L 42 2.36 -4.11 52.90
C VAL L 42 0.88 -4.19 52.60
N GLY L 43 0.12 -3.30 53.23
CA GLY L 43 -1.29 -3.11 52.94
C GLY L 43 -1.55 -1.71 52.40
N SER L 44 -2.19 -1.62 51.24
CA SER L 44 -2.53 -0.33 50.72
C SER L 44 -3.75 -0.35 49.81
N MET L 45 -4.31 0.82 49.61
CA MET L 45 -5.25 1.06 48.55
C MET L 45 -4.55 1.90 47.45
N ASP L 46 -3.24 2.05 47.59
CA ASP L 46 -2.48 2.78 46.62
C ASP L 46 -1.38 1.91 46.04
N ALA L 47 -1.52 1.58 44.76
CA ALA L 47 -0.45 0.95 44.01
C ALA L 47 0.95 1.57 44.15
N HIS L 48 1.07 2.92 44.19
CA HIS L 48 2.43 3.54 44.32
C HIS L 48 3.11 3.22 45.64
N LYS L 49 2.31 3.17 46.71
CA LYS L 49 2.74 2.73 48.06
C LYS L 49 3.35 1.33 48.06
N VAL L 50 2.69 0.39 47.36
CA VAL L 50 3.16 -0.98 47.16
C VAL L 50 4.52 -1.01 46.46
N ILE L 51 4.64 -0.27 45.35
CA ILE L 51 5.91 -0.10 44.62
C ILE L 51 7.03 0.43 45.55
N ALA L 52 6.71 1.51 46.27
CA ALA L 52 7.63 2.17 47.22
C ALA L 52 8.12 1.23 48.33
N ALA L 53 7.19 0.54 49.02
CA ALA L 53 7.52 -0.50 50.01
C ALA L 53 8.60 -1.51 49.50
N ILE L 54 8.28 -2.19 48.41
CA ILE L 54 9.19 -3.11 47.74
C ILE L 54 10.50 -2.42 47.31
N GLU L 55 10.44 -1.18 46.85
CA GLU L 55 11.71 -0.53 46.52
C GLU L 55 12.49 -0.32 47.81
N THR L 56 11.80 0.17 48.83
CA THR L 56 12.45 0.59 50.07
C THR L 56 13.04 -0.64 50.72
N ALA L 57 12.28 -1.72 50.75
CA ALA L 57 12.66 -2.89 51.49
C ALA L 57 13.87 -3.56 50.82
N SER L 58 13.95 -3.50 49.49
CA SER L 58 15.10 -4.03 48.72
C SER L 58 16.29 -3.13 48.84
N LYS L 59 16.07 -1.85 49.08
CA LYS L 59 17.19 -0.97 49.32
C LYS L 59 17.69 -0.96 50.77
N LYS L 60 16.77 -1.04 51.75
CA LYS L 60 17.19 -1.07 53.17
C LYS L 60 17.87 -2.41 53.55
N SER L 61 17.82 -3.42 52.68
CA SER L 61 18.79 -4.53 52.75
C SER L 61 19.68 -4.36 51.54
N GLY L 62 20.56 -5.31 51.25
CA GLY L 62 21.47 -5.05 50.17
C GLY L 62 21.07 -5.80 48.93
N VAL L 63 19.77 -5.78 48.63
CA VAL L 63 19.24 -6.52 47.47
C VAL L 63 19.54 -5.78 46.18
N ILE L 64 19.23 -4.49 46.15
CA ILE L 64 19.69 -3.63 45.05
C ILE L 64 20.39 -2.37 45.61
N GLN L 65 21.36 -1.82 44.88
CA GLN L 65 22.12 -0.70 45.43
C GLN L 65 21.27 0.57 45.54
N SER L 66 21.56 1.40 46.55
CA SER L 66 20.72 2.56 46.72
C SER L 66 21.23 3.64 45.81
N GLU L 67 22.39 3.40 45.21
CA GLU L 67 23.07 4.37 44.34
C GLU L 67 22.87 4.02 42.84
N GLY L 68 22.55 5.02 42.01
CA GLY L 68 22.50 4.81 40.56
C GLY L 68 21.10 4.43 40.04
N TYR L 69 20.95 4.23 38.73
CA TYR L 69 19.61 4.07 38.20
C TYR L 69 19.32 2.62 37.79
N ARG L 70 20.35 1.96 37.27
CA ARG L 70 20.25 0.62 36.71
C ARG L 70 19.41 -0.36 37.54
N GLU L 71 19.85 -0.59 38.79
CA GLU L 71 19.27 -1.64 39.63
C GLU L 71 17.88 -1.20 40.12
N SER L 72 17.70 0.11 40.23
CA SER L 72 16.41 0.66 40.59
C SER L 72 15.42 0.39 39.45
N HIS L 73 15.93 0.43 38.22
CA HIS L 73 15.15 0.33 37.00
C HIS L 73 14.62 -1.06 36.79
N ALA L 74 15.51 -2.05 36.88
CA ALA L 74 15.19 -3.48 36.85
C ALA L 74 14.12 -3.89 37.88
N LEU L 75 14.34 -3.51 39.14
CA LEU L 75 13.37 -3.77 40.21
C LEU L 75 12.04 -3.04 39.97
N TYR L 76 12.11 -1.79 39.47
CA TYR L 76 10.90 -1.05 39.16
C TYR L 76 10.04 -1.97 38.25
N HIS L 77 10.67 -2.41 37.14
CA HIS L 77 10.00 -3.11 36.07
C HIS L 77 9.46 -4.49 36.47
N ALA L 78 10.26 -5.22 37.26
CA ALA L 78 9.89 -6.50 37.85
C ALA L 78 8.68 -6.31 38.72
N THR L 79 8.66 -5.24 39.48
CA THR L 79 7.49 -4.96 40.32
C THR L 79 6.26 -4.63 39.44
N MET L 80 6.46 -3.82 38.41
CA MET L 80 5.36 -3.54 37.49
C MET L 80 4.78 -4.85 36.93
N GLU L 81 5.66 -5.71 36.42
CA GLU L 81 5.25 -7.05 35.95
C GLU L 81 4.51 -7.87 37.00
N ALA L 82 5.11 -7.97 38.20
CA ALA L 82 4.49 -8.60 39.32
C ALA L 82 3.12 -8.03 39.63
N LEU L 83 2.93 -6.73 39.46
CA LEU L 83 1.66 -6.10 39.84
C LEU L 83 0.51 -6.50 38.84
N HIS L 84 0.94 -6.89 37.65
CA HIS L 84 0.02 -7.42 36.65
C HIS L 84 -0.77 -8.60 37.10
N GLY L 85 -0.07 -9.56 37.72
CA GLY L 85 -0.68 -10.79 38.21
C GLY L 85 -1.66 -10.44 39.30
N VAL L 86 -1.26 -9.48 40.14
CA VAL L 86 -2.09 -8.96 41.20
C VAL L 86 -3.34 -8.20 40.67
N THR L 87 -3.15 -7.29 39.73
CA THR L 87 -4.20 -6.35 39.35
C THR L 87 -5.05 -6.76 38.15
N ARG L 88 -4.57 -7.74 37.37
CA ARG L 88 -5.34 -8.34 36.26
C ARG L 88 -6.09 -7.37 35.33
N GLY L 89 -5.35 -6.39 34.81
CA GLY L 89 -5.85 -5.61 33.67
C GLY L 89 -5.75 -4.11 33.81
N GLU L 90 -6.24 -3.61 34.94
CA GLU L 90 -6.01 -2.23 35.31
C GLU L 90 -5.10 -2.17 36.57
N MET L 91 -4.00 -1.46 36.52
CA MET L 91 -3.09 -1.38 37.65
C MET L 91 -3.57 -0.33 38.66
N LEU L 92 -4.83 -0.52 39.08
CA LEU L 92 -5.52 0.40 39.96
C LEU L 92 -6.13 -0.35 41.16
N LEU L 93 -6.02 0.29 42.32
CA LEU L 93 -6.51 -0.27 43.58
C LEU L 93 -7.66 0.45 44.24
N GLY L 94 -7.37 1.51 45.00
CA GLY L 94 -8.39 2.28 45.71
C GLY L 94 -9.20 3.05 44.68
N SER L 95 -8.44 3.60 43.71
CA SER L 95 -8.99 4.14 42.46
C SER L 95 -10.03 3.29 41.72
N LEU L 96 -10.00 1.97 41.91
CA LEU L 96 -11.10 1.13 41.41
C LEU L 96 -11.82 0.46 42.55
N LEU L 97 -11.76 1.10 43.73
CA LEU L 97 -12.43 0.63 44.95
C LEU L 97 -11.97 -0.74 45.40
N ARG L 98 -10.66 -0.95 45.47
CA ARG L 98 -10.16 -2.20 46.03
C ARG L 98 -8.83 -2.03 46.73
N THR L 99 -8.60 -2.94 47.67
CA THR L 99 -7.42 -2.84 48.52
C THR L 99 -6.63 -4.14 48.57
N VAL L 100 -5.33 -4.06 48.88
CA VAL L 100 -4.51 -5.28 48.98
C VAL L 100 -3.95 -5.47 50.36
N GLY L 101 -3.95 -6.73 50.81
CA GLY L 101 -3.07 -7.15 51.90
C GLY L 101 -1.99 -8.07 51.35
N LEU L 102 -0.77 -7.57 51.16
CA LEU L 102 0.23 -8.43 50.58
C LEU L 102 1.44 -8.74 51.45
N ARG L 103 2.01 -9.92 51.25
CA ARG L 103 3.43 -10.14 51.52
C ARG L 103 4.20 -10.18 50.21
N PHE L 104 5.50 -10.05 50.32
CA PHE L 104 6.35 -10.07 49.14
C PHE L 104 7.76 -10.50 49.51
N ALA L 105 8.44 -11.02 48.51
CA ALA L 105 9.78 -11.48 48.60
C ALA L 105 10.42 -11.02 47.33
N VAL L 106 11.66 -10.56 47.42
CA VAL L 106 12.47 -10.23 46.25
C VAL L 106 13.77 -11.06 46.26
N LEU L 107 14.12 -11.72 45.16
CA LEU L 107 15.32 -12.52 45.07
C LEU L 107 16.13 -12.02 43.93
N ARG L 108 17.44 -12.05 44.10
CA ARG L 108 18.40 -11.65 43.10
C ARG L 108 19.52 -12.67 43.07
N GLY L 109 19.85 -13.21 41.89
CA GLY L 109 20.98 -14.12 41.73
C GLY L 109 21.05 -14.59 40.29
N ASN L 110 22.07 -15.38 39.94
CA ASN L 110 22.12 -15.99 38.62
C ASN L 110 21.45 -17.35 38.62
N PRO L 111 20.26 -17.44 37.99
CA PRO L 111 19.53 -18.69 37.93
C PRO L 111 19.93 -19.54 36.73
N TYR L 112 20.84 -19.06 35.91
CA TYR L 112 21.23 -19.81 34.73
C TYR L 112 22.52 -20.57 35.00
N GLU L 113 22.74 -21.67 34.28
CA GLU L 113 23.95 -22.47 34.42
C GLU L 113 25.17 -21.63 34.06
N SER L 114 25.13 -21.05 32.86
CA SER L 114 26.18 -20.16 32.37
C SER L 114 26.25 -18.89 33.21
N GLU L 115 27.38 -18.70 33.90
CA GLU L 115 27.54 -17.53 34.75
C GLU L 115 27.51 -16.21 33.93
N ALA L 116 27.50 -16.31 32.60
CA ALA L 116 27.49 -15.11 31.71
C ALA L 116 26.18 -14.31 31.80
N GLU L 117 25.17 -14.94 32.37
CA GLU L 117 23.82 -14.44 32.37
C GLU L 117 23.63 -13.33 33.37
N GLY L 118 24.51 -13.35 34.37
CA GLY L 118 24.60 -12.29 35.36
C GLY L 118 23.45 -12.38 36.31
N ASP L 119 23.23 -11.32 37.08
CA ASP L 119 22.19 -11.34 38.07
C ASP L 119 20.83 -11.06 37.46
N TRP L 120 19.84 -11.82 37.92
CA TRP L 120 18.44 -11.62 37.63
C TRP L 120 17.68 -11.31 38.88
N ILE L 121 16.56 -10.60 38.76
CA ILE L 121 15.71 -10.30 39.91
C ILE L 121 14.27 -10.85 39.76
N ALA L 122 13.64 -11.19 40.89
CA ALA L 122 12.28 -11.71 40.91
C ALA L 122 11.48 -11.02 41.96
N VAL L 123 10.31 -10.54 41.60
CA VAL L 123 9.44 -9.98 42.61
C VAL L 123 8.22 -10.88 42.71
N SER L 124 7.91 -11.36 43.91
CA SER L 124 6.74 -12.20 44.14
C SER L 124 5.81 -11.46 45.07
N LEU L 125 4.51 -11.50 44.78
CA LEU L 125 3.49 -10.93 45.66
C LEU L 125 2.36 -11.92 46.00
N TYR L 126 2.02 -12.07 47.28
CA TYR L 126 0.97 -12.98 47.69
C TYR L 126 0.17 -12.32 48.78
N GLY L 127 -1.13 -12.54 48.80
CA GLY L 127 -1.93 -11.94 49.83
C GLY L 127 -3.38 -11.88 49.40
N THR L 128 -4.07 -10.83 49.81
CA THR L 128 -5.47 -10.70 49.47
C THR L 128 -5.74 -9.45 48.66
N ILE L 129 -6.83 -9.50 47.92
CA ILE L 129 -7.36 -8.31 47.26
C ILE L 129 -8.85 -8.39 47.48
N GLY L 130 -9.43 -7.26 47.89
CA GLY L 130 -10.86 -7.24 48.16
C GLY L 130 -11.33 -5.84 48.39
N ALA L 131 -12.54 -5.77 48.93
CA ALA L 131 -13.21 -4.50 49.27
C ALA L 131 -12.49 -3.83 50.43
N PRO L 132 -12.65 -2.50 50.61
CA PRO L 132 -11.99 -1.85 51.76
C PRO L 132 -12.24 -2.47 53.16
N ILE L 133 -13.34 -3.20 53.35
CA ILE L 133 -13.59 -4.00 54.55
C ILE L 133 -12.85 -5.33 54.48
N LYS L 134 -12.14 -5.70 55.55
CA LYS L 134 -11.55 -7.05 55.63
C LYS L 134 -12.65 -8.14 55.61
N GLY L 135 -12.35 -9.30 54.99
CA GLY L 135 -13.28 -10.46 54.89
C GLY L 135 -13.96 -10.64 53.53
N LEU L 136 -14.35 -9.50 52.95
CA LEU L 136 -14.76 -9.39 51.55
C LEU L 136 -13.50 -9.23 50.67
N GLU L 137 -12.85 -10.37 50.40
CA GLU L 137 -11.56 -10.42 49.67
C GLU L 137 -11.24 -11.83 49.19
N HIS L 138 -10.44 -11.94 48.15
CA HIS L 138 -9.88 -13.24 47.80
C HIS L 138 -8.41 -13.11 47.65
N GLU L 139 -7.73 -14.23 47.40
CA GLU L 139 -6.25 -14.22 47.24
C GLU L 139 -5.83 -13.53 45.96
N THR L 140 -4.56 -13.17 45.87
CA THR L 140 -3.98 -12.47 44.72
C THR L 140 -2.51 -12.80 44.77
N PHE L 141 -1.89 -12.82 43.60
CA PHE L 141 -0.57 -13.33 43.27
C PHE L 141 0.00 -12.60 42.07
N GLY L 142 1.23 -12.10 42.19
CA GLY L 142 1.96 -11.58 41.01
C GLY L 142 3.43 -11.98 41.11
N VAL L 143 4.07 -12.35 40.00
CA VAL L 143 5.50 -12.65 39.97
C VAL L 143 6.18 -11.98 38.80
N GLY L 144 7.15 -11.12 39.06
CA GLY L 144 7.85 -10.50 37.95
C GLY L 144 9.31 -10.89 37.90
N ILE L 145 9.79 -11.19 36.71
CA ILE L 145 11.18 -11.58 36.54
C ILE L 145 11.87 -10.73 35.49
N ASN L 146 12.98 -10.07 35.88
CA ASN L 146 13.83 -9.22 34.97
C ASN L 146 15.34 -9.42 35.17
N HIS L 147 16.14 -9.15 34.15
CA HIS L 147 17.61 -9.20 34.26
C HIS L 147 18.10 -7.98 34.98
N ILE L 148 19.28 -7.97 35.60
CA ILE L 148 19.71 -6.90 36.51
C ILE L 148 21.23 -6.73 36.45
#